data_2JW1
#
_entry.id   2JW1
#
_cell.length_a   1.000
_cell.length_b   1.000
_cell.length_c   1.000
_cell.angle_alpha   90.00
_cell.angle_beta   90.00
_cell.angle_gamma   90.00
#
_symmetry.space_group_name_H-M   'P 1'
#
loop_
_entity.id
_entity.type
_entity.pdbx_description
1 polymer 'Lipoprotein mxiM'
2 polymer 'Outer membrane protein mxiD'
#
loop_
_entity_poly.entity_id
_entity_poly.type
_entity_poly.pdbx_seq_one_letter_code
_entity_poly.pdbx_strand_id
1 'polypeptide(L)'
;SSSNSEKEWHIVPVSKDYFSIPNDLLWSFNTTNKSINVYSKCISGKAVYSFNAGKFMGNFNVKEVDGCFMDAQKIAIDKL
FSMLKDGVVLKGNKINDTILIEKDGEVKLKLIRGI
;
A
2 'polypeptide(L)' (ACE)SETTLLEDEKSLVSYLNY B
#
loop_
_chem_comp.id
_chem_comp.type
_chem_comp.name
_chem_comp.formula
ACE non-polymer 'ACETYL GROUP' 'C2 H4 O'
#
# COMPACT_ATOMS: atom_id res chain seq x y z
N SER A 1 -15.92 -3.50 -13.13
CA SER A 1 -14.75 -4.18 -12.52
C SER A 1 -13.84 -3.15 -11.84
N SER A 2 -13.49 -2.09 -12.55
CA SER A 2 -12.58 -1.09 -12.03
C SER A 2 -13.33 0.08 -11.40
N SER A 3 -13.89 -0.15 -10.21
CA SER A 3 -14.53 0.91 -9.44
C SER A 3 -15.04 0.38 -8.11
N ASN A 4 -14.11 0.08 -7.21
CA ASN A 4 -14.47 -0.36 -5.86
C ASN A 4 -13.32 -0.06 -4.91
N SER A 5 -13.43 1.07 -4.23
CA SER A 5 -12.39 1.51 -3.31
C SER A 5 -12.99 1.71 -1.91
N GLU A 6 -12.49 2.72 -1.20
CA GLU A 6 -12.89 3.05 0.15
C GLU A 6 -12.90 1.81 1.03
N LYS A 7 -11.93 0.96 0.79
CA LYS A 7 -11.79 -0.29 1.48
C LYS A 7 -10.55 -0.26 2.37
N GLU A 8 -10.78 -0.20 3.67
CA GLU A 8 -9.72 0.01 4.64
C GLU A 8 -8.74 -1.15 4.69
N TRP A 9 -7.58 -0.97 4.08
CA TRP A 9 -6.48 -1.89 4.25
C TRP A 9 -5.56 -1.36 5.34
N HIS A 10 -5.61 -1.96 6.52
CA HIS A 10 -4.72 -1.55 7.59
C HIS A 10 -3.29 -1.98 7.27
N ILE A 11 -2.41 -1.01 7.08
CA ILE A 11 -1.05 -1.30 6.65
C ILE A 11 -0.25 -1.92 7.79
N VAL A 12 0.56 -2.91 7.43
CA VAL A 12 1.36 -3.65 8.38
C VAL A 12 2.84 -3.53 8.05
N PRO A 13 3.69 -3.21 9.03
CA PRO A 13 5.13 -3.19 8.84
C PRO A 13 5.73 -4.58 9.01
N VAL A 14 6.38 -5.07 7.96
CA VAL A 14 7.01 -6.38 8.01
C VAL A 14 8.50 -6.26 8.32
N SER A 15 9.17 -5.41 7.57
CA SER A 15 10.61 -5.25 7.70
C SER A 15 10.96 -4.35 8.87
N LYS A 16 12.18 -4.53 9.37
CA LYS A 16 12.61 -3.99 10.64
C LYS A 16 12.71 -2.48 10.59
N ASP A 17 12.95 -1.94 9.41
CA ASP A 17 13.12 -0.51 9.22
C ASP A 17 11.77 0.19 9.27
N TYR A 18 10.69 -0.57 9.10
CA TYR A 18 9.35 -0.02 9.08
C TYR A 18 8.63 -0.28 10.39
N PHE A 19 9.35 -0.80 11.37
CA PHE A 19 8.74 -1.07 12.68
C PHE A 19 8.27 0.23 13.35
N SER A 20 8.68 1.37 12.82
CA SER A 20 8.33 2.64 13.40
C SER A 20 7.08 3.24 12.75
N ILE A 21 6.47 2.55 11.78
CA ILE A 21 5.28 3.05 11.08
C ILE A 21 4.20 3.43 12.10
N PRO A 22 3.52 4.58 11.87
CA PRO A 22 2.58 5.21 12.82
C PRO A 22 1.48 4.35 13.42
N ASN A 23 0.65 5.02 14.22
CA ASN A 23 -0.49 4.43 14.91
C ASN A 23 -1.24 3.43 14.03
N ASP A 24 -1.60 3.88 12.83
CA ASP A 24 -2.38 3.07 11.91
C ASP A 24 -2.73 3.88 10.67
N LEU A 25 -2.22 3.45 9.54
CA LEU A 25 -2.51 4.09 8.28
C LEU A 25 -3.54 3.30 7.50
N LEU A 26 -4.50 3.99 6.91
CA LEU A 26 -5.51 3.32 6.11
C LEU A 26 -5.14 3.44 4.64
N TRP A 27 -4.90 2.29 4.03
CA TRP A 27 -4.60 2.22 2.62
C TRP A 27 -5.86 1.81 1.86
N SER A 28 -6.14 2.50 0.78
CA SER A 28 -7.23 2.12 -0.09
C SER A 28 -6.86 2.46 -1.53
N PHE A 29 -6.71 1.43 -2.36
CA PHE A 29 -6.52 1.68 -3.77
C PHE A 29 -7.80 2.24 -4.34
N ASN A 30 -7.76 3.43 -4.88
CA ASN A 30 -8.94 3.98 -5.52
C ASN A 30 -8.98 3.46 -6.93
N THR A 31 -9.75 2.42 -7.14
CA THR A 31 -9.82 1.76 -8.43
C THR A 31 -10.91 2.37 -9.28
N THR A 32 -11.67 3.27 -8.67
CA THR A 32 -12.78 3.92 -9.31
C THR A 32 -12.28 5.11 -10.15
N ASN A 33 -11.29 5.82 -9.61
CA ASN A 33 -10.63 6.90 -10.34
C ASN A 33 -9.23 6.47 -10.72
N LYS A 34 -8.88 5.28 -10.24
CA LYS A 34 -7.55 4.67 -10.42
C LYS A 34 -6.45 5.58 -9.90
N SER A 35 -6.37 5.66 -8.58
CA SER A 35 -5.38 6.47 -7.87
C SER A 35 -5.11 5.82 -6.52
N ILE A 36 -3.94 6.03 -5.94
CA ILE A 36 -3.68 5.50 -4.61
C ILE A 36 -4.23 6.47 -3.57
N ASN A 37 -4.99 5.97 -2.63
CA ASN A 37 -5.49 6.79 -1.55
C ASN A 37 -5.00 6.24 -0.21
N VAL A 38 -4.15 6.99 0.45
CA VAL A 38 -3.62 6.57 1.73
C VAL A 38 -3.90 7.66 2.76
N TYR A 39 -4.71 7.34 3.73
CA TYR A 39 -5.13 8.32 4.72
C TYR A 39 -5.24 7.70 6.09
N SER A 40 -5.05 8.52 7.09
CA SER A 40 -5.17 8.11 8.47
C SER A 40 -5.64 9.28 9.30
N LYS A 41 -5.59 9.11 10.62
CA LYS A 41 -5.96 10.16 11.55
C LYS A 41 -5.32 11.50 11.19
N CYS A 42 -4.11 11.43 10.68
CA CYS A 42 -3.31 12.66 10.48
C CYS A 42 -2.67 12.79 9.09
N ILE A 43 -2.91 11.86 8.16
CA ILE A 43 -2.29 11.96 6.83
C ILE A 43 -3.34 11.79 5.72
N SER A 44 -3.10 12.47 4.61
CA SER A 44 -4.04 12.51 3.50
C SER A 44 -3.28 12.43 2.18
N GLY A 45 -3.29 11.29 1.54
CA GLY A 45 -2.49 11.11 0.36
C GLY A 45 -3.23 10.55 -0.83
N LYS A 46 -3.06 11.22 -1.95
CA LYS A 46 -3.51 10.71 -3.22
C LYS A 46 -2.26 10.35 -4.03
N ALA A 47 -2.42 9.48 -5.00
CA ALA A 47 -1.33 9.11 -5.88
C ALA A 47 -1.89 8.53 -7.15
N VAL A 48 -1.09 8.48 -8.19
CA VAL A 48 -1.47 7.74 -9.38
C VAL A 48 -0.58 6.52 -9.49
N TYR A 49 -1.18 5.37 -9.71
CA TYR A 49 -0.43 4.14 -9.71
C TYR A 49 -0.12 3.65 -11.10
N SER A 50 1.08 3.15 -11.25
CA SER A 50 1.57 2.63 -12.52
C SER A 50 2.18 1.25 -12.28
N PHE A 51 2.35 0.46 -13.33
CA PHE A 51 2.88 -0.87 -13.19
C PHE A 51 4.10 -1.07 -14.07
N ASN A 52 5.12 -1.71 -13.50
CA ASN A 52 6.31 -2.05 -14.26
C ASN A 52 6.82 -3.43 -13.84
N ALA A 53 6.68 -4.40 -14.73
CA ALA A 53 7.11 -5.78 -14.46
C ALA A 53 6.43 -6.34 -13.21
N GLY A 54 5.17 -6.00 -13.02
CA GLY A 54 4.44 -6.47 -11.87
C GLY A 54 4.62 -5.58 -10.66
N LYS A 55 5.54 -4.64 -10.74
CA LYS A 55 5.77 -3.71 -9.65
C LYS A 55 4.72 -2.61 -9.65
N PHE A 56 4.00 -2.52 -8.54
CA PHE A 56 2.96 -1.53 -8.38
C PHE A 56 3.52 -0.27 -7.75
N MET A 57 3.37 0.85 -8.44
CA MET A 57 3.94 2.11 -8.02
C MET A 57 2.86 3.15 -7.81
N GLY A 58 3.25 4.31 -7.28
CA GLY A 58 2.30 5.38 -7.07
C GLY A 58 2.96 6.69 -6.77
N ASN A 59 2.79 7.66 -7.65
CA ASN A 59 3.34 9.00 -7.40
C ASN A 59 2.39 9.75 -6.48
N PHE A 60 2.88 10.07 -5.28
CA PHE A 60 2.01 10.56 -4.21
C PHE A 60 1.96 12.07 -4.13
N ASN A 61 0.85 12.52 -3.58
CA ASN A 61 0.63 13.90 -3.24
C ASN A 61 0.05 13.96 -1.84
N VAL A 62 0.86 13.62 -0.86
CA VAL A 62 0.36 13.49 0.51
C VAL A 62 0.48 14.82 1.25
N LYS A 63 -0.50 15.08 2.06
CA LYS A 63 -0.45 16.15 3.03
C LYS A 63 -0.52 15.53 4.40
N GLU A 64 0.31 15.97 5.32
CA GLU A 64 0.46 15.28 6.58
C GLU A 64 1.06 16.15 7.67
N VAL A 65 0.59 15.89 8.88
CA VAL A 65 1.03 16.58 10.08
C VAL A 65 2.38 16.04 10.54
N ASP A 66 3.06 16.80 11.35
CA ASP A 66 4.26 16.32 12.00
C ASP A 66 4.01 16.19 13.50
N GLY A 67 4.53 15.12 14.08
CA GLY A 67 4.26 14.83 15.46
C GLY A 67 3.30 13.66 15.63
N CYS A 68 2.36 13.53 14.71
CA CYS A 68 1.36 12.45 14.78
C CYS A 68 1.97 11.18 14.24
N PHE A 69 2.85 11.35 13.29
CA PHE A 69 3.71 10.27 12.83
C PHE A 69 5.05 10.44 13.52
N MET A 70 4.98 11.01 14.74
CA MET A 70 6.15 11.39 15.51
C MET A 70 7.28 11.90 14.63
N ASP A 71 8.36 11.14 14.55
CA ASP A 71 9.46 11.47 13.65
C ASP A 71 9.86 10.27 12.85
N ALA A 72 10.03 9.15 13.54
CA ALA A 72 10.52 7.95 12.91
C ALA A 72 9.40 7.26 12.18
N GLN A 73 8.19 7.54 12.61
CA GLN A 73 7.00 7.01 11.98
C GLN A 73 6.80 7.69 10.64
N LYS A 74 7.06 8.98 10.62
CA LYS A 74 7.01 9.76 9.38
C LYS A 74 8.08 9.26 8.42
N ILE A 75 9.28 9.04 8.94
CA ILE A 75 10.33 8.35 8.20
C ILE A 75 9.83 7.01 7.66
N ALA A 76 9.19 6.23 8.54
CA ALA A 76 8.58 4.96 8.16
C ALA A 76 7.64 5.13 6.98
N ILE A 77 6.92 6.23 7.00
CA ILE A 77 5.92 6.53 6.01
C ILE A 77 6.56 6.97 4.70
N ASP A 78 7.66 7.71 4.82
CA ASP A 78 8.45 8.07 3.65
C ASP A 78 9.02 6.80 3.04
N LYS A 79 9.55 5.97 3.92
CA LYS A 79 10.05 4.65 3.54
C LYS A 79 8.99 3.86 2.77
N LEU A 80 7.79 3.79 3.35
CA LEU A 80 6.69 3.05 2.74
C LEU A 80 6.26 3.69 1.43
N PHE A 81 6.11 5.00 1.41
CA PHE A 81 5.66 5.70 0.22
C PHE A 81 6.68 5.64 -0.90
N SER A 82 7.96 5.61 -0.55
CA SER A 82 9.02 5.47 -1.52
C SER A 82 9.03 4.05 -2.09
N MET A 83 8.60 3.09 -1.28
CA MET A 83 8.53 1.69 -1.70
C MET A 83 7.66 1.51 -2.93
N LEU A 84 6.43 2.02 -2.86
CA LEU A 84 5.50 1.87 -3.98
C LEU A 84 6.13 2.46 -5.22
N LYS A 85 6.72 3.63 -5.03
CA LYS A 85 7.28 4.39 -6.12
C LYS A 85 8.49 3.70 -6.71
N ASP A 86 9.17 2.89 -5.90
CA ASP A 86 10.30 2.13 -6.39
C ASP A 86 9.80 0.87 -7.07
N GLY A 87 8.58 0.56 -6.73
CA GLY A 87 7.89 -0.56 -7.32
C GLY A 87 7.64 -1.65 -6.31
N VAL A 88 6.51 -1.58 -5.63
CA VAL A 88 6.15 -2.59 -4.65
C VAL A 88 5.18 -3.57 -5.29
N VAL A 89 5.44 -4.85 -5.11
CA VAL A 89 4.59 -5.87 -5.69
C VAL A 89 3.74 -6.53 -4.63
N LEU A 90 2.45 -6.53 -4.88
CA LEU A 90 1.47 -7.14 -4.00
C LEU A 90 1.48 -8.65 -4.24
N LYS A 91 1.68 -9.42 -3.16
CA LYS A 91 1.92 -10.87 -3.21
C LYS A 91 2.72 -11.29 -1.98
N GLY A 92 2.72 -12.58 -1.71
CA GLY A 92 3.49 -13.10 -0.60
C GLY A 92 3.46 -14.61 -0.56
N ASN A 93 3.30 -15.16 0.63
CA ASN A 93 3.24 -16.60 0.79
C ASN A 93 2.13 -16.96 1.76
N LYS A 94 1.45 -18.09 1.49
CA LYS A 94 0.43 -18.62 2.39
C LYS A 94 -0.76 -17.66 2.52
N ILE A 95 -0.92 -16.78 1.55
CA ILE A 95 -2.04 -15.85 1.56
C ILE A 95 -2.86 -16.03 0.28
N ASN A 96 -4.17 -15.93 0.39
CA ASN A 96 -5.04 -16.03 -0.78
C ASN A 96 -6.18 -15.01 -0.72
N ASP A 97 -6.19 -14.20 0.33
CA ASP A 97 -7.31 -13.28 0.57
C ASP A 97 -6.83 -11.94 1.13
N THR A 98 -5.53 -11.77 1.22
CA THR A 98 -4.97 -10.57 1.81
C THR A 98 -3.80 -10.04 0.97
N ILE A 99 -3.64 -8.72 0.96
CA ILE A 99 -2.64 -8.08 0.12
C ILE A 99 -1.35 -7.83 0.89
N LEU A 100 -0.22 -8.03 0.25
CA LEU A 100 1.06 -7.88 0.90
C LEU A 100 1.98 -7.01 0.07
N ILE A 101 2.76 -6.18 0.73
CA ILE A 101 3.60 -5.18 0.05
C ILE A 101 5.09 -5.56 0.10
N GLU A 102 5.66 -5.85 -1.05
CA GLU A 102 7.03 -6.32 -1.13
C GLU A 102 7.81 -5.54 -2.21
N LYS A 103 9.07 -5.22 -1.92
CA LYS A 103 9.95 -4.65 -2.93
C LYS A 103 11.40 -4.94 -2.57
N ASP A 104 12.21 -5.24 -3.59
CA ASP A 104 13.61 -5.65 -3.41
C ASP A 104 13.73 -7.08 -2.88
N GLY A 105 12.78 -7.92 -3.29
CA GLY A 105 12.88 -9.35 -2.99
C GLY A 105 12.47 -9.70 -1.58
N GLU A 106 11.68 -8.85 -0.95
CA GLU A 106 11.16 -9.13 0.38
C GLU A 106 9.98 -8.24 0.70
N VAL A 107 9.11 -8.74 1.53
CA VAL A 107 7.95 -7.98 1.99
C VAL A 107 8.36 -7.12 3.16
N LYS A 108 7.95 -5.87 3.13
CA LYS A 108 8.27 -4.96 4.22
C LYS A 108 7.02 -4.26 4.71
N LEU A 109 5.90 -4.52 4.04
CA LEU A 109 4.64 -3.92 4.39
C LEU A 109 3.51 -4.87 3.97
N LYS A 110 2.33 -4.69 4.53
CA LYS A 110 1.17 -5.48 4.10
C LYS A 110 -0.09 -4.64 4.12
N LEU A 111 -1.10 -5.09 3.38
CA LEU A 111 -2.43 -4.57 3.52
C LEU A 111 -3.24 -5.59 4.28
N ILE A 112 -3.57 -5.25 5.54
CA ILE A 112 -4.22 -6.15 6.48
C ILE A 112 -3.21 -7.17 7.03
N ARG A 113 -3.45 -7.62 8.25
CA ARG A 113 -2.61 -8.64 8.87
C ARG A 113 -3.11 -10.04 8.53
N GLY A 114 -3.20 -10.34 7.24
CA GLY A 114 -3.67 -11.64 6.80
C GLY A 114 -2.77 -12.77 7.27
N ILE A 115 -1.49 -12.58 7.09
CA ILE A 115 -0.49 -13.50 7.54
C ILE A 115 0.11 -13.03 8.86
C ACE B 1 -6.89 -14.05 -9.26
O ACE B 1 -7.46 -14.40 -10.30
CH3 ACE B 1 -7.63 -13.28 -8.20
H1 ACE B 1 -8.50 -13.81 -7.89
H2 ACE B 1 -7.91 -12.31 -8.60
H3 ACE B 1 -6.98 -13.13 -7.35
N SER B 2 -5.62 -14.34 -9.01
CA SER B 2 -4.79 -15.08 -9.94
C SER B 2 -3.61 -15.72 -9.21
N GLU B 3 -3.08 -14.98 -8.24
CA GLU B 3 -1.92 -15.41 -7.48
C GLU B 3 -2.22 -15.36 -5.99
N THR B 4 -1.23 -15.67 -5.17
CA THR B 4 -1.33 -15.59 -3.71
C THR B 4 -1.98 -14.28 -3.30
N THR B 5 -1.60 -13.22 -3.98
CA THR B 5 -2.24 -11.94 -3.83
C THR B 5 -2.41 -11.33 -5.21
N LEU B 6 -1.30 -11.25 -5.93
CA LEU B 6 -1.23 -10.70 -7.26
C LEU B 6 -1.42 -9.20 -7.22
N LEU B 7 -2.01 -8.66 -8.29
CA LEU B 7 -2.24 -7.22 -8.44
C LEU B 7 -1.04 -6.58 -9.09
N GLU B 8 -0.63 -7.21 -10.18
CA GLU B 8 0.48 -6.75 -10.99
C GLU B 8 -0.05 -6.13 -12.27
N ASP B 9 -1.36 -6.21 -12.39
CA ASP B 9 -2.09 -5.57 -13.49
C ASP B 9 -3.23 -4.81 -12.88
N GLU B 10 -3.66 -3.72 -13.49
CA GLU B 10 -4.76 -2.95 -12.92
C GLU B 10 -6.01 -3.83 -12.84
N LYS B 11 -6.32 -4.48 -13.95
CA LYS B 11 -7.47 -5.36 -14.04
C LYS B 11 -7.42 -6.44 -12.96
N SER B 12 -6.27 -7.08 -12.80
CA SER B 12 -6.11 -8.16 -11.84
C SER B 12 -6.07 -7.62 -10.42
N LEU B 13 -5.79 -6.33 -10.33
CA LEU B 13 -5.67 -5.64 -9.06
C LEU B 13 -7.06 -5.34 -8.55
N VAL B 14 -7.85 -4.76 -9.42
CA VAL B 14 -9.20 -4.39 -9.10
C VAL B 14 -10.09 -5.61 -9.05
N SER B 15 -9.82 -6.60 -9.88
CA SER B 15 -10.54 -7.87 -9.86
C SER B 15 -10.39 -8.53 -8.49
N TYR B 16 -9.36 -8.12 -7.80
CA TYR B 16 -9.03 -8.65 -6.50
C TYR B 16 -9.57 -7.72 -5.42
N LEU B 17 -9.66 -6.43 -5.76
CA LEU B 17 -10.17 -5.42 -4.84
C LEU B 17 -11.69 -5.31 -4.86
N ASN B 18 -12.29 -5.40 -6.05
CA ASN B 18 -13.73 -5.20 -6.19
C ASN B 18 -14.50 -6.46 -5.79
N TYR B 19 -13.78 -7.43 -5.24
CA TYR B 19 -14.36 -8.69 -4.79
C TYR B 19 -15.55 -8.43 -3.84
N SER A 1 -15.32 -2.85 -14.50
CA SER A 1 -14.28 -3.72 -13.92
C SER A 1 -13.39 -2.92 -12.96
N SER A 2 -12.71 -1.91 -13.50
CA SER A 2 -11.79 -1.11 -12.72
C SER A 2 -12.54 -0.04 -11.93
N SER A 3 -13.15 -0.48 -10.85
CA SER A 3 -13.90 0.37 -9.95
C SER A 3 -14.23 -0.44 -8.70
N ASN A 4 -15.11 0.06 -7.85
CA ASN A 4 -15.58 -0.70 -6.68
C ASN A 4 -14.43 -1.00 -5.73
N SER A 5 -13.43 -0.13 -5.71
CA SER A 5 -12.31 -0.31 -4.83
C SER A 5 -12.64 0.27 -3.44
N GLU A 6 -12.04 1.42 -3.12
CA GLU A 6 -12.28 2.15 -1.89
C GLU A 6 -12.41 1.24 -0.68
N LYS A 7 -11.54 0.26 -0.61
CA LYS A 7 -11.45 -0.62 0.52
C LYS A 7 -10.35 -0.15 1.47
N GLU A 8 -10.72 0.12 2.71
CA GLU A 8 -9.76 0.60 3.70
C GLU A 8 -8.90 -0.54 4.25
N TRP A 9 -7.67 -0.61 3.79
CA TRP A 9 -6.71 -1.59 4.29
C TRP A 9 -5.89 -0.98 5.42
N HIS A 10 -5.52 -1.80 6.41
CA HIS A 10 -4.61 -1.36 7.46
C HIS A 10 -3.18 -1.75 7.09
N ILE A 11 -2.31 -0.77 6.93
CA ILE A 11 -0.95 -1.05 6.50
C ILE A 11 -0.12 -1.66 7.63
N VAL A 12 0.60 -2.71 7.30
CA VAL A 12 1.39 -3.46 8.27
C VAL A 12 2.87 -3.41 7.93
N PRO A 13 3.73 -3.13 8.93
CA PRO A 13 5.17 -3.16 8.75
C PRO A 13 5.73 -4.57 8.92
N VAL A 14 6.28 -5.11 7.85
CA VAL A 14 6.81 -6.46 7.88
C VAL A 14 8.28 -6.48 8.29
N SER A 15 9.05 -5.57 7.73
CA SER A 15 10.50 -5.58 7.92
C SER A 15 10.95 -4.52 8.92
N LYS A 16 12.12 -4.78 9.49
CA LYS A 16 12.69 -4.05 10.63
C LYS A 16 12.68 -2.52 10.46
N ASP A 17 12.98 -2.05 9.26
CA ASP A 17 13.12 -0.61 9.02
C ASP A 17 11.78 0.10 9.12
N TYR A 18 10.70 -0.68 9.03
CA TYR A 18 9.35 -0.13 9.03
C TYR A 18 8.64 -0.41 10.34
N PHE A 19 9.34 -1.01 11.30
CA PHE A 19 8.74 -1.29 12.60
C PHE A 19 8.28 0.00 13.29
N SER A 20 8.70 1.13 12.75
CA SER A 20 8.38 2.42 13.31
C SER A 20 7.13 3.05 12.69
N ILE A 21 6.50 2.37 11.74
CA ILE A 21 5.30 2.90 11.07
C ILE A 21 4.23 3.28 12.11
N PRO A 22 3.54 4.43 11.89
CA PRO A 22 2.61 5.04 12.85
C PRO A 22 1.49 4.18 13.41
N ASN A 23 0.70 4.82 14.28
CA ASN A 23 -0.41 4.19 14.98
C ASN A 23 -1.29 3.37 14.04
N ASP A 24 -1.73 3.99 12.95
CA ASP A 24 -2.73 3.39 12.07
C ASP A 24 -2.86 4.18 10.78
N LEU A 25 -2.35 3.61 9.71
CA LEU A 25 -2.50 4.18 8.38
C LEU A 25 -3.54 3.40 7.60
N LEU A 26 -4.41 4.12 6.93
CA LEU A 26 -5.44 3.50 6.11
C LEU A 26 -5.10 3.64 4.63
N TRP A 27 -4.91 2.52 3.99
CA TRP A 27 -4.62 2.49 2.57
C TRP A 27 -5.87 2.04 1.83
N SER A 28 -6.34 2.86 0.91
CA SER A 28 -7.47 2.48 0.10
C SER A 28 -7.18 2.80 -1.33
N PHE A 29 -7.08 1.77 -2.14
CA PHE A 29 -6.95 1.97 -3.56
C PHE A 29 -8.23 2.57 -4.08
N ASN A 30 -8.14 3.58 -4.89
CA ASN A 30 -9.28 3.95 -5.70
C ASN A 30 -8.98 3.59 -7.15
N THR A 31 -9.40 2.40 -7.54
CA THR A 31 -9.19 1.92 -8.91
C THR A 31 -10.29 2.46 -9.78
N THR A 32 -11.26 3.03 -9.10
CA THR A 32 -12.44 3.58 -9.69
C THR A 32 -12.11 4.84 -10.48
N ASN A 33 -11.18 5.62 -9.95
CA ASN A 33 -10.67 6.79 -10.64
C ASN A 33 -9.16 6.69 -10.76
N LYS A 34 -8.71 5.43 -10.68
CA LYS A 34 -7.30 5.05 -10.70
C LYS A 34 -6.39 5.98 -9.92
N SER A 35 -6.58 6.02 -8.62
CA SER A 35 -5.73 6.79 -7.74
C SER A 35 -5.56 6.03 -6.42
N ILE A 36 -4.38 6.07 -5.86
CA ILE A 36 -4.15 5.46 -4.57
C ILE A 36 -4.49 6.49 -3.51
N ASN A 37 -5.33 6.15 -2.55
CA ASN A 37 -5.65 7.07 -1.48
C ASN A 37 -5.19 6.51 -0.15
N VAL A 38 -4.10 7.06 0.37
CA VAL A 38 -3.57 6.63 1.64
C VAL A 38 -3.77 7.75 2.66
N TYR A 39 -4.52 7.46 3.71
CA TYR A 39 -4.82 8.46 4.71
C TYR A 39 -4.91 7.83 6.09
N SER A 40 -4.80 8.65 7.09
CA SER A 40 -4.96 8.23 8.47
C SER A 40 -5.65 9.34 9.23
N LYS A 41 -5.70 9.21 10.54
CA LYS A 41 -6.21 10.26 11.41
C LYS A 41 -5.62 11.61 11.02
N CYS A 42 -4.38 11.57 10.57
CA CYS A 42 -3.61 12.77 10.28
C CYS A 42 -3.19 12.89 8.80
N ILE A 43 -2.56 11.86 8.25
CA ILE A 43 -2.05 11.91 6.87
C ILE A 43 -3.20 11.67 5.88
N SER A 44 -3.03 12.14 4.65
CA SER A 44 -4.05 11.99 3.61
C SER A 44 -3.50 12.45 2.28
N GLY A 45 -3.34 11.52 1.35
CA GLY A 45 -2.80 11.90 0.06
C GLY A 45 -3.31 11.06 -1.08
N LYS A 46 -3.17 11.59 -2.27
CA LYS A 46 -3.61 10.93 -3.47
C LYS A 46 -2.40 10.50 -4.28
N ALA A 47 -2.56 9.44 -5.03
CA ALA A 47 -1.51 8.92 -5.88
C ALA A 47 -2.09 8.37 -7.15
N VAL A 48 -1.31 8.29 -8.20
CA VAL A 48 -1.74 7.59 -9.40
C VAL A 48 -0.83 6.40 -9.60
N TYR A 49 -1.41 5.23 -9.78
CA TYR A 49 -0.64 4.02 -9.80
C TYR A 49 -0.19 3.62 -11.19
N SER A 50 1.01 3.05 -11.24
CA SER A 50 1.60 2.58 -12.48
C SER A 50 2.23 1.21 -12.23
N PHE A 51 2.55 0.49 -13.28
CA PHE A 51 3.09 -0.85 -13.13
C PHE A 51 4.34 -1.05 -13.97
N ASN A 52 5.27 -1.82 -13.43
CA ASN A 52 6.46 -2.22 -14.17
C ASN A 52 6.92 -3.59 -13.73
N ALA A 53 6.75 -4.58 -14.60
CA ALA A 53 7.17 -5.95 -14.33
C ALA A 53 6.52 -6.49 -13.05
N GLY A 54 5.22 -6.21 -12.89
CA GLY A 54 4.49 -6.67 -11.72
C GLY A 54 4.62 -5.72 -10.55
N LYS A 55 5.57 -4.79 -10.64
CA LYS A 55 5.79 -3.83 -9.58
C LYS A 55 4.75 -2.73 -9.62
N PHE A 56 4.05 -2.58 -8.51
CA PHE A 56 2.98 -1.61 -8.38
C PHE A 56 3.51 -0.32 -7.77
N MET A 57 3.26 0.78 -8.46
CA MET A 57 3.77 2.08 -8.04
C MET A 57 2.63 3.07 -7.90
N GLY A 58 2.89 4.19 -7.24
CA GLY A 58 1.87 5.22 -7.09
C GLY A 58 2.46 6.59 -6.84
N ASN A 59 2.38 7.47 -7.82
CA ASN A 59 2.91 8.82 -7.67
C ASN A 59 2.04 9.60 -6.68
N PHE A 60 2.59 9.93 -5.52
CA PHE A 60 1.82 10.47 -4.41
C PHE A 60 1.82 11.99 -4.36
N ASN A 61 0.83 12.48 -3.62
CA ASN A 61 0.73 13.86 -3.22
C ASN A 61 0.02 13.91 -1.88
N VAL A 62 0.76 13.63 -0.83
CA VAL A 62 0.18 13.39 0.49
C VAL A 62 0.23 14.64 1.36
N LYS A 63 -0.85 14.86 2.09
CA LYS A 63 -0.92 15.88 3.11
C LYS A 63 -0.55 15.23 4.44
N GLU A 64 0.40 15.81 5.15
CA GLU A 64 0.98 15.14 6.30
C GLU A 64 1.25 16.12 7.43
N VAL A 65 1.12 15.60 8.63
CA VAL A 65 1.32 16.36 9.87
C VAL A 65 2.58 15.88 10.56
N ASP A 66 3.11 16.66 11.46
CA ASP A 66 4.24 16.22 12.27
C ASP A 66 3.81 16.09 13.72
N GLY A 67 4.37 15.11 14.40
CA GLY A 67 3.95 14.83 15.76
C GLY A 67 2.97 13.67 15.83
N CYS A 68 2.25 13.45 14.74
CA CYS A 68 1.26 12.37 14.69
C CYS A 68 1.94 11.10 14.23
N PHE A 69 2.90 11.26 13.34
CA PHE A 69 3.73 10.15 12.91
C PHE A 69 5.05 10.24 13.66
N MET A 70 4.96 10.70 14.92
CA MET A 70 6.12 10.94 15.77
C MET A 70 7.28 11.51 14.97
N ASP A 71 8.36 10.76 14.86
CA ASP A 71 9.47 11.13 14.01
C ASP A 71 9.84 9.97 13.13
N ALA A 72 9.99 8.81 13.75
CA ALA A 72 10.46 7.64 13.04
C ALA A 72 9.32 7.03 12.25
N GLN A 73 8.11 7.28 12.70
CA GLN A 73 6.92 6.81 12.02
C GLN A 73 6.78 7.54 10.70
N LYS A 74 7.08 8.82 10.75
CA LYS A 74 7.11 9.66 9.56
C LYS A 74 8.16 9.16 8.59
N ILE A 75 9.36 8.90 9.12
CA ILE A 75 10.41 8.23 8.36
C ILE A 75 9.89 6.92 7.76
N ALA A 76 9.23 6.12 8.59
CA ALA A 76 8.61 4.86 8.16
C ALA A 76 7.69 5.09 6.96
N ILE A 77 6.99 6.20 7.00
CA ILE A 77 6.01 6.55 5.99
C ILE A 77 6.69 7.02 4.72
N ASP A 78 7.78 7.75 4.90
CA ASP A 78 8.63 8.14 3.79
C ASP A 78 9.16 6.90 3.11
N LYS A 79 9.63 5.98 3.94
CA LYS A 79 10.08 4.67 3.50
C LYS A 79 8.98 3.95 2.73
N LEU A 80 7.80 3.89 3.33
CA LEU A 80 6.66 3.17 2.74
C LEU A 80 6.25 3.78 1.39
N PHE A 81 6.13 5.09 1.33
CA PHE A 81 5.65 5.75 0.13
C PHE A 81 6.65 5.70 -1.02
N SER A 82 7.94 5.81 -0.71
CA SER A 82 8.96 5.69 -1.73
C SER A 82 9.02 4.26 -2.27
N MET A 83 8.61 3.30 -1.43
CA MET A 83 8.59 1.89 -1.83
C MET A 83 7.69 1.64 -3.02
N LEU A 84 6.43 2.09 -2.92
CA LEU A 84 5.47 1.81 -3.97
C LEU A 84 5.97 2.42 -5.25
N LYS A 85 6.48 3.62 -5.11
CA LYS A 85 6.91 4.42 -6.25
C LYS A 85 8.16 3.84 -6.87
N ASP A 86 8.92 3.08 -6.10
CA ASP A 86 10.09 2.40 -6.63
C ASP A 86 9.64 1.08 -7.25
N GLY A 87 8.46 0.67 -6.83
CA GLY A 87 7.83 -0.51 -7.38
C GLY A 87 7.66 -1.59 -6.33
N VAL A 88 6.51 -1.60 -5.68
CA VAL A 88 6.20 -2.60 -4.69
C VAL A 88 5.23 -3.62 -5.28
N VAL A 89 5.50 -4.89 -5.09
CA VAL A 89 4.64 -5.91 -5.66
C VAL A 89 3.81 -6.60 -4.59
N LEU A 90 2.51 -6.56 -4.81
CA LEU A 90 1.54 -7.18 -3.93
C LEU A 90 1.53 -8.69 -4.18
N LYS A 91 1.68 -9.48 -3.10
CA LYS A 91 1.82 -10.95 -3.13
C LYS A 91 2.59 -11.39 -1.90
N GLY A 92 2.52 -12.67 -1.58
CA GLY A 92 3.26 -13.19 -0.45
C GLY A 92 3.25 -14.70 -0.38
N ASN A 93 3.22 -15.24 0.83
CA ASN A 93 3.27 -16.67 1.03
C ASN A 93 2.04 -17.14 1.80
N LYS A 94 1.23 -17.98 1.15
CA LYS A 94 0.06 -18.58 1.76
C LYS A 94 -0.92 -17.54 2.29
N ILE A 95 -1.26 -16.59 1.43
CA ILE A 95 -2.22 -15.57 1.77
C ILE A 95 -3.38 -15.62 0.78
N ASN A 96 -4.55 -15.15 1.18
CA ASN A 96 -5.73 -15.23 0.32
C ASN A 96 -6.51 -13.92 0.34
N ASP A 97 -7.06 -13.58 1.51
CA ASP A 97 -7.88 -12.38 1.65
C ASP A 97 -7.06 -11.23 2.23
N THR A 98 -5.83 -11.11 1.78
CA THR A 98 -4.92 -10.12 2.32
C THR A 98 -3.86 -9.74 1.29
N ILE A 99 -3.54 -8.46 1.23
CA ILE A 99 -2.57 -7.95 0.27
C ILE A 99 -1.24 -7.71 0.96
N LEU A 100 -0.14 -7.96 0.29
CA LEU A 100 1.18 -7.84 0.93
C LEU A 100 2.12 -7.00 0.08
N ILE A 101 2.94 -6.19 0.76
CA ILE A 101 3.76 -5.17 0.08
C ILE A 101 5.26 -5.50 0.14
N GLU A 102 5.84 -5.81 -1.02
CA GLU A 102 7.23 -6.20 -1.09
C GLU A 102 7.95 -5.43 -2.19
N LYS A 103 9.17 -4.98 -1.92
CA LYS A 103 10.01 -4.38 -2.94
C LYS A 103 11.49 -4.56 -2.58
N ASP A 104 12.32 -4.68 -3.62
CA ASP A 104 13.75 -5.00 -3.47
C ASP A 104 13.97 -6.45 -3.07
N GLY A 105 12.97 -7.29 -3.31
CA GLY A 105 13.14 -8.71 -3.08
C GLY A 105 12.62 -9.17 -1.73
N GLU A 106 12.24 -8.22 -0.88
CA GLU A 106 11.73 -8.57 0.45
C GLU A 106 10.45 -7.81 0.73
N VAL A 107 9.61 -8.40 1.54
CA VAL A 107 8.39 -7.75 2.00
C VAL A 107 8.70 -6.96 3.26
N LYS A 108 8.27 -5.72 3.27
CA LYS A 108 8.51 -4.85 4.40
C LYS A 108 7.24 -4.15 4.82
N LEU A 109 6.17 -4.38 4.07
CA LEU A 109 4.89 -3.79 4.35
C LEU A 109 3.81 -4.75 3.87
N LYS A 110 2.56 -4.53 4.26
CA LYS A 110 1.47 -5.31 3.72
C LYS A 110 0.14 -4.68 4.09
N LEU A 111 -0.90 -5.03 3.35
CA LEU A 111 -2.24 -4.53 3.63
C LEU A 111 -2.97 -5.53 4.49
N ILE A 112 -3.43 -5.08 5.65
CA ILE A 112 -4.15 -5.88 6.62
C ILE A 112 -3.21 -6.78 7.41
N ARG A 113 -3.53 -7.00 8.68
CA ARG A 113 -2.76 -7.90 9.52
C ARG A 113 -3.19 -9.33 9.23
N GLY A 114 -2.55 -9.93 8.24
CA GLY A 114 -2.81 -11.32 7.92
C GLY A 114 -1.66 -12.22 8.32
N ILE A 115 -1.00 -12.78 7.30
CA ILE A 115 0.14 -13.69 7.46
C ILE A 115 1.09 -13.27 8.58
C ACE B 1 -7.65 -14.18 -8.58
O ACE B 1 -8.18 -14.26 -9.69
CH3 ACE B 1 -8.41 -13.67 -7.39
H1 ACE B 1 -7.72 -13.40 -6.60
H2 ACE B 1 -9.08 -14.43 -7.04
H3 ACE B 1 -8.97 -12.79 -7.67
N SER B 2 -6.39 -14.53 -8.37
CA SER B 2 -5.52 -15.04 -9.42
C SER B 2 -4.27 -15.67 -8.81
N GLU B 3 -3.70 -14.97 -7.85
CA GLU B 3 -2.50 -15.43 -7.16
C GLU B 3 -2.73 -15.36 -5.65
N THR B 4 -1.71 -15.70 -4.87
CA THR B 4 -1.74 -15.59 -3.42
C THR B 4 -2.28 -14.21 -3.02
N THR B 5 -1.86 -13.22 -3.77
CA THR B 5 -2.43 -11.89 -3.68
C THR B 5 -2.58 -11.34 -5.09
N LEU B 6 -1.46 -11.38 -5.80
CA LEU B 6 -1.36 -10.84 -7.15
C LEU B 6 -1.45 -9.32 -7.12
N LEU B 7 -2.00 -8.75 -8.19
CA LEU B 7 -2.13 -7.30 -8.36
C LEU B 7 -0.88 -6.73 -8.98
N GLU B 8 -0.48 -7.36 -10.09
CA GLU B 8 0.67 -6.94 -10.86
C GLU B 8 0.23 -6.25 -12.13
N ASP B 9 -1.07 -6.26 -12.34
CA ASP B 9 -1.70 -5.56 -13.46
C ASP B 9 -2.97 -4.95 -12.95
N GLU B 10 -3.40 -3.82 -13.51
CA GLU B 10 -4.56 -3.12 -12.97
C GLU B 10 -5.78 -4.04 -12.94
N LYS B 11 -6.04 -4.68 -14.06
CA LYS B 11 -7.20 -5.55 -14.21
C LYS B 11 -7.25 -6.60 -13.12
N SER B 12 -6.12 -7.25 -12.87
CA SER B 12 -6.06 -8.32 -11.90
C SER B 12 -5.99 -7.75 -10.49
N LEU B 13 -5.67 -6.48 -10.42
CA LEU B 13 -5.54 -5.77 -9.16
C LEU B 13 -6.94 -5.41 -8.70
N VAL B 14 -7.69 -4.83 -9.62
CA VAL B 14 -9.03 -4.40 -9.33
C VAL B 14 -9.97 -5.59 -9.26
N SER B 15 -9.70 -6.62 -10.05
CA SER B 15 -10.47 -7.86 -9.98
C SER B 15 -10.36 -8.46 -8.60
N TYR B 16 -9.34 -8.02 -7.88
CA TYR B 16 -9.10 -8.48 -6.52
C TYR B 16 -9.63 -7.47 -5.52
N LEU B 17 -9.66 -6.21 -5.93
CA LEU B 17 -10.16 -5.12 -5.08
C LEU B 17 -11.66 -4.91 -5.21
N ASN B 18 -12.18 -5.05 -6.42
CA ASN B 18 -13.60 -4.78 -6.68
C ASN B 18 -14.48 -5.92 -6.18
N TYR B 19 -13.86 -6.87 -5.51
CA TYR B 19 -14.55 -8.03 -4.98
C TYR B 19 -15.71 -7.59 -4.08
N SER A 1 -15.72 -5.27 -11.71
CA SER A 1 -15.04 -4.18 -12.42
C SER A 1 -13.98 -3.55 -11.51
N SER A 2 -13.66 -2.28 -11.77
CA SER A 2 -12.67 -1.58 -10.98
C SER A 2 -13.28 -0.93 -9.74
N SER A 3 -14.37 -0.21 -9.94
CA SER A 3 -15.00 0.61 -8.90
C SER A 3 -15.35 -0.18 -7.64
N ASN A 4 -14.52 0.00 -6.61
CA ASN A 4 -14.77 -0.53 -5.27
C ASN A 4 -13.60 -0.11 -4.38
N SER A 5 -13.47 1.20 -4.21
CA SER A 5 -12.30 1.79 -3.58
C SER A 5 -12.48 2.01 -2.09
N GLU A 6 -13.71 1.87 -1.60
CA GLU A 6 -13.99 2.15 -0.19
C GLU A 6 -13.46 1.02 0.68
N LYS A 7 -12.75 0.13 0.03
CA LYS A 7 -11.96 -0.88 0.64
C LYS A 7 -10.93 -0.29 1.62
N GLU A 8 -11.21 -0.42 2.91
CA GLU A 8 -10.30 0.09 3.93
C GLU A 8 -9.21 -0.91 4.24
N TRP A 9 -8.05 -0.72 3.64
CA TRP A 9 -6.89 -1.56 3.97
C TRP A 9 -6.10 -0.92 5.11
N HIS A 10 -5.63 -1.73 6.04
CA HIS A 10 -4.78 -1.24 7.12
C HIS A 10 -3.35 -1.69 6.86
N ILE A 11 -2.44 -0.74 6.72
CA ILE A 11 -1.06 -1.06 6.36
C ILE A 11 -0.31 -1.68 7.55
N VAL A 12 0.41 -2.75 7.26
CA VAL A 12 1.18 -3.48 8.25
C VAL A 12 2.67 -3.42 7.90
N PRO A 13 3.53 -3.19 8.89
CA PRO A 13 4.97 -3.28 8.69
C PRO A 13 5.47 -4.72 8.85
N VAL A 14 6.32 -5.16 7.93
CA VAL A 14 6.89 -6.50 7.99
C VAL A 14 8.36 -6.41 8.41
N SER A 15 9.11 -5.59 7.70
CA SER A 15 10.54 -5.49 7.92
C SER A 15 10.85 -4.58 9.10
N LYS A 16 12.08 -4.68 9.60
CA LYS A 16 12.47 -3.99 10.82
C LYS A 16 12.49 -2.50 10.62
N ASP A 17 13.02 -2.08 9.49
CA ASP A 17 13.14 -0.66 9.16
C ASP A 17 11.77 0.03 9.10
N TYR A 18 10.71 -0.76 8.99
CA TYR A 18 9.35 -0.22 8.91
C TYR A 18 8.56 -0.50 10.18
N PHE A 19 9.17 -1.12 11.17
CA PHE A 19 8.46 -1.44 12.40
C PHE A 19 8.00 -0.18 13.13
N SER A 20 8.52 0.97 12.71
CA SER A 20 8.20 2.22 13.34
C SER A 20 7.00 2.91 12.69
N ILE A 21 6.33 2.24 11.73
CA ILE A 21 5.19 2.83 11.05
C ILE A 21 4.06 3.15 12.05
N PRO A 22 3.43 4.33 11.88
CA PRO A 22 2.48 4.94 12.84
C PRO A 22 1.33 4.08 13.37
N ASN A 23 0.50 4.75 14.18
CA ASN A 23 -0.70 4.20 14.77
C ASN A 23 -1.48 3.31 13.81
N ASP A 24 -1.84 3.86 12.66
CA ASP A 24 -2.72 3.18 11.72
C ASP A 24 -2.92 4.03 10.48
N LEU A 25 -2.42 3.55 9.36
CA LEU A 25 -2.61 4.21 8.09
C LEU A 25 -3.64 3.47 7.26
N LEU A 26 -4.62 4.20 6.77
CA LEU A 26 -5.65 3.61 5.94
C LEU A 26 -5.27 3.72 4.48
N TRP A 27 -5.10 2.58 3.87
CA TRP A 27 -4.77 2.49 2.45
C TRP A 27 -6.02 2.11 1.68
N SER A 28 -6.28 2.81 0.61
CA SER A 28 -7.38 2.47 -0.27
C SER A 28 -7.01 2.77 -1.70
N PHE A 29 -6.91 1.75 -2.52
CA PHE A 29 -6.69 1.94 -3.93
C PHE A 29 -7.97 2.52 -4.51
N ASN A 30 -7.89 3.69 -5.12
CA ASN A 30 -9.05 4.18 -5.83
C ASN A 30 -8.97 3.66 -7.25
N THR A 31 -9.60 2.53 -7.47
CA THR A 31 -9.54 1.87 -8.75
C THR A 31 -10.56 2.46 -9.69
N THR A 32 -11.37 3.35 -9.16
CA THR A 32 -12.39 4.03 -9.92
C THR A 32 -11.77 5.20 -10.69
N ASN A 33 -10.84 5.90 -10.07
CA ASN A 33 -10.10 6.97 -10.73
C ASN A 33 -8.71 6.49 -11.08
N LYS A 34 -8.43 5.28 -10.58
CA LYS A 34 -7.14 4.62 -10.70
C LYS A 34 -6.03 5.45 -10.03
N SER A 35 -6.31 5.89 -8.82
CA SER A 35 -5.38 6.65 -8.01
C SER A 35 -5.15 5.91 -6.69
N ILE A 36 -4.12 6.28 -5.95
CA ILE A 36 -3.92 5.74 -4.62
C ILE A 36 -4.36 6.77 -3.59
N ASN A 37 -5.04 6.33 -2.56
CA ASN A 37 -5.40 7.20 -1.45
C ASN A 37 -4.94 6.58 -0.14
N VAL A 38 -3.98 7.21 0.49
CA VAL A 38 -3.50 6.73 1.78
C VAL A 38 -3.71 7.82 2.82
N TYR A 39 -4.54 7.53 3.80
CA TYR A 39 -4.91 8.52 4.80
C TYR A 39 -5.05 7.90 6.18
N SER A 40 -4.90 8.73 7.18
CA SER A 40 -5.10 8.36 8.56
C SER A 40 -5.70 9.55 9.29
N LYS A 41 -5.76 9.47 10.61
CA LYS A 41 -6.20 10.58 11.43
C LYS A 41 -5.52 11.88 11.01
N CYS A 42 -4.27 11.76 10.61
CA CYS A 42 -3.43 12.91 10.30
C CYS A 42 -3.04 12.98 8.81
N ILE A 43 -2.44 11.93 8.27
CA ILE A 43 -1.91 11.96 6.90
C ILE A 43 -3.02 11.71 5.89
N SER A 44 -2.88 12.27 4.70
CA SER A 44 -3.85 12.11 3.63
C SER A 44 -3.19 12.45 2.30
N GLY A 45 -3.02 11.45 1.44
CA GLY A 45 -2.35 11.70 0.19
C GLY A 45 -2.98 10.98 -0.99
N LYS A 46 -2.96 11.66 -2.12
CA LYS A 46 -3.41 11.09 -3.37
C LYS A 46 -2.20 10.63 -4.17
N ALA A 47 -2.39 9.64 -5.00
CA ALA A 47 -1.33 9.15 -5.86
C ALA A 47 -1.93 8.62 -7.15
N VAL A 48 -1.11 8.47 -8.19
CA VAL A 48 -1.54 7.78 -9.38
C VAL A 48 -0.71 6.52 -9.55
N TYR A 49 -1.36 5.39 -9.73
CA TYR A 49 -0.65 4.12 -9.71
C TYR A 49 -0.41 3.58 -11.11
N SER A 50 0.65 2.80 -11.22
CA SER A 50 1.07 2.20 -12.47
C SER A 50 1.81 0.91 -12.19
N PHE A 51 2.21 0.19 -13.24
CA PHE A 51 2.87 -1.09 -13.07
C PHE A 51 4.13 -1.19 -13.90
N ASN A 52 5.16 -1.79 -13.31
CA ASN A 52 6.39 -2.10 -14.03
C ASN A 52 6.91 -3.45 -13.57
N ALA A 53 6.83 -4.44 -14.46
CA ALA A 53 7.27 -5.80 -14.16
C ALA A 53 6.57 -6.37 -12.92
N GLY A 54 5.28 -6.11 -12.81
CA GLY A 54 4.49 -6.60 -11.69
C GLY A 54 4.67 -5.76 -10.44
N LYS A 55 5.45 -4.70 -10.54
CA LYS A 55 5.65 -3.80 -9.42
C LYS A 55 4.61 -2.69 -9.47
N PHE A 56 3.78 -2.63 -8.44
CA PHE A 56 2.72 -1.64 -8.33
C PHE A 56 3.27 -0.34 -7.76
N MET A 57 2.90 0.78 -8.39
CA MET A 57 3.46 2.05 -8.03
C MET A 57 2.40 3.07 -7.67
N GLY A 58 2.84 4.29 -7.40
CA GLY A 58 1.92 5.36 -7.10
C GLY A 58 2.64 6.63 -6.69
N ASN A 59 2.63 7.62 -7.57
CA ASN A 59 3.27 8.91 -7.26
C ASN A 59 2.36 9.74 -6.36
N PHE A 60 2.81 10.01 -5.14
CA PHE A 60 1.96 10.59 -4.11
C PHE A 60 2.05 12.10 -4.01
N ASN A 61 0.95 12.64 -3.54
CA ASN A 61 0.83 14.02 -3.16
C ASN A 61 0.16 14.08 -1.79
N VAL A 62 0.96 13.92 -0.75
CA VAL A 62 0.43 13.73 0.60
C VAL A 62 0.47 15.01 1.41
N LYS A 63 -0.52 15.16 2.28
CA LYS A 63 -0.46 16.15 3.34
C LYS A 63 -0.31 15.41 4.67
N GLU A 64 0.64 15.81 5.48
CA GLU A 64 0.88 15.09 6.71
C GLU A 64 1.54 15.96 7.79
N VAL A 65 1.16 15.65 9.01
CA VAL A 65 1.60 16.34 10.21
C VAL A 65 2.86 15.68 10.75
N ASP A 66 3.58 16.37 11.60
CA ASP A 66 4.64 15.75 12.37
C ASP A 66 4.12 15.45 13.75
N GLY A 67 4.79 14.59 14.49
CA GLY A 67 4.33 14.28 15.82
C GLY A 67 3.33 13.13 15.85
N CYS A 68 2.41 13.14 14.90
CA CYS A 68 1.38 12.11 14.79
C CYS A 68 2.03 10.86 14.26
N PHE A 69 3.02 11.08 13.42
CA PHE A 69 3.86 10.02 12.90
C PHE A 69 5.21 10.14 13.58
N MET A 70 5.21 10.75 14.77
CA MET A 70 6.43 11.01 15.51
C MET A 70 7.53 11.49 14.57
N ASP A 71 8.73 10.96 14.76
CA ASP A 71 9.82 11.15 13.84
C ASP A 71 10.05 9.94 12.98
N ALA A 72 10.18 8.82 13.65
CA ALA A 72 10.60 7.60 13.02
C ALA A 72 9.45 6.93 12.29
N GLN A 73 8.25 7.23 12.74
CA GLN A 73 7.06 6.73 12.09
C GLN A 73 6.89 7.45 10.76
N LYS A 74 7.25 8.72 10.76
CA LYS A 74 7.22 9.53 9.56
C LYS A 74 8.29 9.05 8.59
N ILE A 75 9.48 8.79 9.11
CA ILE A 75 10.51 8.09 8.35
C ILE A 75 9.98 6.80 7.76
N ALA A 76 9.29 6.02 8.60
CA ALA A 76 8.67 4.76 8.17
C ALA A 76 7.76 5.00 6.98
N ILE A 77 7.05 6.12 7.02
CA ILE A 77 6.07 6.47 6.01
C ILE A 77 6.75 6.99 4.76
N ASP A 78 7.83 7.74 4.94
CA ASP A 78 8.65 8.19 3.83
C ASP A 78 9.20 6.97 3.10
N LYS A 79 9.69 6.03 3.90
CA LYS A 79 10.15 4.74 3.39
C LYS A 79 9.03 4.04 2.61
N LEU A 80 7.86 3.95 3.22
CA LEU A 80 6.72 3.26 2.63
C LEU A 80 6.28 3.92 1.34
N PHE A 81 6.13 5.24 1.36
CA PHE A 81 5.63 5.96 0.19
C PHE A 81 6.63 5.94 -0.97
N SER A 82 7.91 5.94 -0.64
CA SER A 82 8.95 5.84 -1.66
C SER A 82 8.94 4.45 -2.29
N MET A 83 8.49 3.46 -1.51
CA MET A 83 8.44 2.07 -1.97
C MET A 83 7.51 1.90 -3.16
N LEU A 84 6.27 2.36 -3.03
CA LEU A 84 5.29 2.18 -4.10
C LEU A 84 5.83 2.82 -5.35
N LYS A 85 6.41 3.99 -5.17
CA LYS A 85 6.91 4.79 -6.26
C LYS A 85 8.10 4.13 -6.94
N ASP A 86 8.77 3.25 -6.21
CA ASP A 86 9.89 2.51 -6.78
C ASP A 86 9.38 1.23 -7.40
N GLY A 87 8.19 0.88 -6.97
CA GLY A 87 7.51 -0.29 -7.47
C GLY A 87 7.40 -1.36 -6.41
N VAL A 88 6.25 -1.43 -5.76
CA VAL A 88 6.01 -2.42 -4.74
C VAL A 88 5.08 -3.50 -5.29
N VAL A 89 5.47 -4.74 -5.12
CA VAL A 89 4.66 -5.84 -5.62
C VAL A 89 3.75 -6.36 -4.52
N LEU A 90 2.49 -6.50 -4.88
CA LEU A 90 1.49 -7.06 -3.98
C LEU A 90 1.51 -8.57 -4.14
N LYS A 91 1.85 -9.27 -3.06
CA LYS A 91 2.12 -10.70 -3.05
C LYS A 91 2.97 -11.02 -1.84
N GLY A 92 3.04 -12.29 -1.47
CA GLY A 92 3.86 -12.67 -0.34
C GLY A 92 4.34 -14.10 -0.43
N ASN A 93 5.04 -14.55 0.61
CA ASN A 93 5.53 -15.91 0.67
C ASN A 93 4.36 -16.88 0.81
N LYS A 94 3.52 -16.59 1.79
CA LYS A 94 2.33 -17.41 2.05
C LYS A 94 1.18 -16.50 2.46
N ILE A 95 0.14 -16.45 1.65
CA ILE A 95 -1.03 -15.63 1.93
C ILE A 95 -2.15 -15.99 0.94
N ASN A 96 -3.39 -15.62 1.25
CA ASN A 96 -4.52 -15.98 0.41
C ASN A 96 -5.40 -14.77 0.13
N ASP A 97 -6.26 -14.41 1.07
CA ASP A 97 -7.18 -13.29 0.90
C ASP A 97 -6.65 -12.07 1.64
N THR A 98 -5.42 -11.71 1.34
CA THR A 98 -4.79 -10.55 1.96
C THR A 98 -3.66 -10.04 1.07
N ILE A 99 -3.44 -8.73 1.09
CA ILE A 99 -2.46 -8.11 0.21
C ILE A 99 -1.17 -7.83 0.97
N LEU A 100 -0.04 -8.11 0.34
CA LEU A 100 1.26 -7.91 0.98
C LEU A 100 2.16 -7.05 0.10
N ILE A 101 2.95 -6.19 0.73
CA ILE A 101 3.74 -5.18 0.01
C ILE A 101 5.24 -5.50 0.03
N GLU A 102 5.82 -5.69 -1.16
CA GLU A 102 7.21 -6.09 -1.29
C GLU A 102 7.96 -5.19 -2.27
N LYS A 103 9.19 -4.81 -1.90
CA LYS A 103 10.10 -4.17 -2.84
C LYS A 103 11.51 -4.24 -2.25
N ASP A 104 12.50 -4.30 -3.14
CA ASP A 104 13.91 -4.55 -2.78
C ASP A 104 14.17 -6.04 -2.61
N GLY A 105 13.13 -6.84 -2.78
CA GLY A 105 13.29 -8.28 -2.72
C GLY A 105 12.65 -8.90 -1.49
N GLU A 106 12.31 -8.06 -0.52
CA GLU A 106 11.70 -8.54 0.72
C GLU A 106 10.43 -7.76 0.98
N VAL A 107 9.50 -8.41 1.65
CA VAL A 107 8.27 -7.76 2.05
C VAL A 107 8.51 -6.96 3.31
N LYS A 108 8.08 -5.73 3.30
CA LYS A 108 8.29 -4.85 4.43
C LYS A 108 6.99 -4.19 4.85
N LEU A 109 5.95 -4.45 4.09
CA LEU A 109 4.66 -3.85 4.35
C LEU A 109 3.56 -4.83 3.94
N LYS A 110 2.37 -4.66 4.49
CA LYS A 110 1.22 -5.46 4.09
C LYS A 110 -0.05 -4.62 4.12
N LEU A 111 -1.07 -5.07 3.43
CA LEU A 111 -2.40 -4.55 3.61
C LEU A 111 -3.19 -5.58 4.39
N ILE A 112 -3.52 -5.24 5.63
CA ILE A 112 -4.20 -6.11 6.58
C ILE A 112 -3.24 -7.10 7.22
N ARG A 113 -3.47 -7.38 8.50
CA ARG A 113 -2.78 -8.45 9.21
C ARG A 113 -3.28 -9.82 8.76
N GLY A 114 -3.13 -10.12 7.48
CA GLY A 114 -3.51 -11.42 6.98
C GLY A 114 -2.64 -12.50 7.56
N ILE A 115 -1.36 -12.24 7.54
CA ILE A 115 -0.38 -13.11 8.14
C ILE A 115 0.15 -12.49 9.44
C ACE B 1 -6.49 -14.33 -8.82
O ACE B 1 -7.18 -15.03 -9.57
CH3 ACE B 1 -7.14 -13.37 -7.86
H1 ACE B 1 -8.14 -13.70 -7.63
H2 ACE B 1 -7.18 -12.38 -8.31
H3 ACE B 1 -6.56 -13.32 -6.95
N SER B 2 -5.18 -14.36 -8.83
CA SER B 2 -4.43 -15.26 -9.71
C SER B 2 -3.17 -15.77 -9.03
N GLU B 3 -2.81 -15.16 -7.91
CA GLU B 3 -1.62 -15.55 -7.17
C GLU B 3 -1.90 -15.50 -5.66
N THR B 4 -0.89 -15.79 -4.85
CA THR B 4 -0.97 -15.71 -3.39
C THR B 4 -1.64 -14.40 -2.95
N THR B 5 -1.36 -13.36 -3.70
CA THR B 5 -2.06 -12.10 -3.57
C THR B 5 -2.28 -11.54 -4.96
N LEU B 6 -1.16 -11.46 -5.67
CA LEU B 6 -1.12 -10.94 -7.03
C LEU B 6 -1.37 -9.45 -7.03
N LEU B 7 -1.89 -8.96 -8.15
CA LEU B 7 -2.09 -7.52 -8.40
C LEU B 7 -0.85 -6.95 -9.07
N GLU B 8 -0.55 -7.55 -10.22
CA GLU B 8 0.56 -7.11 -11.06
C GLU B 8 0.00 -6.48 -12.33
N ASP B 9 -1.30 -6.61 -12.46
CA ASP B 9 -2.05 -6.01 -13.54
C ASP B 9 -3.15 -5.20 -12.93
N GLU B 10 -3.60 -4.14 -13.57
CA GLU B 10 -4.71 -3.37 -13.04
C GLU B 10 -5.94 -4.27 -12.98
N LYS B 11 -6.16 -5.00 -14.06
CA LYS B 11 -7.27 -5.94 -14.13
C LYS B 11 -7.26 -6.92 -12.97
N SER B 12 -6.11 -7.51 -12.70
CA SER B 12 -5.99 -8.51 -11.66
C SER B 12 -5.98 -7.86 -10.29
N LEU B 13 -5.70 -6.58 -10.28
CA LEU B 13 -5.57 -5.83 -9.05
C LEU B 13 -6.97 -5.51 -8.56
N VAL B 14 -7.77 -4.96 -9.46
CA VAL B 14 -9.13 -4.59 -9.14
C VAL B 14 -10.03 -5.80 -9.06
N SER B 15 -9.75 -6.82 -9.87
CA SER B 15 -10.49 -8.09 -9.80
C SER B 15 -10.34 -8.69 -8.42
N TYR B 16 -9.32 -8.25 -7.74
CA TYR B 16 -8.99 -8.73 -6.42
C TYR B 16 -9.46 -7.74 -5.36
N LEU B 17 -9.53 -6.47 -5.74
CA LEU B 17 -10.00 -5.42 -4.85
C LEU B 17 -11.52 -5.28 -4.85
N ASN B 18 -12.14 -5.39 -6.02
CA ASN B 18 -13.58 -5.12 -6.15
C ASN B 18 -14.42 -6.24 -5.54
N TYR B 19 -13.73 -7.26 -5.03
CA TYR B 19 -14.40 -8.42 -4.46
C TYR B 19 -15.33 -8.02 -3.31
N SER A 1 -16.78 -3.30 -13.23
CA SER A 1 -16.88 -2.17 -12.30
C SER A 1 -15.68 -2.14 -11.35
N SER A 2 -14.68 -1.35 -11.70
CA SER A 2 -13.47 -1.24 -10.89
C SER A 2 -13.72 -0.35 -9.67
N SER A 3 -14.71 0.53 -9.79
CA SER A 3 -15.04 1.47 -8.73
C SER A 3 -15.70 0.78 -7.55
N ASN A 4 -14.88 0.17 -6.71
CA ASN A 4 -15.35 -0.48 -5.50
C ASN A 4 -14.25 -0.41 -4.46
N SER A 5 -13.80 0.81 -4.19
CA SER A 5 -12.74 1.05 -3.24
C SER A 5 -13.31 1.22 -1.83
N GLU A 6 -12.87 2.28 -1.13
CA GLU A 6 -13.27 2.57 0.23
C GLU A 6 -13.13 1.33 1.11
N LYS A 7 -12.11 0.56 0.80
CA LYS A 7 -11.76 -0.62 1.50
C LYS A 7 -10.51 -0.38 2.33
N GLU A 8 -10.69 -0.23 3.63
CA GLU A 8 -9.62 0.19 4.51
C GLU A 8 -8.61 -0.92 4.75
N TRP A 9 -7.50 -0.87 4.03
CA TRP A 9 -6.39 -1.78 4.27
C TRP A 9 -5.50 -1.21 5.36
N HIS A 10 -5.42 -1.89 6.49
CA HIS A 10 -4.57 -1.44 7.59
C HIS A 10 -3.12 -1.83 7.30
N ILE A 11 -2.31 -0.85 6.94
CA ILE A 11 -0.94 -1.12 6.49
C ILE A 11 -0.09 -1.71 7.62
N VAL A 12 0.52 -2.84 7.33
CA VAL A 12 1.35 -3.57 8.28
C VAL A 12 2.82 -3.47 7.91
N PRO A 13 3.69 -3.18 8.88
CA PRO A 13 5.13 -3.18 8.66
C PRO A 13 5.74 -4.55 8.94
N VAL A 14 6.19 -5.21 7.88
CA VAL A 14 6.81 -6.52 8.00
C VAL A 14 8.26 -6.39 8.46
N SER A 15 9.01 -5.56 7.73
CA SER A 15 10.44 -5.48 7.91
C SER A 15 10.83 -4.64 9.12
N LYS A 16 12.12 -4.65 9.44
CA LYS A 16 12.64 -4.01 10.64
C LYS A 16 12.59 -2.50 10.52
N ASP A 17 13.03 -2.02 9.37
CA ASP A 17 13.15 -0.59 9.11
C ASP A 17 11.80 0.11 9.18
N TYR A 18 10.73 -0.68 9.11
CA TYR A 18 9.38 -0.12 9.08
C TYR A 18 8.63 -0.38 10.39
N PHE A 19 9.32 -0.94 11.37
CA PHE A 19 8.67 -1.22 12.64
C PHE A 19 8.17 0.05 13.33
N SER A 20 8.63 1.21 12.85
CA SER A 20 8.26 2.48 13.43
C SER A 20 7.00 3.09 12.79
N ILE A 21 6.44 2.43 11.76
CA ILE A 21 5.28 2.97 11.05
C ILE A 21 4.14 3.31 12.02
N PRO A 22 3.48 4.47 11.83
CA PRO A 22 2.51 5.07 12.77
C PRO A 22 1.43 4.16 13.34
N ASN A 23 0.61 4.78 14.19
CA ASN A 23 -0.48 4.11 14.90
C ASN A 23 -1.34 3.30 13.95
N ASP A 24 -1.85 3.93 12.91
CA ASP A 24 -2.84 3.32 12.05
C ASP A 24 -2.99 4.09 10.74
N LEU A 25 -2.45 3.53 9.68
CA LEU A 25 -2.62 4.09 8.35
C LEU A 25 -3.62 3.27 7.56
N LEU A 26 -4.49 3.94 6.84
CA LEU A 26 -5.50 3.28 6.04
C LEU A 26 -5.20 3.46 4.56
N TRP A 27 -4.94 2.35 3.91
CA TRP A 27 -4.71 2.35 2.48
C TRP A 27 -5.95 1.83 1.77
N SER A 28 -6.41 2.55 0.76
CA SER A 28 -7.42 2.03 -0.13
C SER A 28 -7.14 2.49 -1.53
N PHE A 29 -6.83 1.55 -2.43
CA PHE A 29 -6.64 1.89 -3.81
C PHE A 29 -7.95 2.41 -4.34
N ASN A 30 -7.98 3.64 -4.79
CA ASN A 30 -9.20 4.22 -5.30
C ASN A 30 -9.31 3.86 -6.76
N THR A 31 -10.02 2.79 -7.02
CA THR A 31 -10.17 2.28 -8.37
C THR A 31 -11.46 2.82 -8.99
N THR A 32 -12.09 3.71 -8.24
CA THR A 32 -13.28 4.40 -8.68
C THR A 32 -12.88 5.65 -9.46
N ASN A 33 -11.83 6.33 -8.98
CA ASN A 33 -11.27 7.49 -9.68
C ASN A 33 -9.94 7.11 -10.30
N LYS A 34 -9.50 5.89 -9.96
CA LYS A 34 -8.24 5.32 -10.41
C LYS A 34 -7.05 6.11 -9.89
N SER A 35 -6.86 6.03 -8.57
CA SER A 35 -5.82 6.75 -7.87
C SER A 35 -5.53 6.03 -6.55
N ILE A 36 -4.39 6.33 -5.95
CA ILE A 36 -4.01 5.73 -4.69
C ILE A 36 -4.35 6.67 -3.55
N ASN A 37 -5.24 6.27 -2.67
CA ASN A 37 -5.56 7.10 -1.53
C ASN A 37 -5.07 6.46 -0.25
N VAL A 38 -3.95 6.95 0.25
CA VAL A 38 -3.43 6.51 1.53
C VAL A 38 -3.72 7.59 2.56
N TYR A 39 -4.54 7.25 3.53
CA TYR A 39 -4.98 8.21 4.51
C TYR A 39 -5.03 7.59 5.89
N SER A 40 -5.01 8.43 6.89
CA SER A 40 -5.19 8.00 8.26
C SER A 40 -5.94 9.08 9.00
N LYS A 41 -6.01 8.93 10.30
CA LYS A 41 -6.60 9.94 11.16
C LYS A 41 -5.91 11.28 10.95
N CYS A 42 -4.67 11.22 10.46
CA CYS A 42 -3.87 12.42 10.23
C CYS A 42 -3.51 12.61 8.74
N ILE A 43 -2.77 11.66 8.17
CA ILE A 43 -2.27 11.80 6.78
C ILE A 43 -3.40 11.53 5.78
N SER A 44 -3.28 12.08 4.58
CA SER A 44 -4.31 11.94 3.57
C SER A 44 -3.75 12.32 2.20
N GLY A 45 -3.48 11.33 1.36
CA GLY A 45 -2.83 11.63 0.10
C GLY A 45 -3.44 10.95 -1.10
N LYS A 46 -3.02 11.41 -2.26
CA LYS A 46 -3.43 10.88 -3.55
C LYS A 46 -2.20 10.32 -4.25
N ALA A 47 -2.40 9.44 -5.22
CA ALA A 47 -1.30 8.95 -6.04
C ALA A 47 -1.82 8.36 -7.34
N VAL A 48 -1.03 8.43 -8.39
CA VAL A 48 -1.38 7.73 -9.60
C VAL A 48 -0.46 6.54 -9.78
N TYR A 49 -1.05 5.39 -9.98
CA TYR A 49 -0.31 4.14 -9.93
C TYR A 49 0.20 3.72 -11.31
N SER A 50 1.27 2.96 -11.28
CA SER A 50 1.90 2.44 -12.48
C SER A 50 2.40 1.02 -12.19
N PHE A 51 2.47 0.19 -13.21
CA PHE A 51 2.96 -1.16 -13.05
C PHE A 51 4.16 -1.42 -13.94
N ASN A 52 5.20 -1.99 -13.38
CA ASN A 52 6.36 -2.39 -14.17
C ASN A 52 6.85 -3.75 -13.72
N ALA A 53 6.65 -4.75 -14.58
CA ALA A 53 7.04 -6.14 -14.28
C ALA A 53 6.35 -6.62 -13.00
N GLY A 54 5.12 -6.16 -12.81
CA GLY A 54 4.35 -6.55 -11.64
C GLY A 54 4.58 -5.65 -10.45
N LYS A 55 5.56 -4.77 -10.56
CA LYS A 55 5.85 -3.82 -9.50
C LYS A 55 4.86 -2.67 -9.54
N PHE A 56 4.08 -2.56 -8.48
CA PHE A 56 3.04 -1.55 -8.35
C PHE A 56 3.62 -0.26 -7.76
N MET A 57 3.33 0.86 -8.42
CA MET A 57 3.86 2.13 -8.00
C MET A 57 2.76 3.16 -7.81
N GLY A 58 3.14 4.33 -7.33
CA GLY A 58 2.16 5.40 -7.16
C GLY A 58 2.82 6.77 -6.95
N ASN A 59 2.63 7.69 -7.89
CA ASN A 59 3.13 9.05 -7.70
C ASN A 59 2.26 9.77 -6.68
N PHE A 60 2.84 10.10 -5.53
CA PHE A 60 2.04 10.56 -4.41
C PHE A 60 1.93 12.07 -4.30
N ASN A 61 0.82 12.46 -3.70
CA ASN A 61 0.55 13.81 -3.29
C ASN A 61 -0.17 13.76 -1.96
N VAL A 62 0.58 13.66 -0.89
CA VAL A 62 0.01 13.40 0.43
C VAL A 62 -0.08 14.67 1.25
N LYS A 63 -1.19 14.81 1.97
CA LYS A 63 -1.38 15.88 2.92
C LYS A 63 -1.06 15.33 4.30
N GLU A 64 -0.08 15.92 4.97
CA GLU A 64 0.49 15.28 6.14
C GLU A 64 0.68 16.24 7.31
N VAL A 65 0.53 15.69 8.49
CA VAL A 65 0.71 16.40 9.75
C VAL A 65 2.05 15.99 10.36
N ASP A 66 2.55 16.78 11.29
CA ASP A 66 3.77 16.43 11.99
C ASP A 66 3.51 16.30 13.48
N GLY A 67 4.04 15.23 14.05
CA GLY A 67 3.76 14.91 15.43
C GLY A 67 2.84 13.71 15.57
N CYS A 68 2.11 13.41 14.51
CA CYS A 68 1.18 12.28 14.51
C CYS A 68 1.94 11.02 14.16
N PHE A 69 2.83 11.17 13.21
CA PHE A 69 3.72 10.10 12.81
C PHE A 69 5.04 10.27 13.57
N MET A 70 4.91 10.72 14.83
CA MET A 70 6.05 11.10 15.68
C MET A 70 7.20 11.69 14.86
N ASP A 71 8.28 10.94 14.75
CA ASP A 71 9.39 11.31 13.89
C ASP A 71 9.83 10.12 13.08
N ALA A 72 10.00 9.00 13.75
CA ALA A 72 10.51 7.81 13.11
C ALA A 72 9.41 7.14 12.30
N GLN A 73 8.19 7.41 12.71
CA GLN A 73 7.03 6.89 12.03
C GLN A 73 6.87 7.57 10.69
N LYS A 74 7.14 8.86 10.68
CA LYS A 74 7.16 9.63 9.45
C LYS A 74 8.26 9.12 8.54
N ILE A 75 9.44 8.87 9.10
CA ILE A 75 10.51 8.20 8.38
C ILE A 75 10.01 6.87 7.80
N ALA A 76 9.35 6.08 8.64
CA ALA A 76 8.74 4.82 8.23
C ALA A 76 7.84 5.02 7.01
N ILE A 77 7.10 6.10 7.04
CA ILE A 77 6.15 6.44 6.00
C ILE A 77 6.88 6.95 4.76
N ASP A 78 7.94 7.70 4.99
CA ASP A 78 8.80 8.17 3.90
C ASP A 78 9.37 6.97 3.18
N LYS A 79 9.80 6.00 3.98
CA LYS A 79 10.27 4.72 3.49
C LYS A 79 9.17 4.01 2.70
N LEU A 80 7.99 3.92 3.31
CA LEU A 80 6.85 3.23 2.72
C LEU A 80 6.44 3.85 1.39
N PHE A 81 6.32 5.16 1.36
CA PHE A 81 5.87 5.86 0.16
C PHE A 81 6.91 5.79 -0.95
N SER A 82 8.17 5.76 -0.57
CA SER A 82 9.25 5.61 -1.55
C SER A 82 9.22 4.20 -2.13
N MET A 83 8.72 3.24 -1.34
CA MET A 83 8.67 1.85 -1.76
C MET A 83 7.78 1.64 -2.97
N LEU A 84 6.54 2.13 -2.90
CA LEU A 84 5.59 1.94 -3.99
C LEU A 84 6.16 2.56 -5.23
N LYS A 85 6.72 3.74 -5.05
CA LYS A 85 7.22 4.53 -6.14
C LYS A 85 8.44 3.89 -6.78
N ASP A 86 9.12 3.04 -6.02
CA ASP A 86 10.27 2.33 -6.52
C ASP A 86 9.80 1.04 -7.16
N GLY A 87 8.59 0.67 -6.77
CA GLY A 87 7.93 -0.48 -7.33
C GLY A 87 7.71 -1.56 -6.30
N VAL A 88 6.54 -1.55 -5.68
CA VAL A 88 6.21 -2.54 -4.68
C VAL A 88 5.23 -3.54 -5.27
N VAL A 89 5.53 -4.81 -5.14
CA VAL A 89 4.67 -5.83 -5.69
C VAL A 89 3.76 -6.41 -4.62
N LEU A 90 2.48 -6.38 -4.92
CA LEU A 90 1.46 -6.97 -4.06
C LEU A 90 1.46 -8.47 -4.29
N LYS A 91 1.78 -9.23 -3.24
CA LYS A 91 2.04 -10.68 -3.34
C LYS A 91 2.91 -11.12 -2.18
N GLY A 92 3.00 -12.41 -2.00
CA GLY A 92 3.88 -12.98 -1.00
C GLY A 92 3.81 -14.49 -1.03
N ASN A 93 3.41 -15.06 0.09
CA ASN A 93 3.17 -16.50 0.16
C ASN A 93 2.15 -16.78 1.25
N LYS A 94 0.94 -17.16 0.82
CA LYS A 94 -0.17 -17.44 1.72
C LYS A 94 -0.72 -16.15 2.33
N ILE A 95 -1.87 -15.72 1.81
CA ILE A 95 -2.59 -14.59 2.37
C ILE A 95 -3.97 -15.04 2.80
N ASN A 96 -4.56 -14.35 3.77
CA ASN A 96 -5.91 -14.66 4.23
C ASN A 96 -6.75 -13.41 4.17
N ASP A 97 -7.27 -13.13 2.98
CA ASP A 97 -7.97 -11.86 2.72
C ASP A 97 -7.02 -10.72 2.98
N THR A 98 -5.80 -10.84 2.46
CA THR A 98 -4.75 -9.89 2.77
C THR A 98 -3.90 -9.59 1.56
N ILE A 99 -3.38 -8.37 1.49
CA ILE A 99 -2.49 -7.97 0.42
C ILE A 99 -1.11 -7.71 1.02
N LEU A 100 -0.05 -8.11 0.32
CA LEU A 100 1.29 -7.97 0.88
C LEU A 100 2.15 -7.06 0.00
N ILE A 101 2.99 -6.28 0.66
CA ILE A 101 3.80 -5.27 -0.03
C ILE A 101 5.29 -5.63 -0.05
N GLU A 102 5.82 -5.87 -1.24
CA GLU A 102 7.19 -6.32 -1.41
C GLU A 102 7.97 -5.40 -2.35
N LYS A 103 9.19 -5.06 -1.95
CA LYS A 103 10.13 -4.40 -2.86
C LYS A 103 11.54 -4.60 -2.30
N ASP A 104 12.51 -4.65 -3.20
CA ASP A 104 13.90 -5.00 -2.86
C ASP A 104 14.03 -6.50 -2.63
N GLY A 105 12.97 -7.24 -2.97
CA GLY A 105 13.01 -8.68 -2.85
C GLY A 105 12.42 -9.17 -1.55
N GLU A 106 12.16 -8.23 -0.65
CA GLU A 106 11.60 -8.57 0.65
C GLU A 106 10.24 -7.91 0.82
N VAL A 107 9.40 -8.55 1.59
CA VAL A 107 8.14 -7.94 1.99
C VAL A 107 8.40 -7.14 3.25
N LYS A 108 8.09 -5.87 3.20
CA LYS A 108 8.37 -4.99 4.30
C LYS A 108 7.10 -4.31 4.77
N LEU A 109 6.02 -4.55 4.05
CA LEU A 109 4.75 -3.95 4.36
C LEU A 109 3.63 -4.90 3.94
N LYS A 110 2.44 -4.71 4.49
CA LYS A 110 1.27 -5.45 4.05
C LYS A 110 0.05 -4.55 4.11
N LEU A 111 -0.98 -4.93 3.40
CA LEU A 111 -2.29 -4.33 3.57
C LEU A 111 -3.11 -5.28 4.41
N ILE A 112 -3.52 -4.82 5.59
CA ILE A 112 -4.33 -5.57 6.55
C ILE A 112 -3.46 -6.48 7.42
N ARG A 113 -3.85 -6.58 8.70
CA ARG A 113 -3.28 -7.57 9.61
C ARG A 113 -3.94 -8.93 9.35
N GLY A 114 -3.69 -9.49 8.18
CA GLY A 114 -4.25 -10.78 7.84
C GLY A 114 -3.39 -11.91 8.33
N ILE A 115 -2.55 -12.41 7.46
CA ILE A 115 -1.61 -13.46 7.77
C ILE A 115 -0.66 -13.04 8.89
C ACE B 1 -6.48 -14.04 -9.36
O ACE B 1 -7.12 -14.52 -10.29
CH3 ACE B 1 -7.14 -13.17 -8.32
H1 ACE B 1 -6.71 -12.18 -8.35
H2 ACE B 1 -6.99 -13.60 -7.34
H3 ACE B 1 -8.20 -13.11 -8.54
N SER B 2 -5.18 -14.23 -9.21
CA SER B 2 -4.40 -15.05 -10.13
C SER B 2 -3.15 -15.62 -9.46
N GLU B 3 -2.77 -15.00 -8.34
CA GLU B 3 -1.59 -15.40 -7.60
C GLU B 3 -1.91 -15.39 -6.10
N THR B 4 -0.91 -15.66 -5.25
CA THR B 4 -1.09 -15.64 -3.79
C THR B 4 -1.84 -14.40 -3.36
N THR B 5 -1.50 -13.30 -3.99
CA THR B 5 -2.22 -12.06 -3.79
C THR B 5 -2.44 -11.43 -5.14
N LEU B 6 -1.33 -11.28 -5.85
CA LEU B 6 -1.30 -10.70 -7.17
C LEU B 6 -1.54 -9.20 -7.10
N LEU B 7 -2.11 -8.66 -8.19
CA LEU B 7 -2.35 -7.22 -8.36
C LEU B 7 -1.15 -6.59 -9.03
N GLU B 8 -0.79 -7.18 -10.16
CA GLU B 8 0.32 -6.71 -10.98
C GLU B 8 -0.22 -6.01 -12.22
N ASP B 9 -1.52 -6.13 -12.37
CA ASP B 9 -2.24 -5.45 -13.43
C ASP B 9 -3.41 -4.74 -12.78
N GLU B 10 -3.88 -3.64 -13.35
CA GLU B 10 -5.03 -2.97 -12.76
C GLU B 10 -6.23 -3.91 -12.75
N LYS B 11 -6.45 -4.56 -13.89
CA LYS B 11 -7.54 -5.50 -14.06
C LYS B 11 -7.55 -6.53 -12.94
N SER B 12 -6.39 -7.08 -12.64
CA SER B 12 -6.27 -8.13 -11.64
C SER B 12 -6.23 -7.55 -10.24
N LEU B 13 -5.93 -6.27 -10.17
CA LEU B 13 -5.80 -5.56 -8.92
C LEU B 13 -7.19 -5.26 -8.41
N VAL B 14 -7.99 -4.69 -9.30
CA VAL B 14 -9.34 -4.33 -8.97
C VAL B 14 -10.21 -5.56 -8.88
N SER B 15 -9.95 -6.56 -9.71
CA SER B 15 -10.67 -7.83 -9.64
C SER B 15 -10.48 -8.45 -8.27
N TYR B 16 -9.43 -8.02 -7.60
CA TYR B 16 -9.10 -8.49 -6.29
C TYR B 16 -9.63 -7.54 -5.23
N LEU B 17 -9.74 -6.26 -5.60
CA LEU B 17 -10.24 -5.23 -4.71
C LEU B 17 -11.77 -5.11 -4.70
N ASN B 18 -12.38 -5.24 -5.87
CA ASN B 18 -13.82 -5.04 -6.02
C ASN B 18 -14.60 -6.32 -5.69
N TYR B 19 -13.91 -7.25 -5.05
CA TYR B 19 -14.47 -8.54 -4.68
C TYR B 19 -15.72 -8.37 -3.80
N SER A 1 -16.03 -1.68 -14.66
CA SER A 1 -16.61 -1.60 -13.30
C SER A 1 -15.51 -1.65 -12.24
N SER A 2 -14.41 -0.96 -12.48
CA SER A 2 -13.29 -0.96 -11.54
C SER A 2 -13.61 -0.08 -10.33
N SER A 3 -14.57 0.82 -10.50
CA SER A 3 -14.98 1.73 -9.45
C SER A 3 -15.60 0.99 -8.28
N ASN A 4 -15.00 1.16 -7.12
CA ASN A 4 -15.42 0.51 -5.90
C ASN A 4 -14.65 1.10 -4.73
N SER A 5 -13.36 0.76 -4.63
CA SER A 5 -12.47 1.28 -3.59
C SER A 5 -13.13 1.20 -2.20
N GLU A 6 -12.86 2.21 -1.37
CA GLU A 6 -13.37 2.31 -0.02
C GLU A 6 -13.01 1.08 0.80
N LYS A 7 -12.05 0.34 0.29
CA LYS A 7 -11.48 -0.79 0.93
C LYS A 7 -10.44 -0.35 1.96
N GLU A 8 -10.75 -0.54 3.23
CA GLU A 8 -9.85 -0.14 4.29
C GLU A 8 -8.76 -1.18 4.52
N TRP A 9 -7.62 -0.94 3.92
CA TRP A 9 -6.48 -1.83 4.13
C TRP A 9 -5.59 -1.24 5.23
N HIS A 10 -5.51 -1.92 6.38
CA HIS A 10 -4.63 -1.49 7.45
C HIS A 10 -3.20 -1.90 7.14
N ILE A 11 -2.32 -0.92 6.93
CA ILE A 11 -0.96 -1.20 6.51
C ILE A 11 -0.13 -1.81 7.64
N VAL A 12 0.60 -2.87 7.32
CA VAL A 12 1.39 -3.61 8.28
C VAL A 12 2.88 -3.55 7.96
N PRO A 13 3.72 -3.25 8.95
CA PRO A 13 5.18 -3.34 8.82
C PRO A 13 5.68 -4.77 8.99
N VAL A 14 6.41 -5.25 7.99
CA VAL A 14 7.00 -6.59 8.06
C VAL A 14 8.46 -6.50 8.50
N SER A 15 9.22 -5.69 7.78
CA SER A 15 10.65 -5.56 8.01
C SER A 15 10.95 -4.51 9.09
N LYS A 16 12.07 -4.71 9.77
CA LYS A 16 12.46 -3.95 10.96
C LYS A 16 12.51 -2.44 10.73
N ASP A 17 12.76 -2.01 9.49
CA ASP A 17 12.88 -0.61 9.17
C ASP A 17 11.53 0.09 9.26
N TYR A 18 10.47 -0.69 9.21
CA TYR A 18 9.13 -0.14 9.17
C TYR A 18 8.40 -0.39 10.47
N PHE A 19 9.10 -0.95 11.45
CA PHE A 19 8.48 -1.24 12.75
C PHE A 19 7.99 0.02 13.43
N SER A 20 8.40 1.18 12.90
CA SER A 20 8.04 2.44 13.49
C SER A 20 6.91 3.13 12.72
N ILE A 21 6.29 2.43 11.76
CA ILE A 21 5.17 3.01 11.02
C ILE A 21 4.04 3.39 11.98
N PRO A 22 3.43 4.59 11.76
CA PRO A 22 2.49 5.24 12.69
C PRO A 22 1.40 4.38 13.31
N ASN A 23 0.67 5.03 14.22
CA ASN A 23 -0.40 4.42 14.99
C ASN A 23 -1.25 3.46 14.16
N ASP A 24 -1.72 3.95 13.00
CA ASP A 24 -2.61 3.16 12.15
C ASP A 24 -2.90 3.95 10.87
N LEU A 25 -2.36 3.46 9.77
CA LEU A 25 -2.60 4.07 8.46
C LEU A 25 -3.63 3.26 7.70
N LEU A 26 -4.52 3.96 7.02
CA LEU A 26 -5.52 3.31 6.18
C LEU A 26 -5.18 3.47 4.72
N TRP A 27 -4.93 2.36 4.07
CA TRP A 27 -4.66 2.36 2.65
C TRP A 27 -5.93 1.98 1.91
N SER A 28 -6.29 2.75 0.91
CA SER A 28 -7.38 2.38 0.04
C SER A 28 -6.98 2.63 -1.40
N PHE A 29 -6.85 1.57 -2.18
CA PHE A 29 -6.62 1.75 -3.59
C PHE A 29 -7.91 2.28 -4.19
N ASN A 30 -7.84 3.45 -4.78
CA ASN A 30 -9.02 4.02 -5.40
C ASN A 30 -9.03 3.63 -6.86
N THR A 31 -9.73 2.56 -7.17
CA THR A 31 -9.77 2.03 -8.52
C THR A 31 -10.91 2.67 -9.31
N THR A 32 -11.58 3.63 -8.67
CA THR A 32 -12.69 4.32 -9.27
C THR A 32 -12.19 5.43 -10.19
N ASN A 33 -11.13 6.12 -9.77
CA ASN A 33 -10.47 7.09 -10.63
C ASN A 33 -9.00 6.72 -10.79
N LYS A 34 -8.72 5.49 -10.36
CA LYS A 34 -7.37 4.91 -10.35
C LYS A 34 -6.37 5.83 -9.66
N SER A 35 -6.46 5.83 -8.34
CA SER A 35 -5.62 6.64 -7.48
C SER A 35 -5.21 5.82 -6.27
N ILE A 36 -4.15 6.23 -5.60
CA ILE A 36 -3.77 5.60 -4.35
C ILE A 36 -4.10 6.54 -3.21
N ASN A 37 -5.07 6.18 -2.40
CA ASN A 37 -5.45 7.02 -1.28
C ASN A 37 -5.02 6.38 0.03
N VAL A 38 -3.91 6.87 0.56
CA VAL A 38 -3.41 6.40 1.84
C VAL A 38 -3.64 7.47 2.88
N TYR A 39 -4.48 7.18 3.86
CA TYR A 39 -4.90 8.19 4.81
C TYR A 39 -5.01 7.65 6.23
N SER A 40 -4.95 8.56 7.17
CA SER A 40 -5.14 8.26 8.57
C SER A 40 -5.82 9.47 9.20
N LYS A 41 -5.89 9.51 10.52
CA LYS A 41 -6.48 10.65 11.22
C LYS A 41 -5.75 11.94 10.83
N CYS A 42 -4.51 11.80 10.41
CA CYS A 42 -3.66 12.95 10.11
C CYS A 42 -3.28 13.02 8.61
N ILE A 43 -2.70 11.95 8.09
CA ILE A 43 -2.22 11.94 6.71
C ILE A 43 -3.37 11.63 5.74
N SER A 44 -3.27 12.13 4.53
CA SER A 44 -4.30 11.91 3.52
C SER A 44 -3.66 12.03 2.15
N GLY A 45 -3.43 10.90 1.50
CA GLY A 45 -2.66 10.91 0.29
C GLY A 45 -3.43 10.56 -0.95
N LYS A 46 -3.23 11.38 -1.97
CA LYS A 46 -3.67 11.04 -3.30
C LYS A 46 -2.45 10.64 -4.11
N ALA A 47 -2.66 9.74 -5.04
CA ALA A 47 -1.58 9.24 -5.88
C ALA A 47 -2.17 8.57 -7.09
N VAL A 48 -1.39 8.36 -8.12
CA VAL A 48 -1.83 7.54 -9.23
C VAL A 48 -0.86 6.40 -9.41
N TYR A 49 -1.40 5.22 -9.66
CA TYR A 49 -0.58 4.02 -9.68
C TYR A 49 -0.26 3.58 -11.10
N SER A 50 0.96 3.09 -11.24
CA SER A 50 1.47 2.62 -12.52
C SER A 50 2.18 1.28 -12.31
N PHE A 51 2.33 0.50 -13.36
CA PHE A 51 2.93 -0.81 -13.24
C PHE A 51 4.18 -0.96 -14.09
N ASN A 52 5.17 -1.63 -13.54
CA ASN A 52 6.38 -1.97 -14.27
C ASN A 52 6.93 -3.30 -13.76
N ALA A 53 6.85 -4.32 -14.59
CA ALA A 53 7.34 -5.66 -14.25
C ALA A 53 6.61 -6.24 -13.04
N GLY A 54 5.31 -5.98 -12.96
CA GLY A 54 4.51 -6.47 -11.86
C GLY A 54 4.64 -5.59 -10.63
N LYS A 55 5.52 -4.60 -10.70
CA LYS A 55 5.73 -3.69 -9.61
C LYS A 55 4.70 -2.56 -9.64
N PHE A 56 3.94 -2.48 -8.57
CA PHE A 56 2.89 -1.49 -8.42
C PHE A 56 3.45 -0.22 -7.76
N MET A 57 3.25 0.90 -8.44
CA MET A 57 3.81 2.16 -7.98
C MET A 57 2.71 3.18 -7.74
N GLY A 58 3.08 4.33 -7.17
CA GLY A 58 2.10 5.37 -6.91
C GLY A 58 2.75 6.66 -6.49
N ASN A 59 2.76 7.64 -7.39
CA ASN A 59 3.33 8.94 -7.07
C ASN A 59 2.32 9.78 -6.32
N PHE A 60 2.68 10.18 -5.11
CA PHE A 60 1.72 10.78 -4.18
C PHE A 60 1.75 12.30 -4.19
N ASN A 61 0.74 12.87 -3.58
CA ASN A 61 0.65 14.30 -3.33
C ASN A 61 0.04 14.50 -1.95
N VAL A 62 0.59 13.78 -1.00
CA VAL A 62 -0.03 13.60 0.31
C VAL A 62 -0.14 14.89 1.10
N LYS A 63 -1.25 14.99 1.82
CA LYS A 63 -1.45 16.02 2.82
C LYS A 63 -0.99 15.46 4.15
N GLU A 64 0.01 16.09 4.75
CA GLU A 64 0.72 15.46 5.85
C GLU A 64 1.02 16.43 6.99
N VAL A 65 0.99 15.87 8.17
CA VAL A 65 1.28 16.58 9.42
C VAL A 65 2.59 16.04 10.01
N ASP A 66 3.19 16.80 10.88
CA ASP A 66 4.37 16.32 11.59
C ASP A 66 4.04 16.23 13.07
N GLY A 67 4.59 15.23 13.73
CA GLY A 67 4.25 14.98 15.12
C GLY A 67 3.28 13.84 15.26
N CYS A 68 2.41 13.66 14.26
CA CYS A 68 1.43 12.58 14.28
C CYS A 68 2.10 11.31 13.85
N PHE A 69 3.04 11.45 12.94
CA PHE A 69 3.88 10.36 12.52
C PHE A 69 5.21 10.48 13.25
N MET A 70 5.15 11.08 14.44
CA MET A 70 6.34 11.34 15.25
C MET A 70 7.50 11.79 14.37
N ASP A 71 8.65 11.16 14.53
CA ASP A 71 9.76 11.38 13.63
C ASP A 71 10.05 10.10 12.88
N ALA A 72 10.07 9.00 13.62
CA ALA A 72 10.50 7.73 13.05
C ALA A 72 9.38 7.08 12.27
N GLN A 73 8.16 7.43 12.63
CA GLN A 73 6.99 6.91 11.94
C GLN A 73 6.91 7.56 10.57
N LYS A 74 7.29 8.83 10.55
CA LYS A 74 7.34 9.59 9.33
C LYS A 74 8.44 9.04 8.42
N ILE A 75 9.59 8.76 8.99
CA ILE A 75 10.64 8.01 8.30
C ILE A 75 10.09 6.72 7.74
N ALA A 76 9.37 5.97 8.57
CA ALA A 76 8.71 4.74 8.17
C ALA A 76 7.83 4.97 6.94
N ILE A 77 7.17 6.11 6.93
CA ILE A 77 6.23 6.47 5.88
C ILE A 77 6.96 6.95 4.63
N ASP A 78 8.06 7.66 4.85
CA ASP A 78 8.96 8.02 3.75
C ASP A 78 9.41 6.77 3.05
N LYS A 79 9.82 5.81 3.87
CA LYS A 79 10.21 4.49 3.40
C LYS A 79 9.06 3.80 2.67
N LEU A 80 7.88 3.78 3.30
CA LEU A 80 6.71 3.13 2.72
C LEU A 80 6.31 3.77 1.39
N PHE A 81 6.25 5.08 1.36
CA PHE A 81 5.75 5.78 0.18
C PHE A 81 6.73 5.74 -0.99
N SER A 82 8.02 5.73 -0.70
CA SER A 82 9.02 5.59 -1.74
C SER A 82 9.04 4.15 -2.27
N MET A 83 8.67 3.20 -1.43
CA MET A 83 8.60 1.80 -1.82
C MET A 83 7.68 1.60 -3.02
N LEU A 84 6.44 2.09 -2.92
CA LEU A 84 5.48 1.90 -3.99
C LEU A 84 6.03 2.47 -5.26
N LYS A 85 6.56 3.68 -5.14
CA LYS A 85 7.04 4.44 -6.27
C LYS A 85 8.24 3.78 -6.91
N ASP A 86 9.00 3.04 -6.11
CA ASP A 86 10.16 2.34 -6.62
C ASP A 86 9.69 1.04 -7.23
N GLY A 87 8.50 0.66 -6.84
CA GLY A 87 7.83 -0.49 -7.40
C GLY A 87 7.61 -1.57 -6.38
N VAL A 88 6.44 -1.55 -5.74
CA VAL A 88 6.11 -2.55 -4.74
C VAL A 88 5.12 -3.54 -5.36
N VAL A 89 5.37 -4.81 -5.20
CA VAL A 89 4.50 -5.83 -5.74
C VAL A 89 3.64 -6.44 -4.66
N LEU A 90 2.36 -6.44 -4.90
CA LEU A 90 1.38 -7.04 -4.00
C LEU A 90 1.42 -8.55 -4.17
N LYS A 91 1.74 -9.26 -3.08
CA LYS A 91 2.03 -10.70 -3.07
C LYS A 91 2.89 -11.00 -1.85
N GLY A 92 2.85 -12.22 -1.37
CA GLY A 92 3.67 -12.60 -0.24
C GLY A 92 4.20 -14.01 -0.36
N ASN A 93 4.66 -14.54 0.77
CA ASN A 93 5.19 -15.90 0.80
C ASN A 93 4.05 -16.91 0.75
N LYS A 94 3.02 -16.69 1.55
CA LYS A 94 1.85 -17.56 1.55
C LYS A 94 0.66 -16.86 2.17
N ILE A 95 -0.18 -16.29 1.32
CA ILE A 95 -1.38 -15.61 1.74
C ILE A 95 -2.48 -15.85 0.70
N ASN A 96 -3.71 -15.42 0.98
CA ASN A 96 -4.79 -15.57 0.02
C ASN A 96 -5.67 -14.31 -0.03
N ASP A 97 -6.58 -14.19 0.92
CA ASP A 97 -7.49 -13.04 0.96
C ASP A 97 -6.88 -11.91 1.78
N THR A 98 -5.64 -11.57 1.44
CA THR A 98 -4.93 -10.49 2.10
C THR A 98 -3.82 -9.98 1.18
N ILE A 99 -3.61 -8.66 1.16
CA ILE A 99 -2.63 -8.06 0.28
C ILE A 99 -1.31 -7.83 1.02
N LEU A 100 -0.20 -8.13 0.36
CA LEU A 100 1.11 -7.95 0.99
C LEU A 100 1.99 -7.09 0.09
N ILE A 101 2.78 -6.23 0.73
CA ILE A 101 3.60 -5.24 0.01
C ILE A 101 5.08 -5.63 0.01
N GLU A 102 5.63 -5.88 -1.16
CA GLU A 102 7.00 -6.33 -1.29
C GLU A 102 7.76 -5.51 -2.33
N LYS A 103 9.01 -5.15 -2.03
CA LYS A 103 9.90 -4.55 -3.03
C LYS A 103 11.35 -4.78 -2.60
N ASP A 104 12.22 -4.94 -3.60
CA ASP A 104 13.63 -5.33 -3.40
C ASP A 104 13.74 -6.83 -3.13
N GLY A 105 12.66 -7.56 -3.39
CA GLY A 105 12.67 -9.00 -3.20
C GLY A 105 12.22 -9.41 -1.81
N GLU A 106 11.76 -8.44 -1.02
CA GLU A 106 11.30 -8.73 0.32
C GLU A 106 9.97 -8.04 0.58
N VAL A 107 9.18 -8.64 1.43
CA VAL A 107 7.97 -8.00 1.91
C VAL A 107 8.30 -7.27 3.19
N LYS A 108 7.99 -6.00 3.22
CA LYS A 108 8.27 -5.20 4.40
C LYS A 108 7.04 -4.40 4.80
N LEU A 109 5.96 -4.60 4.05
CA LEU A 109 4.69 -3.97 4.33
C LEU A 109 3.57 -4.92 3.94
N LYS A 110 2.39 -4.74 4.51
CA LYS A 110 1.24 -5.54 4.12
C LYS A 110 -0.02 -4.69 4.18
N LEU A 111 -1.06 -5.14 3.50
CA LEU A 111 -2.39 -4.60 3.70
C LEU A 111 -3.19 -5.61 4.49
N ILE A 112 -3.59 -5.21 5.70
CA ILE A 112 -4.23 -6.08 6.66
C ILE A 112 -3.20 -6.94 7.39
N ARG A 113 -3.46 -7.18 8.66
CA ARG A 113 -2.62 -8.07 9.46
C ARG A 113 -2.98 -9.53 9.18
N GLY A 114 -2.82 -9.94 7.93
CA GLY A 114 -3.10 -11.31 7.55
C GLY A 114 -2.14 -12.29 8.18
N ILE A 115 -0.99 -12.43 7.53
CA ILE A 115 0.08 -13.26 8.04
C ILE A 115 0.75 -12.61 9.24
C ACE B 1 -6.38 -14.26 -8.23
O ACE B 1 -7.02 -15.30 -8.34
CH3 ACE B 1 -6.90 -13.12 -7.38
H1 ACE B 1 -6.70 -13.33 -6.35
H2 ACE B 1 -7.96 -13.02 -7.54
H3 ACE B 1 -6.39 -12.21 -7.67
N SER B 2 -5.22 -14.05 -8.84
CA SER B 2 -4.59 -15.07 -9.67
C SER B 2 -3.34 -15.63 -9.00
N GLU B 3 -2.97 -15.02 -7.89
CA GLU B 3 -1.79 -15.43 -7.14
C GLU B 3 -2.08 -15.35 -5.65
N THR B 4 -1.08 -15.60 -4.82
CA THR B 4 -1.19 -15.52 -3.37
C THR B 4 -1.88 -14.21 -2.96
N THR B 5 -1.53 -13.17 -3.68
CA THR B 5 -2.23 -11.90 -3.59
C THR B 5 -2.43 -11.39 -4.99
N LEU B 6 -1.30 -11.33 -5.69
CA LEU B 6 -1.21 -10.83 -7.04
C LEU B 6 -1.43 -9.34 -7.06
N LEU B 7 -1.92 -8.84 -8.20
CA LEU B 7 -2.15 -7.41 -8.45
C LEU B 7 -0.91 -6.79 -9.06
N GLU B 8 -0.51 -7.38 -10.17
CA GLU B 8 0.66 -6.92 -10.92
C GLU B 8 0.21 -6.21 -12.18
N ASP B 9 -1.08 -6.31 -12.43
CA ASP B 9 -1.71 -5.59 -13.52
C ASP B 9 -2.99 -4.98 -12.98
N GLU B 10 -3.42 -3.87 -13.54
CA GLU B 10 -4.62 -3.21 -13.06
C GLU B 10 -5.81 -4.17 -13.15
N LYS B 11 -5.88 -4.86 -14.28
CA LYS B 11 -6.90 -5.87 -14.54
C LYS B 11 -7.06 -6.84 -13.38
N SER B 12 -5.95 -7.33 -12.87
CA SER B 12 -5.97 -8.31 -11.80
C SER B 12 -5.99 -7.64 -10.44
N LEU B 13 -5.63 -6.37 -10.41
CA LEU B 13 -5.51 -5.64 -9.18
C LEU B 13 -6.89 -5.28 -8.72
N VAL B 14 -7.64 -4.70 -9.64
CA VAL B 14 -8.97 -4.24 -9.33
C VAL B 14 -9.92 -5.40 -9.26
N SER B 15 -9.67 -6.43 -10.06
CA SER B 15 -10.47 -7.66 -9.99
C SER B 15 -10.38 -8.26 -8.59
N TYR B 16 -9.33 -7.87 -7.89
CA TYR B 16 -9.08 -8.35 -6.55
C TYR B 16 -9.63 -7.36 -5.53
N LEU B 17 -9.68 -6.09 -5.91
CA LEU B 17 -10.16 -5.03 -5.04
C LEU B 17 -11.67 -4.80 -5.16
N ASN B 18 -12.21 -4.91 -6.36
CA ASN B 18 -13.63 -4.64 -6.59
C ASN B 18 -14.49 -5.83 -6.21
N TYR B 19 -13.87 -6.79 -5.54
CA TYR B 19 -14.53 -8.01 -5.10
C TYR B 19 -15.74 -7.68 -4.23
N SER A 1 -17.97 -5.18 -8.99
CA SER A 1 -18.11 -3.71 -8.96
C SER A 1 -16.74 -3.05 -8.79
N SER A 2 -16.01 -2.92 -9.89
CA SER A 2 -14.65 -2.40 -9.87
C SER A 2 -14.62 -0.97 -9.35
N SER A 3 -15.58 -0.17 -9.78
CA SER A 3 -15.67 1.22 -9.35
C SER A 3 -16.49 1.35 -8.07
N ASN A 4 -15.83 1.05 -6.96
CA ASN A 4 -16.39 1.26 -5.64
C ASN A 4 -15.26 1.57 -4.66
N SER A 5 -14.32 0.64 -4.54
CA SER A 5 -13.16 0.79 -3.67
C SER A 5 -13.60 1.12 -2.23
N GLU A 6 -12.99 2.16 -1.65
CA GLU A 6 -13.17 2.55 -0.27
C GLU A 6 -12.99 1.36 0.68
N LYS A 7 -12.23 0.39 0.21
CA LYS A 7 -11.79 -0.74 0.98
C LYS A 7 -10.61 -0.34 1.85
N GLU A 8 -10.83 -0.16 3.15
CA GLU A 8 -9.80 0.32 4.03
C GLU A 8 -8.82 -0.80 4.41
N TRP A 9 -7.60 -0.69 3.90
CA TRP A 9 -6.55 -1.63 4.23
C TRP A 9 -5.69 -1.07 5.36
N HIS A 10 -5.55 -1.84 6.43
CA HIS A 10 -4.70 -1.45 7.55
C HIS A 10 -3.25 -1.81 7.26
N ILE A 11 -2.41 -0.81 6.98
CA ILE A 11 -1.03 -1.06 6.59
C ILE A 11 -0.22 -1.66 7.74
N VAL A 12 0.54 -2.68 7.41
CA VAL A 12 1.32 -3.42 8.40
C VAL A 12 2.80 -3.34 8.08
N PRO A 13 3.64 -3.10 9.08
CA PRO A 13 5.09 -3.09 8.91
C PRO A 13 5.67 -4.49 9.10
N VAL A 14 6.18 -5.05 8.01
CA VAL A 14 6.75 -6.40 8.04
C VAL A 14 8.23 -6.37 8.39
N SER A 15 8.97 -5.52 7.71
CA SER A 15 10.42 -5.53 7.83
C SER A 15 10.91 -4.63 8.96
N LYS A 16 12.08 -4.95 9.47
CA LYS A 16 12.66 -4.29 10.63
C LYS A 16 12.61 -2.77 10.52
N ASP A 17 13.03 -2.28 9.37
CA ASP A 17 13.18 -0.83 9.16
C ASP A 17 11.84 -0.10 9.23
N TYR A 18 10.74 -0.84 9.09
CA TYR A 18 9.42 -0.24 9.07
C TYR A 18 8.68 -0.49 10.37
N PHE A 19 9.33 -1.09 11.36
CA PHE A 19 8.68 -1.40 12.63
C PHE A 19 8.15 -0.14 13.33
N SER A 20 8.55 1.03 12.85
CA SER A 20 8.13 2.27 13.46
C SER A 20 6.89 2.86 12.78
N ILE A 21 6.38 2.20 11.73
CA ILE A 21 5.23 2.72 10.97
C ILE A 21 4.07 3.08 11.91
N PRO A 22 3.50 4.29 11.71
CA PRO A 22 2.58 4.95 12.65
C PRO A 22 1.36 4.16 13.12
N ASN A 23 0.71 4.81 14.10
CA ASN A 23 -0.41 4.28 14.87
C ASN A 23 -1.42 3.52 14.03
N ASP A 24 -1.76 4.07 12.86
CA ASP A 24 -2.80 3.50 12.01
C ASP A 24 -2.87 4.24 10.69
N LEU A 25 -2.38 3.61 9.64
CA LEU A 25 -2.51 4.14 8.29
C LEU A 25 -3.54 3.34 7.52
N LEU A 26 -4.45 4.05 6.88
CA LEU A 26 -5.46 3.39 6.07
C LEU A 26 -5.13 3.57 4.60
N TRP A 27 -4.89 2.46 3.94
CA TRP A 27 -4.62 2.45 2.52
C TRP A 27 -5.85 1.95 1.78
N SER A 28 -6.15 2.57 0.66
CA SER A 28 -7.20 2.08 -0.21
C SER A 28 -6.94 2.51 -1.63
N PHE A 29 -6.69 1.56 -2.52
CA PHE A 29 -6.56 1.91 -3.92
C PHE A 29 -7.95 2.22 -4.44
N ASN A 30 -8.17 3.42 -4.91
CA ASN A 30 -9.46 3.77 -5.49
C ASN A 30 -9.47 3.32 -6.93
N THR A 31 -10.03 2.14 -7.15
CA THR A 31 -10.02 1.51 -8.45
C THR A 31 -11.15 2.03 -9.32
N THR A 32 -11.79 3.07 -8.84
CA THR A 32 -12.86 3.74 -9.54
C THR A 32 -12.29 4.86 -10.40
N ASN A 33 -11.25 5.50 -9.89
CA ASN A 33 -10.57 6.58 -10.59
C ASN A 33 -9.10 6.22 -10.78
N LYS A 34 -8.84 4.91 -10.63
CA LYS A 34 -7.49 4.33 -10.53
C LYS A 34 -6.51 5.26 -9.81
N SER A 35 -6.90 5.71 -8.64
CA SER A 35 -6.08 6.58 -7.83
C SER A 35 -5.90 6.00 -6.44
N ILE A 36 -4.71 6.12 -5.91
CA ILE A 36 -4.41 5.61 -4.58
C ILE A 36 -4.95 6.58 -3.53
N ASN A 37 -5.56 6.06 -2.48
CA ASN A 37 -5.97 6.87 -1.36
C ASN A 37 -5.37 6.34 -0.06
N VAL A 38 -4.34 6.99 0.41
CA VAL A 38 -3.71 6.61 1.67
C VAL A 38 -3.99 7.69 2.70
N TYR A 39 -4.71 7.35 3.74
CA TYR A 39 -5.12 8.32 4.73
C TYR A 39 -5.08 7.75 6.13
N SER A 40 -4.78 8.63 7.07
CA SER A 40 -4.83 8.30 8.47
C SER A 40 -5.53 9.44 9.18
N LYS A 41 -5.49 9.46 10.50
CA LYS A 41 -6.09 10.53 11.27
C LYS A 41 -5.44 11.87 10.90
N CYS A 42 -4.26 11.79 10.27
CA CYS A 42 -3.45 12.97 10.00
C CYS A 42 -3.00 13.06 8.54
N ILE A 43 -2.45 11.97 8.00
CA ILE A 43 -1.91 11.99 6.64
C ILE A 43 -3.01 11.70 5.63
N SER A 44 -2.91 12.31 4.46
CA SER A 44 -3.95 12.21 3.44
C SER A 44 -3.33 12.33 2.06
N GLY A 45 -3.19 11.22 1.36
CA GLY A 45 -2.52 11.26 0.07
C GLY A 45 -3.21 10.48 -1.01
N LYS A 46 -3.30 11.11 -2.16
CA LYS A 46 -3.80 10.47 -3.36
C LYS A 46 -2.62 10.12 -4.26
N ALA A 47 -2.82 9.24 -5.21
CA ALA A 47 -1.76 8.86 -6.13
C ALA A 47 -2.34 8.30 -7.42
N VAL A 48 -1.58 8.37 -8.49
CA VAL A 48 -1.93 7.66 -9.72
C VAL A 48 -0.92 6.55 -9.89
N TYR A 49 -1.39 5.35 -10.19
CA TYR A 49 -0.51 4.21 -10.17
C TYR A 49 -0.14 3.70 -11.56
N SER A 50 1.02 3.08 -11.62
CA SER A 50 1.55 2.49 -12.85
C SER A 50 2.21 1.16 -12.51
N PHE A 51 2.42 0.32 -13.51
CA PHE A 51 3.01 -0.99 -13.28
C PHE A 51 4.23 -1.22 -14.15
N ASN A 52 5.29 -1.75 -13.55
CA ASN A 52 6.48 -2.13 -14.30
C ASN A 52 6.90 -3.54 -13.89
N ALA A 53 6.73 -4.49 -14.81
CA ALA A 53 7.07 -5.90 -14.57
C ALA A 53 6.38 -6.44 -13.31
N GLY A 54 5.15 -5.99 -13.07
CA GLY A 54 4.42 -6.44 -11.92
C GLY A 54 4.61 -5.55 -10.70
N LYS A 55 5.60 -4.67 -10.76
CA LYS A 55 5.84 -3.74 -9.68
C LYS A 55 4.82 -2.61 -9.70
N PHE A 56 4.12 -2.47 -8.60
CA PHE A 56 3.07 -1.46 -8.48
C PHE A 56 3.64 -0.16 -7.93
N MET A 57 3.42 0.92 -8.66
CA MET A 57 3.94 2.23 -8.29
C MET A 57 2.84 3.26 -8.25
N GLY A 58 3.02 4.29 -7.43
CA GLY A 58 2.03 5.34 -7.33
C GLY A 58 2.62 6.66 -6.90
N ASN A 59 2.57 7.66 -7.75
CA ASN A 59 3.11 8.98 -7.40
C ASN A 59 2.10 9.73 -6.53
N PHE A 60 2.52 10.07 -5.32
CA PHE A 60 1.59 10.55 -4.31
C PHE A 60 1.49 12.07 -4.24
N ASN A 61 0.33 12.48 -3.74
CA ASN A 61 0.08 13.84 -3.31
C ASN A 61 -0.46 13.79 -1.90
N VAL A 62 0.43 13.79 -0.94
CA VAL A 62 0.05 13.56 0.44
C VAL A 62 0.10 14.84 1.26
N LYS A 63 -0.93 15.05 2.06
CA LYS A 63 -0.92 16.07 3.07
C LYS A 63 -0.47 15.42 4.37
N GLU A 64 0.37 16.09 5.13
CA GLU A 64 1.08 15.42 6.20
C GLU A 64 1.37 16.36 7.36
N VAL A 65 1.36 15.77 8.52
CA VAL A 65 1.61 16.46 9.79
C VAL A 65 2.88 15.90 10.43
N ASP A 66 3.48 16.65 11.33
CA ASP A 66 4.59 16.15 12.10
C ASP A 66 4.15 15.93 13.54
N GLY A 67 4.64 14.87 14.15
CA GLY A 67 4.24 14.57 15.51
C GLY A 67 3.21 13.45 15.59
N CYS A 68 2.41 13.32 14.54
CA CYS A 68 1.36 12.31 14.50
C CYS A 68 1.97 10.99 14.07
N PHE A 69 2.95 11.11 13.20
CA PHE A 69 3.78 9.99 12.81
C PHE A 69 5.09 10.10 13.58
N MET A 70 5.00 10.69 14.78
CA MET A 70 6.17 11.03 15.59
C MET A 70 7.30 11.56 14.73
N ASP A 71 8.42 10.87 14.75
CA ASP A 71 9.54 11.17 13.87
C ASP A 71 9.93 9.94 13.09
N ALA A 72 10.00 8.81 13.78
CA ALA A 72 10.51 7.60 13.17
C ALA A 72 9.42 6.91 12.39
N GLN A 73 8.19 7.18 12.79
CA GLN A 73 7.04 6.64 12.09
C GLN A 73 6.89 7.34 10.76
N LYS A 74 7.17 8.64 10.78
CA LYS A 74 7.21 9.44 9.56
C LYS A 74 8.25 8.89 8.61
N ILE A 75 9.46 8.69 9.12
CA ILE A 75 10.51 7.98 8.40
C ILE A 75 9.99 6.67 7.81
N ALA A 76 9.29 5.89 8.64
CA ALA A 76 8.67 4.65 8.20
C ALA A 76 7.79 4.89 6.98
N ILE A 77 7.09 6.01 7.01
CA ILE A 77 6.15 6.38 5.96
C ILE A 77 6.90 6.88 4.73
N ASP A 78 7.98 7.60 4.96
CA ASP A 78 8.88 7.99 3.88
C ASP A 78 9.37 6.74 3.16
N LYS A 79 9.78 5.79 3.97
CA LYS A 79 10.20 4.48 3.50
C LYS A 79 9.07 3.82 2.71
N LEU A 80 7.88 3.79 3.29
CA LEU A 80 6.72 3.13 2.69
C LEU A 80 6.33 3.79 1.37
N PHE A 81 6.23 5.11 1.35
CA PHE A 81 5.77 5.80 0.15
C PHE A 81 6.79 5.74 -0.99
N SER A 82 8.07 5.71 -0.65
CA SER A 82 9.12 5.57 -1.66
C SER A 82 9.09 4.17 -2.23
N MET A 83 8.64 3.20 -1.42
CA MET A 83 8.56 1.81 -1.84
C MET A 83 7.66 1.62 -3.04
N LEU A 84 6.43 2.12 -2.95
CA LEU A 84 5.47 1.91 -4.03
C LEU A 84 6.03 2.52 -5.29
N LYS A 85 6.56 3.72 -5.12
CA LYS A 85 7.04 4.51 -6.24
C LYS A 85 8.30 3.89 -6.83
N ASP A 86 9.01 3.10 -6.03
CA ASP A 86 10.19 2.40 -6.52
C ASP A 86 9.75 1.10 -7.14
N GLY A 87 8.54 0.71 -6.78
CA GLY A 87 7.90 -0.44 -7.35
C GLY A 87 7.69 -1.54 -6.33
N VAL A 88 6.55 -1.48 -5.65
CA VAL A 88 6.21 -2.49 -4.66
C VAL A 88 5.26 -3.50 -5.30
N VAL A 89 5.50 -4.77 -5.09
CA VAL A 89 4.64 -5.78 -5.64
C VAL A 89 3.80 -6.44 -4.55
N LEU A 90 2.50 -6.45 -4.79
CA LEU A 90 1.54 -7.06 -3.89
C LEU A 90 1.59 -8.57 -4.10
N LYS A 91 1.83 -9.33 -3.01
CA LYS A 91 2.10 -10.78 -3.08
C LYS A 91 2.92 -11.20 -1.88
N GLY A 92 2.87 -12.47 -1.54
CA GLY A 92 3.69 -13.00 -0.46
C GLY A 92 3.37 -14.46 -0.15
N ASN A 93 4.17 -15.35 -0.74
CA ASN A 93 4.05 -16.80 -0.50
C ASN A 93 2.63 -17.30 -0.76
N LYS A 94 1.89 -17.54 0.31
CA LYS A 94 0.47 -17.90 0.21
C LYS A 94 -0.32 -17.26 1.35
N ILE A 95 -0.96 -16.14 1.05
CA ILE A 95 -1.75 -15.42 2.04
C ILE A 95 -3.23 -15.41 1.65
N ASN A 96 -3.48 -15.46 0.35
CA ASN A 96 -4.84 -15.62 -0.21
C ASN A 96 -5.69 -14.35 -0.07
N ASP A 97 -6.20 -14.09 1.13
CA ASP A 97 -7.16 -13.00 1.33
C ASP A 97 -6.51 -11.80 2.01
N THR A 98 -5.29 -11.49 1.63
CA THR A 98 -4.60 -10.33 2.18
C THR A 98 -3.55 -9.82 1.20
N ILE A 99 -3.37 -8.52 1.17
CA ILE A 99 -2.43 -7.90 0.25
C ILE A 99 -1.10 -7.64 0.96
N LEU A 100 0.00 -8.04 0.36
CA LEU A 100 1.30 -7.90 0.99
C LEU A 100 2.19 -6.99 0.15
N ILE A 101 2.92 -6.12 0.81
CA ILE A 101 3.73 -5.09 0.14
C ILE A 101 5.22 -5.43 0.18
N GLU A 102 5.80 -5.74 -0.97
CA GLU A 102 7.18 -6.18 -1.04
C GLU A 102 7.95 -5.41 -2.11
N LYS A 103 9.19 -5.06 -1.79
CA LYS A 103 10.13 -4.48 -2.75
C LYS A 103 11.52 -4.55 -2.16
N ASP A 104 12.54 -4.65 -3.02
CA ASP A 104 13.94 -4.87 -2.62
C ASP A 104 14.22 -6.35 -2.44
N GLY A 105 13.22 -7.18 -2.66
CA GLY A 105 13.39 -8.62 -2.52
C GLY A 105 12.87 -9.15 -1.20
N GLU A 106 11.99 -8.39 -0.56
CA GLU A 106 11.36 -8.82 0.68
C GLU A 106 10.13 -7.99 0.95
N VAL A 107 9.18 -8.58 1.64
CA VAL A 107 8.00 -7.87 2.08
C VAL A 107 8.36 -7.04 3.31
N LYS A 108 7.97 -5.78 3.30
CA LYS A 108 8.27 -4.90 4.41
C LYS A 108 7.02 -4.18 4.87
N LEU A 109 5.94 -4.37 4.12
CA LEU A 109 4.69 -3.71 4.43
C LEU A 109 3.55 -4.62 4.03
N LYS A 110 2.35 -4.36 4.52
CA LYS A 110 1.18 -5.10 4.10
C LYS A 110 -0.05 -4.23 4.06
N LEU A 111 -1.05 -4.71 3.36
CA LEU A 111 -2.39 -4.21 3.51
C LEU A 111 -3.17 -5.21 4.34
N ILE A 112 -3.72 -4.75 5.46
CA ILE A 112 -4.47 -5.56 6.41
C ILE A 112 -3.53 -6.23 7.43
N ARG A 113 -4.07 -6.48 8.63
CA ARG A 113 -3.36 -7.00 9.82
C ARG A 113 -2.25 -8.01 9.48
N GLY A 114 -1.20 -7.98 10.31
CA GLY A 114 0.03 -8.69 10.04
C GLY A 114 -0.11 -10.18 9.97
N ILE A 115 0.86 -10.79 9.33
CA ILE A 115 0.91 -12.23 9.19
C ILE A 115 1.79 -12.84 10.26
C ACE B 1 -6.59 -13.85 -9.20
O ACE B 1 -7.16 -14.26 -10.23
CH3 ACE B 1 -7.27 -12.87 -8.29
H1 ACE B 1 -6.53 -12.29 -7.76
H2 ACE B 1 -7.87 -13.40 -7.57
H3 ACE B 1 -7.90 -12.21 -8.86
N SER B 2 -5.38 -14.24 -8.85
CA SER B 2 -4.61 -15.19 -9.65
C SER B 2 -3.43 -15.74 -8.85
N GLU B 3 -3.03 -15.01 -7.82
CA GLU B 3 -1.84 -15.36 -7.05
C GLU B 3 -2.14 -15.20 -5.55
N THR B 4 -1.16 -15.50 -4.70
CA THR B 4 -1.28 -15.37 -3.25
C THR B 4 -1.94 -14.04 -2.89
N THR B 5 -1.52 -13.02 -3.58
CA THR B 5 -2.13 -11.72 -3.49
C THR B 5 -2.33 -11.20 -4.90
N LEU B 6 -1.22 -11.22 -5.64
CA LEU B 6 -1.16 -10.73 -6.99
C LEU B 6 -1.32 -9.22 -7.03
N LEU B 7 -1.89 -8.72 -8.14
CA LEU B 7 -2.09 -7.29 -8.36
C LEU B 7 -0.86 -6.71 -9.04
N GLU B 8 -0.54 -7.29 -10.17
CA GLU B 8 0.60 -6.88 -10.99
C GLU B 8 0.12 -6.15 -12.22
N ASP B 9 -1.19 -6.11 -12.35
CA ASP B 9 -1.87 -5.36 -13.40
C ASP B 9 -3.08 -4.72 -12.79
N GLU B 10 -3.59 -3.67 -13.40
CA GLU B 10 -4.78 -3.01 -12.87
C GLU B 10 -5.94 -4.00 -12.88
N LYS B 11 -6.11 -4.66 -14.02
CA LYS B 11 -7.18 -5.63 -14.22
C LYS B 11 -7.26 -6.63 -13.07
N SER B 12 -6.13 -7.17 -12.68
CA SER B 12 -6.09 -8.19 -11.63
C SER B 12 -6.03 -7.56 -10.26
N LEU B 13 -5.65 -6.29 -10.22
CA LEU B 13 -5.52 -5.56 -8.98
C LEU B 13 -6.91 -5.22 -8.48
N VAL B 14 -7.69 -4.65 -9.39
CA VAL B 14 -9.03 -4.22 -9.05
C VAL B 14 -9.96 -5.40 -8.95
N SER B 15 -9.72 -6.44 -9.75
CA SER B 15 -10.48 -7.67 -9.65
C SER B 15 -10.32 -8.29 -8.28
N TYR B 16 -9.23 -7.91 -7.62
CA TYR B 16 -8.92 -8.42 -6.30
C TYR B 16 -9.40 -7.44 -5.23
N LEU B 17 -9.44 -6.16 -5.59
CA LEU B 17 -9.88 -5.11 -4.67
C LEU B 17 -11.39 -4.96 -4.63
N ASN B 18 -12.04 -5.21 -5.74
CA ASN B 18 -13.49 -5.06 -5.80
C ASN B 18 -14.17 -6.34 -5.35
N TYR B 19 -13.54 -7.47 -5.69
CA TYR B 19 -14.04 -8.84 -5.41
C TYR B 19 -15.55 -8.89 -5.19
N SER A 1 -18.34 -1.63 -14.19
CA SER A 1 -17.01 -2.26 -14.27
C SER A 1 -16.03 -1.50 -13.38
N SER A 2 -15.33 -2.23 -12.51
CA SER A 2 -14.40 -1.65 -11.54
C SER A 2 -15.07 -0.51 -10.76
N SER A 3 -14.29 0.45 -10.29
CA SER A 3 -14.78 1.62 -9.57
C SER A 3 -15.74 1.26 -8.43
N ASN A 4 -15.24 0.47 -7.49
CA ASN A 4 -15.96 0.19 -6.26
C ASN A 4 -14.98 -0.31 -5.19
N SER A 5 -13.95 0.50 -4.96
CA SER A 5 -12.94 0.15 -3.97
C SER A 5 -13.48 0.38 -2.55
N GLU A 6 -13.08 1.51 -1.96
CA GLU A 6 -13.44 1.90 -0.62
C GLU A 6 -13.18 0.79 0.41
N LYS A 7 -12.23 -0.08 0.10
CA LYS A 7 -11.83 -1.12 1.01
C LYS A 7 -10.74 -0.62 1.95
N GLU A 8 -11.03 -0.62 3.24
CA GLU A 8 -10.10 -0.14 4.25
C GLU A 8 -9.00 -1.17 4.51
N TRP A 9 -7.84 -0.97 3.89
CA TRP A 9 -6.68 -1.80 4.17
C TRP A 9 -5.86 -1.19 5.32
N HIS A 10 -5.43 -2.02 6.26
CA HIS A 10 -4.55 -1.54 7.33
C HIS A 10 -3.11 -1.83 6.98
N ILE A 11 -2.30 -0.79 6.82
CA ILE A 11 -0.91 -0.98 6.43
C ILE A 11 -0.09 -1.57 7.57
N VAL A 12 0.50 -2.72 7.29
CA VAL A 12 1.29 -3.46 8.27
C VAL A 12 2.77 -3.39 7.94
N PRO A 13 3.63 -3.14 8.92
CA PRO A 13 5.06 -3.17 8.72
C PRO A 13 5.64 -4.57 8.94
N VAL A 14 6.28 -5.09 7.90
CA VAL A 14 6.91 -6.41 7.97
C VAL A 14 8.40 -6.26 8.32
N SER A 15 9.07 -5.37 7.59
CA SER A 15 10.49 -5.18 7.74
C SER A 15 10.82 -4.48 9.05
N LYS A 16 12.05 -4.70 9.50
CA LYS A 16 12.51 -4.24 10.79
C LYS A 16 12.69 -2.73 10.78
N ASP A 17 12.88 -2.19 9.60
CA ASP A 17 13.10 -0.77 9.42
C ASP A 17 11.77 -0.02 9.40
N TYR A 18 10.68 -0.76 9.16
CA TYR A 18 9.36 -0.16 9.08
C TYR A 18 8.57 -0.40 10.36
N PHE A 19 9.20 -1.00 11.35
CA PHE A 19 8.51 -1.25 12.61
C PHE A 19 8.11 0.06 13.30
N SER A 20 8.62 1.17 12.78
CA SER A 20 8.34 2.48 13.30
C SER A 20 7.03 3.05 12.74
N ILE A 21 6.48 2.43 11.68
CA ILE A 21 5.29 2.95 11.00
C ILE A 21 4.17 3.28 12.01
N PRO A 22 3.54 4.45 11.83
CA PRO A 22 2.61 5.07 12.79
C PRO A 22 1.43 4.24 13.27
N ASN A 23 0.71 4.89 14.20
CA ASN A 23 -0.46 4.37 14.91
C ASN A 23 -1.29 3.41 14.07
N ASP A 24 -1.61 3.86 12.85
CA ASP A 24 -2.52 3.12 11.98
C ASP A 24 -2.74 3.90 10.71
N LEU A 25 -2.25 3.36 9.61
CA LEU A 25 -2.44 3.98 8.31
C LEU A 25 -3.45 3.19 7.50
N LEU A 26 -4.42 3.88 6.94
CA LEU A 26 -5.42 3.24 6.12
C LEU A 26 -5.08 3.41 4.65
N TRP A 27 -4.83 2.31 4.01
CA TRP A 27 -4.53 2.27 2.60
C TRP A 27 -5.77 1.81 1.84
N SER A 28 -6.02 2.43 0.70
CA SER A 28 -7.03 1.94 -0.19
C SER A 28 -6.74 2.43 -1.61
N PHE A 29 -6.43 1.51 -2.50
CA PHE A 29 -6.30 1.89 -3.90
C PHE A 29 -7.68 2.26 -4.37
N ASN A 30 -7.87 3.50 -4.79
CA ASN A 30 -9.19 3.88 -5.27
C ASN A 30 -9.24 3.64 -6.75
N THR A 31 -9.77 2.50 -7.10
CA THR A 31 -9.90 2.10 -8.48
C THR A 31 -11.25 2.56 -9.02
N THR A 32 -11.79 3.57 -8.36
CA THR A 32 -13.05 4.15 -8.72
C THR A 32 -12.83 5.41 -9.57
N ASN A 33 -11.83 6.21 -9.20
CA ASN A 33 -11.36 7.29 -10.05
C ASN A 33 -9.89 7.10 -10.39
N LYS A 34 -9.40 5.93 -9.98
CA LYS A 34 -8.06 5.45 -10.30
C LYS A 34 -6.96 6.30 -9.66
N SER A 35 -6.90 6.26 -8.34
CA SER A 35 -5.84 6.89 -7.57
C SER A 35 -5.60 6.12 -6.29
N ILE A 36 -4.38 6.14 -5.80
CA ILE A 36 -4.08 5.49 -4.54
C ILE A 36 -4.37 6.44 -3.41
N ASN A 37 -5.22 6.04 -2.48
CA ASN A 37 -5.56 6.91 -1.36
C ASN A 37 -5.03 6.31 -0.07
N VAL A 38 -4.00 6.95 0.48
CA VAL A 38 -3.45 6.52 1.75
C VAL A 38 -3.74 7.59 2.79
N TYR A 39 -4.48 7.22 3.81
CA TYR A 39 -4.94 8.19 4.81
C TYR A 39 -4.99 7.56 6.19
N SER A 40 -4.98 8.42 7.18
CA SER A 40 -5.12 8.03 8.56
C SER A 40 -5.77 9.18 9.31
N LYS A 41 -5.80 9.07 10.64
CA LYS A 41 -6.25 10.16 11.49
C LYS A 41 -5.66 11.50 11.04
N CYS A 42 -4.44 11.45 10.57
CA CYS A 42 -3.67 12.66 10.27
C CYS A 42 -3.30 12.79 8.79
N ILE A 43 -2.78 11.73 8.19
CA ILE A 43 -2.29 11.80 6.80
C ILE A 43 -3.43 11.49 5.83
N SER A 44 -3.31 11.99 4.61
CA SER A 44 -4.34 11.77 3.59
C SER A 44 -3.82 12.23 2.23
N GLY A 45 -3.47 11.28 1.38
CA GLY A 45 -2.90 11.64 0.10
C GLY A 45 -3.37 10.80 -1.05
N LYS A 46 -3.22 11.35 -2.24
CA LYS A 46 -3.59 10.69 -3.46
C LYS A 46 -2.33 10.25 -4.20
N ALA A 47 -2.49 9.41 -5.20
CA ALA A 47 -1.37 8.94 -6.01
C ALA A 47 -1.85 8.34 -7.30
N VAL A 48 -1.14 8.59 -8.37
CA VAL A 48 -1.41 7.90 -9.61
C VAL A 48 -0.55 6.66 -9.68
N TYR A 49 -1.16 5.53 -9.94
CA TYR A 49 -0.44 4.27 -9.88
C TYR A 49 0.06 3.83 -11.25
N SER A 50 1.15 3.10 -11.23
CA SER A 50 1.77 2.59 -12.44
C SER A 50 2.25 1.17 -12.19
N PHE A 51 2.43 0.39 -13.24
CA PHE A 51 2.89 -0.98 -13.08
C PHE A 51 4.06 -1.26 -14.00
N ASN A 52 5.08 -1.92 -13.47
CA ASN A 52 6.23 -2.31 -14.28
C ASN A 52 6.68 -3.70 -13.87
N ALA A 53 6.48 -4.66 -14.77
CA ALA A 53 6.87 -6.05 -14.53
C ALA A 53 6.20 -6.60 -13.26
N GLY A 54 4.94 -6.22 -13.06
CA GLY A 54 4.19 -6.70 -11.91
C GLY A 54 4.40 -5.86 -10.67
N LYS A 55 5.28 -4.88 -10.77
CA LYS A 55 5.54 -3.97 -9.66
C LYS A 55 4.55 -2.82 -9.66
N PHE A 56 3.87 -2.66 -8.54
CA PHE A 56 2.85 -1.63 -8.39
C PHE A 56 3.45 -0.38 -7.80
N MET A 57 3.20 0.74 -8.47
CA MET A 57 3.82 2.01 -8.10
C MET A 57 2.79 3.08 -7.85
N GLY A 58 3.25 4.22 -7.37
CA GLY A 58 2.37 5.33 -7.10
C GLY A 58 3.12 6.58 -6.70
N ASN A 59 2.95 7.63 -7.46
CA ASN A 59 3.54 8.92 -7.09
C ASN A 59 2.49 9.72 -6.32
N PHE A 60 2.84 10.10 -5.10
CA PHE A 60 1.85 10.59 -4.15
C PHE A 60 1.80 12.11 -4.06
N ASN A 61 0.64 12.56 -3.63
CA ASN A 61 0.41 13.94 -3.24
C ASN A 61 -0.32 13.93 -1.91
N VAL A 62 0.44 13.72 -0.86
CA VAL A 62 -0.13 13.45 0.45
C VAL A 62 -0.28 14.72 1.28
N LYS A 63 -1.40 14.81 1.97
CA LYS A 63 -1.64 15.86 2.95
C LYS A 63 -1.17 15.31 4.29
N GLU A 64 -0.19 15.96 4.89
CA GLU A 64 0.53 15.34 5.98
C GLU A 64 0.82 16.31 7.12
N VAL A 65 0.79 15.74 8.31
CA VAL A 65 1.07 16.45 9.55
C VAL A 65 2.42 15.99 10.09
N ASP A 66 3.00 16.75 10.98
CA ASP A 66 4.21 16.32 11.65
C ASP A 66 3.97 16.25 13.14
N GLY A 67 4.46 15.18 13.75
CA GLY A 67 4.20 14.92 15.15
C GLY A 67 3.22 13.77 15.36
N CYS A 68 2.37 13.52 14.37
CA CYS A 68 1.36 12.47 14.48
C CYS A 68 2.01 11.14 14.14
N PHE A 69 2.85 11.19 13.13
CA PHE A 69 3.68 10.06 12.77
C PHE A 69 5.02 10.23 13.49
N MET A 70 4.96 10.85 14.67
CA MET A 70 6.17 11.22 15.41
C MET A 70 7.24 11.74 14.46
N ASP A 71 8.46 11.30 14.69
CA ASP A 71 9.56 11.53 13.78
C ASP A 71 9.87 10.29 12.96
N ALA A 72 10.05 9.20 13.66
CA ALA A 72 10.58 8.00 13.06
C ALA A 72 9.50 7.25 12.30
N GLN A 73 8.28 7.47 12.71
CA GLN A 73 7.13 6.88 12.06
C GLN A 73 6.91 7.57 10.73
N LYS A 74 7.18 8.87 10.73
CA LYS A 74 7.14 9.66 9.53
C LYS A 74 8.22 9.19 8.56
N ILE A 75 9.41 8.96 9.10
CA ILE A 75 10.47 8.29 8.34
C ILE A 75 9.98 6.96 7.77
N ALA A 76 9.33 6.17 8.62
CA ALA A 76 8.71 4.90 8.20
C ALA A 76 7.81 5.11 6.99
N ILE A 77 7.09 6.21 7.02
CA ILE A 77 6.12 6.53 5.99
C ILE A 77 6.81 7.03 4.73
N ASP A 78 7.88 7.78 4.91
CA ASP A 78 8.71 8.21 3.79
C ASP A 78 9.32 6.98 3.13
N LYS A 79 9.75 6.06 3.98
CA LYS A 79 10.22 4.75 3.54
C LYS A 79 9.13 4.02 2.76
N LEU A 80 7.93 3.96 3.34
CA LEU A 80 6.80 3.26 2.74
C LEU A 80 6.41 3.89 1.41
N PHE A 81 6.31 5.21 1.37
CA PHE A 81 5.87 5.89 0.15
C PHE A 81 6.91 5.80 -0.97
N SER A 82 8.19 5.78 -0.62
CA SER A 82 9.23 5.60 -1.61
C SER A 82 9.19 4.18 -2.18
N MET A 83 8.69 3.24 -1.37
CA MET A 83 8.61 1.84 -1.79
C MET A 83 7.74 1.66 -3.01
N LEU A 84 6.52 2.20 -2.96
CA LEU A 84 5.58 2.04 -4.06
C LEU A 84 6.20 2.63 -5.32
N LYS A 85 6.88 3.75 -5.12
CA LYS A 85 7.46 4.49 -6.22
C LYS A 85 8.61 3.74 -6.86
N ASP A 86 9.24 2.87 -6.08
CA ASP A 86 10.33 2.07 -6.59
C ASP A 86 9.79 0.81 -7.20
N GLY A 87 8.55 0.53 -6.83
CA GLY A 87 7.83 -0.60 -7.35
C GLY A 87 7.57 -1.65 -6.29
N VAL A 88 6.42 -1.58 -5.66
CA VAL A 88 6.05 -2.54 -4.65
C VAL A 88 5.05 -3.51 -5.26
N VAL A 89 5.34 -4.79 -5.13
CA VAL A 89 4.45 -5.80 -5.66
C VAL A 89 3.60 -6.40 -4.55
N LEU A 90 2.30 -6.42 -4.80
CA LEU A 90 1.36 -7.01 -3.88
C LEU A 90 1.41 -8.52 -4.06
N LYS A 91 1.83 -9.23 -3.01
CA LYS A 91 2.12 -10.67 -3.06
C LYS A 91 3.02 -11.05 -1.88
N GLY A 92 2.87 -12.26 -1.40
CA GLY A 92 3.74 -12.77 -0.36
C GLY A 92 4.08 -14.22 -0.58
N ASN A 93 4.37 -14.93 0.49
CA ASN A 93 4.63 -16.36 0.41
C ASN A 93 3.31 -17.13 0.48
N LYS A 94 2.86 -17.41 1.69
CA LYS A 94 1.60 -18.12 1.87
C LYS A 94 0.53 -17.16 2.37
N ILE A 95 -0.13 -16.49 1.44
CA ILE A 95 -1.23 -15.61 1.77
C ILE A 95 -2.33 -15.82 0.73
N ASN A 96 -3.56 -15.43 1.05
CA ASN A 96 -4.68 -15.60 0.13
C ASN A 96 -5.64 -14.42 0.23
N ASP A 97 -6.20 -14.26 1.41
CA ASP A 97 -7.26 -13.28 1.63
C ASP A 97 -6.69 -11.97 2.15
N THR A 98 -5.47 -11.65 1.76
CA THR A 98 -4.79 -10.47 2.25
C THR A 98 -3.74 -9.98 1.26
N ILE A 99 -3.49 -8.68 1.25
CA ILE A 99 -2.53 -8.07 0.33
C ILE A 99 -1.22 -7.80 1.04
N LEU A 100 -0.10 -8.12 0.40
CA LEU A 100 1.20 -7.94 1.03
C LEU A 100 2.08 -7.08 0.14
N ILE A 101 2.88 -6.22 0.77
CA ILE A 101 3.67 -5.22 0.04
C ILE A 101 5.15 -5.63 -0.02
N GLU A 102 5.64 -5.87 -1.23
CA GLU A 102 7.00 -6.35 -1.45
C GLU A 102 7.77 -5.40 -2.38
N LYS A 103 9.00 -5.09 -2.01
CA LYS A 103 9.92 -4.41 -2.92
C LYS A 103 11.34 -4.68 -2.46
N ASP A 104 12.27 -4.70 -3.41
CA ASP A 104 13.66 -5.13 -3.17
C ASP A 104 13.73 -6.64 -2.98
N GLY A 105 12.62 -7.33 -3.28
CA GLY A 105 12.61 -8.78 -3.20
C GLY A 105 12.14 -9.29 -1.87
N GLU A 106 11.69 -8.38 -1.01
CA GLU A 106 11.22 -8.76 0.31
C GLU A 106 9.94 -8.00 0.64
N VAL A 107 9.12 -8.61 1.46
CA VAL A 107 7.92 -7.95 1.94
C VAL A 107 8.29 -7.13 3.17
N LYS A 108 7.97 -5.86 3.13
CA LYS A 108 8.29 -4.96 4.23
C LYS A 108 7.05 -4.26 4.73
N LEU A 109 5.94 -4.48 4.03
CA LEU A 109 4.69 -3.85 4.37
C LEU A 109 3.55 -4.79 3.96
N LYS A 110 2.36 -4.58 4.50
CA LYS A 110 1.19 -5.35 4.09
C LYS A 110 -0.06 -4.49 4.12
N LEU A 111 -1.09 -4.95 3.44
CA LEU A 111 -2.42 -4.38 3.59
C LEU A 111 -3.26 -5.39 4.34
N ILE A 112 -3.72 -4.97 5.53
CA ILE A 112 -4.44 -5.82 6.48
C ILE A 112 -3.46 -6.64 7.30
N ARG A 113 -3.80 -6.86 8.58
CA ARG A 113 -2.98 -7.70 9.44
C ARG A 113 -3.29 -9.17 9.20
N GLY A 114 -2.32 -10.01 9.53
CA GLY A 114 -2.47 -11.44 9.37
C GLY A 114 -1.97 -11.97 8.05
N ILE A 115 -1.20 -13.04 8.14
CA ILE A 115 -0.78 -13.82 7.00
C ILE A 115 -1.17 -15.28 7.20
C ACE B 1 -6.90 -14.67 -8.46
O ACE B 1 -7.51 -15.09 -9.44
CH3 ACE B 1 -7.64 -14.01 -7.32
H1 ACE B 1 -7.53 -12.94 -7.39
H2 ACE B 1 -7.23 -14.36 -6.38
H3 ACE B 1 -8.69 -14.27 -7.37
N SER B 2 -5.60 -14.76 -8.33
CA SER B 2 -4.75 -15.38 -9.36
C SER B 2 -3.46 -15.89 -8.74
N GLU B 3 -2.93 -15.11 -7.81
CA GLU B 3 -1.69 -15.44 -7.14
C GLU B 3 -1.91 -15.40 -5.62
N THR B 4 -0.85 -15.59 -4.85
CA THR B 4 -0.90 -15.54 -3.39
C THR B 4 -1.62 -14.26 -2.93
N THR B 5 -1.39 -13.19 -3.68
CA THR B 5 -2.16 -11.97 -3.55
C THR B 5 -2.42 -11.42 -4.94
N LEU B 6 -1.32 -11.29 -5.67
CA LEU B 6 -1.31 -10.79 -7.03
C LEU B 6 -1.52 -9.29 -7.05
N LEU B 7 -2.05 -8.79 -8.16
CA LEU B 7 -2.25 -7.35 -8.40
C LEU B 7 -1.02 -6.78 -9.07
N GLU B 8 -0.73 -7.34 -10.24
CA GLU B 8 0.42 -6.94 -11.03
C GLU B 8 -0.03 -6.06 -12.20
N ASP B 9 -1.31 -6.11 -12.43
CA ASP B 9 -1.95 -5.29 -13.45
C ASP B 9 -3.19 -4.67 -12.84
N GLU B 10 -3.64 -3.55 -13.37
CA GLU B 10 -4.85 -2.94 -12.83
C GLU B 10 -6.01 -3.93 -12.93
N LYS B 11 -6.11 -4.59 -14.07
CA LYS B 11 -7.17 -5.57 -14.32
C LYS B 11 -7.28 -6.59 -13.19
N SER B 12 -6.15 -7.13 -12.76
CA SER B 12 -6.14 -8.17 -11.74
C SER B 12 -6.15 -7.55 -10.34
N LEU B 13 -5.78 -6.29 -10.28
CA LEU B 13 -5.67 -5.58 -9.03
C LEU B 13 -7.06 -5.18 -8.59
N VAL B 14 -7.80 -4.60 -9.51
CA VAL B 14 -9.15 -4.19 -9.23
C VAL B 14 -10.06 -5.38 -9.17
N SER B 15 -9.74 -6.40 -9.96
CA SER B 15 -10.49 -7.66 -9.93
C SER B 15 -10.35 -8.29 -8.56
N TYR B 16 -9.33 -7.88 -7.85
CA TYR B 16 -9.07 -8.35 -6.51
C TYR B 16 -9.65 -7.37 -5.50
N LEU B 17 -9.71 -6.09 -5.88
CA LEU B 17 -10.24 -5.04 -5.03
C LEU B 17 -11.76 -4.92 -5.08
N ASN B 18 -12.34 -5.09 -6.26
CA ASN B 18 -13.78 -4.91 -6.44
C ASN B 18 -14.54 -6.18 -6.05
N TYR B 19 -13.84 -7.08 -5.37
CA TYR B 19 -14.42 -8.34 -4.92
C TYR B 19 -15.64 -8.09 -4.02
N SER A 1 -15.31 -1.81 -14.81
CA SER A 1 -15.97 -2.37 -13.61
C SER A 1 -14.96 -2.50 -12.47
N SER A 2 -14.10 -1.50 -12.30
CA SER A 2 -13.08 -1.53 -11.28
C SER A 2 -13.54 -0.76 -10.04
N SER A 3 -14.70 -0.13 -10.16
CA SER A 3 -15.22 0.76 -9.14
C SER A 3 -15.88 0.01 -7.99
N ASN A 4 -15.10 -0.80 -7.30
CA ASN A 4 -15.58 -1.49 -6.11
C ASN A 4 -14.44 -1.70 -5.14
N SER A 5 -13.66 -0.66 -4.90
CA SER A 5 -12.65 -0.71 -3.87
C SER A 5 -13.30 -0.49 -2.51
N GLU A 6 -13.35 0.79 -2.12
CA GLU A 6 -13.94 1.26 -0.89
C GLU A 6 -13.68 0.33 0.29
N LYS A 7 -12.48 -0.21 0.32
CA LYS A 7 -12.05 -1.07 1.37
C LYS A 7 -10.79 -0.51 2.01
N GLU A 8 -10.95 0.08 3.18
CA GLU A 8 -9.83 0.70 3.86
C GLU A 8 -8.89 -0.36 4.40
N TRP A 9 -7.86 -0.63 3.63
CA TRP A 9 -6.83 -1.57 4.03
C TRP A 9 -5.96 -0.95 5.12
N HIS A 10 -5.52 -1.75 6.07
CA HIS A 10 -4.61 -1.28 7.11
C HIS A 10 -3.18 -1.61 6.73
N ILE A 11 -2.32 -0.60 6.64
CA ILE A 11 -0.95 -0.83 6.24
C ILE A 11 -0.13 -1.37 7.40
N VAL A 12 0.55 -2.48 7.13
CA VAL A 12 1.29 -3.22 8.13
C VAL A 12 2.77 -3.20 7.80
N PRO A 13 3.64 -3.03 8.80
CA PRO A 13 5.07 -3.14 8.62
C PRO A 13 5.58 -4.57 8.84
N VAL A 14 6.29 -5.09 7.85
CA VAL A 14 6.85 -6.44 7.94
C VAL A 14 8.30 -6.40 8.41
N SER A 15 9.08 -5.53 7.78
CA SER A 15 10.50 -5.45 8.05
C SER A 15 10.79 -4.49 9.20
N LYS A 16 11.87 -4.79 9.90
CA LYS A 16 12.34 -4.02 11.05
C LYS A 16 12.47 -2.54 10.78
N ASP A 17 12.79 -2.17 9.54
CA ASP A 17 12.99 -0.76 9.19
C ASP A 17 11.66 -0.02 9.17
N TYR A 18 10.56 -0.77 9.09
CA TYR A 18 9.23 -0.18 9.02
C TYR A 18 8.44 -0.41 10.30
N PHE A 19 9.03 -1.12 11.26
CA PHE A 19 8.31 -1.43 12.50
C PHE A 19 7.86 -0.17 13.23
N SER A 20 8.38 0.98 12.81
CA SER A 20 8.02 2.24 13.41
C SER A 20 6.87 2.94 12.67
N ILE A 21 6.26 2.26 11.70
CA ILE A 21 5.11 2.83 10.97
C ILE A 21 4.01 3.23 11.95
N PRO A 22 3.39 4.42 11.73
CA PRO A 22 2.47 5.09 12.66
C PRO A 22 1.36 4.28 13.31
N ASN A 23 0.52 5.03 14.03
CA ASN A 23 -0.61 4.50 14.79
C ASN A 23 -1.43 3.52 13.96
N ASP A 24 -1.84 3.96 12.78
CA ASP A 24 -2.72 3.17 11.91
C ASP A 24 -2.99 3.91 10.62
N LEU A 25 -2.41 3.43 9.54
CA LEU A 25 -2.60 4.04 8.22
C LEU A 25 -3.64 3.29 7.43
N LEU A 26 -4.52 4.04 6.79
CA LEU A 26 -5.56 3.45 5.96
C LEU A 26 -5.24 3.64 4.49
N TRP A 27 -5.07 2.53 3.80
CA TRP A 27 -4.82 2.53 2.37
C TRP A 27 -6.09 2.14 1.64
N SER A 28 -6.56 3.01 0.75
CA SER A 28 -7.69 2.68 -0.06
C SER A 28 -7.31 2.89 -1.51
N PHE A 29 -7.27 1.81 -2.28
CA PHE A 29 -6.99 1.92 -3.69
C PHE A 29 -8.15 2.57 -4.39
N ASN A 30 -7.92 3.67 -5.05
CA ASN A 30 -8.97 4.23 -5.86
C ASN A 30 -8.97 3.55 -7.21
N THR A 31 -9.81 2.57 -7.36
CA THR A 31 -10.01 1.92 -8.64
C THR A 31 -11.38 2.31 -9.16
N THR A 32 -12.11 2.97 -8.29
CA THR A 32 -13.45 3.43 -8.57
C THR A 32 -13.38 4.72 -9.40
N ASN A 33 -12.44 5.59 -9.06
CA ASN A 33 -12.19 6.79 -9.85
C ASN A 33 -10.74 6.81 -10.33
N LYS A 34 -10.02 5.76 -9.95
CA LYS A 34 -8.63 5.52 -10.35
C LYS A 34 -7.65 6.54 -9.76
N SER A 35 -7.00 6.12 -8.70
CA SER A 35 -6.05 6.91 -7.92
C SER A 35 -5.60 6.06 -6.73
N ILE A 36 -4.77 6.60 -5.87
CA ILE A 36 -4.43 5.94 -4.62
C ILE A 36 -4.73 6.90 -3.48
N ASN A 37 -5.44 6.44 -2.47
CA ASN A 37 -5.70 7.30 -1.31
C ASN A 37 -5.20 6.64 -0.05
N VAL A 38 -4.08 7.12 0.46
CA VAL A 38 -3.55 6.63 1.70
C VAL A 38 -3.69 7.69 2.76
N TYR A 39 -4.48 7.40 3.79
CA TYR A 39 -4.77 8.39 4.79
C TYR A 39 -4.94 7.78 6.17
N SER A 40 -4.88 8.63 7.16
CA SER A 40 -5.08 8.26 8.54
C SER A 40 -5.67 9.46 9.26
N LYS A 41 -5.71 9.39 10.58
CA LYS A 41 -6.21 10.50 11.39
C LYS A 41 -5.44 11.78 11.06
N CYS A 42 -4.18 11.60 10.67
CA CYS A 42 -3.30 12.73 10.41
C CYS A 42 -2.87 12.86 8.94
N ILE A 43 -2.50 11.76 8.30
CA ILE A 43 -2.00 11.81 6.93
C ILE A 43 -3.14 11.60 5.94
N SER A 44 -2.97 12.13 4.74
CA SER A 44 -3.97 12.02 3.70
C SER A 44 -3.36 12.37 2.36
N GLY A 45 -3.09 11.38 1.55
CA GLY A 45 -2.43 11.62 0.28
C GLY A 45 -3.06 10.90 -0.88
N LYS A 46 -2.99 11.53 -2.03
CA LYS A 46 -3.48 10.98 -3.27
C LYS A 46 -2.31 10.49 -4.10
N ALA A 47 -2.56 9.57 -5.00
CA ALA A 47 -1.54 9.09 -5.91
C ALA A 47 -2.16 8.61 -7.20
N VAL A 48 -1.38 8.53 -8.26
CA VAL A 48 -1.80 7.82 -9.44
C VAL A 48 -0.82 6.69 -9.69
N TYR A 49 -1.36 5.52 -9.96
CA TYR A 49 -0.58 4.31 -9.95
C TYR A 49 -0.07 3.93 -11.33
N SER A 50 1.02 3.18 -11.32
CA SER A 50 1.65 2.69 -12.54
C SER A 50 2.13 1.27 -12.30
N PHE A 51 2.29 0.50 -13.36
CA PHE A 51 2.75 -0.88 -13.25
C PHE A 51 3.95 -1.12 -14.16
N ASN A 52 5.01 -1.66 -13.60
CA ASN A 52 6.20 -1.96 -14.37
C ASN A 52 6.78 -3.30 -13.98
N ALA A 53 6.69 -4.27 -14.89
CA ALA A 53 7.22 -5.62 -14.69
C ALA A 53 6.60 -6.30 -13.46
N GLY A 54 5.34 -5.98 -13.17
CA GLY A 54 4.67 -6.55 -12.04
C GLY A 54 4.93 -5.78 -10.76
N LYS A 55 5.52 -4.60 -10.90
CA LYS A 55 5.72 -3.72 -9.77
C LYS A 55 4.62 -2.65 -9.74
N PHE A 56 3.94 -2.55 -8.62
CA PHE A 56 2.87 -1.59 -8.45
C PHE A 56 3.40 -0.29 -7.86
N MET A 57 3.13 0.81 -8.56
CA MET A 57 3.67 2.10 -8.17
C MET A 57 2.55 3.10 -7.96
N GLY A 58 2.91 4.23 -7.36
CA GLY A 58 1.96 5.29 -7.14
C GLY A 58 2.64 6.59 -6.79
N ASN A 59 2.58 7.58 -7.67
CA ASN A 59 3.17 8.86 -7.37
C ASN A 59 2.26 9.63 -6.43
N PHE A 60 2.75 9.90 -5.23
CA PHE A 60 1.89 10.44 -4.19
C PHE A 60 1.95 11.94 -4.08
N ASN A 61 0.85 12.46 -3.59
CA ASN A 61 0.73 13.84 -3.17
C ASN A 61 0.10 13.85 -1.78
N VAL A 62 0.93 13.60 -0.77
CA VAL A 62 0.42 13.38 0.57
C VAL A 62 0.39 14.68 1.36
N LYS A 63 -0.66 14.83 2.13
CA LYS A 63 -0.75 15.88 3.10
C LYS A 63 -0.65 15.24 4.48
N GLU A 64 0.41 15.54 5.19
CA GLU A 64 0.66 14.89 6.45
C GLU A 64 1.30 15.82 7.47
N VAL A 65 0.90 15.61 8.72
CA VAL A 65 1.36 16.41 9.84
C VAL A 65 2.67 15.86 10.37
N ASP A 66 3.38 16.66 11.10
CA ASP A 66 4.61 16.22 11.76
C ASP A 66 4.41 16.24 13.26
N GLY A 67 4.89 15.18 13.90
CA GLY A 67 4.62 14.99 15.31
C GLY A 67 3.64 13.86 15.54
N CYS A 68 2.70 13.68 14.61
CA CYS A 68 1.69 12.62 14.71
C CYS A 68 2.31 11.31 14.29
N PHE A 69 3.15 11.39 13.28
CA PHE A 69 3.92 10.25 12.83
C PHE A 69 5.27 10.29 13.52
N MET A 70 5.29 10.87 14.71
CA MET A 70 6.52 11.05 15.47
C MET A 70 7.66 11.47 14.57
N ASP A 71 8.79 10.79 14.71
CA ASP A 71 9.89 10.98 13.80
C ASP A 71 10.06 9.73 12.99
N ALA A 72 10.05 8.60 13.68
CA ALA A 72 10.42 7.34 13.07
C ALA A 72 9.27 6.77 12.27
N GLN A 73 8.07 7.14 12.67
CA GLN A 73 6.87 6.71 11.97
C GLN A 73 6.77 7.45 10.64
N LYS A 74 7.16 8.71 10.69
CA LYS A 74 7.23 9.54 9.50
C LYS A 74 8.28 8.98 8.54
N ILE A 75 9.47 8.71 9.08
CA ILE A 75 10.50 7.98 8.35
C ILE A 75 9.94 6.68 7.76
N ALA A 76 9.24 5.92 8.60
CA ALA A 76 8.57 4.69 8.19
C ALA A 76 7.69 4.94 6.97
N ILE A 77 7.00 6.07 7.00
CA ILE A 77 6.05 6.44 5.99
C ILE A 77 6.74 6.89 4.72
N ASP A 78 7.84 7.62 4.89
CA ASP A 78 8.68 8.02 3.77
C ASP A 78 9.23 6.77 3.10
N LYS A 79 9.66 5.84 3.94
CA LYS A 79 10.11 4.53 3.50
C LYS A 79 9.01 3.83 2.71
N LEU A 80 7.81 3.78 3.29
CA LEU A 80 6.68 3.09 2.68
C LEU A 80 6.27 3.74 1.36
N PHE A 81 6.16 5.06 1.35
CA PHE A 81 5.67 5.77 0.17
C PHE A 81 6.66 5.74 -0.98
N SER A 82 7.96 5.79 -0.68
CA SER A 82 8.96 5.66 -1.72
C SER A 82 8.95 4.25 -2.31
N MET A 83 8.53 3.29 -1.49
CA MET A 83 8.47 1.89 -1.91
C MET A 83 7.57 1.69 -3.10
N LEU A 84 6.33 2.17 -3.01
CA LEU A 84 5.37 1.98 -4.08
C LEU A 84 5.91 2.61 -5.34
N LYS A 85 6.46 3.79 -5.16
CA LYS A 85 6.99 4.57 -6.26
C LYS A 85 8.21 3.90 -6.88
N ASP A 86 8.92 3.09 -6.08
CA ASP A 86 10.05 2.33 -6.59
C ASP A 86 9.56 1.08 -7.28
N GLY A 87 8.35 0.73 -6.92
CA GLY A 87 7.67 -0.40 -7.48
C GLY A 87 7.49 -1.49 -6.46
N VAL A 88 6.39 -1.45 -5.75
CA VAL A 88 6.09 -2.45 -4.74
C VAL A 88 5.17 -3.49 -5.33
N VAL A 89 5.50 -4.74 -5.15
CA VAL A 89 4.67 -5.80 -5.68
C VAL A 89 3.84 -6.44 -4.57
N LEU A 90 2.54 -6.42 -4.79
CA LEU A 90 1.58 -7.02 -3.88
C LEU A 90 1.61 -8.54 -4.08
N LYS A 91 1.89 -9.27 -2.99
CA LYS A 91 2.15 -10.72 -3.03
C LYS A 91 2.96 -11.09 -1.78
N GLY A 92 2.92 -12.34 -1.38
CA GLY A 92 3.67 -12.78 -0.22
C GLY A 92 4.09 -14.22 -0.33
N ASN A 93 4.72 -14.73 0.73
CA ASN A 93 5.17 -16.11 0.76
C ASN A 93 3.98 -17.07 0.69
N LYS A 94 3.00 -16.84 1.56
CA LYS A 94 1.79 -17.65 1.57
C LYS A 94 0.67 -16.86 2.25
N ILE A 95 -0.30 -16.44 1.45
CA ILE A 95 -1.39 -15.60 1.93
C ILE A 95 -2.62 -15.83 1.03
N ASN A 96 -3.81 -15.55 1.55
CA ASN A 96 -5.04 -15.74 0.78
C ASN A 96 -5.71 -14.41 0.46
N ASP A 97 -6.72 -14.06 1.25
CA ASP A 97 -7.48 -12.83 1.02
C ASP A 97 -6.85 -11.66 1.76
N THR A 98 -5.57 -11.45 1.52
CA THR A 98 -4.83 -10.38 2.16
C THR A 98 -3.69 -9.92 1.26
N ILE A 99 -3.44 -8.62 1.26
CA ILE A 99 -2.47 -8.04 0.34
C ILE A 99 -1.16 -7.76 1.06
N LEU A 100 -0.05 -8.12 0.44
CA LEU A 100 1.25 -7.92 1.07
C LEU A 100 2.14 -7.08 0.16
N ILE A 101 2.92 -6.20 0.78
CA ILE A 101 3.70 -5.20 0.06
C ILE A 101 5.21 -5.51 0.10
N GLU A 102 5.80 -5.72 -1.07
CA GLU A 102 7.19 -6.14 -1.16
C GLU A 102 7.94 -5.32 -2.22
N LYS A 103 9.18 -4.97 -1.91
CA LYS A 103 10.10 -4.33 -2.86
C LYS A 103 11.52 -4.44 -2.32
N ASP A 104 12.49 -4.46 -3.23
CA ASP A 104 13.91 -4.74 -2.91
C ASP A 104 14.14 -6.25 -2.83
N GLY A 105 13.10 -7.02 -3.11
CA GLY A 105 13.21 -8.45 -3.06
C GLY A 105 12.72 -9.05 -1.76
N GLU A 106 12.06 -8.23 -0.95
CA GLU A 106 11.51 -8.71 0.31
C GLU A 106 10.26 -7.91 0.68
N VAL A 107 9.37 -8.55 1.41
CA VAL A 107 8.16 -7.90 1.88
C VAL A 107 8.47 -7.13 3.16
N LYS A 108 8.03 -5.88 3.19
CA LYS A 108 8.30 -5.02 4.33
C LYS A 108 7.04 -4.28 4.75
N LEU A 109 5.97 -4.48 4.01
CA LEU A 109 4.71 -3.84 4.30
C LEU A 109 3.57 -4.78 3.93
N LYS A 110 2.38 -4.53 4.44
CA LYS A 110 1.21 -5.33 4.10
C LYS A 110 -0.05 -4.48 4.12
N LEU A 111 -1.09 -4.98 3.49
CA LEU A 111 -2.44 -4.48 3.69
C LEU A 111 -3.20 -5.53 4.47
N ILE A 112 -3.60 -5.17 5.69
CA ILE A 112 -4.21 -6.06 6.68
C ILE A 112 -3.13 -6.82 7.45
N ARG A 113 -3.34 -7.00 8.75
CA ARG A 113 -2.29 -7.44 9.67
C ARG A 113 -2.13 -8.96 9.73
N GLY A 114 -3.07 -9.71 9.18
CA GLY A 114 -3.00 -11.15 9.35
C GLY A 114 -2.62 -11.90 8.10
N ILE A 115 -1.61 -12.73 8.24
CA ILE A 115 -1.20 -13.67 7.24
C ILE A 115 -1.52 -15.09 7.71
C ACE B 1 -7.02 -14.58 -8.10
O ACE B 1 -7.66 -14.80 -9.14
CH3 ACE B 1 -7.74 -14.14 -6.84
H1 ACE B 1 -7.40 -13.16 -6.56
H2 ACE B 1 -7.52 -14.84 -6.05
H3 ACE B 1 -8.81 -14.13 -7.02
N SER B 2 -5.71 -14.69 -8.02
CA SER B 2 -4.89 -15.10 -9.15
C SER B 2 -3.56 -15.66 -8.66
N GLU B 3 -2.96 -14.95 -7.71
CA GLU B 3 -1.74 -15.38 -7.07
C GLU B 3 -1.98 -15.43 -5.56
N THR B 4 -0.92 -15.64 -4.80
CA THR B 4 -0.97 -15.58 -3.34
C THR B 4 -1.66 -14.28 -2.91
N THR B 5 -1.33 -13.22 -3.62
CA THR B 5 -2.02 -11.94 -3.50
C THR B 5 -2.23 -11.38 -4.89
N LEU B 6 -1.11 -11.29 -5.60
CA LEU B 6 -1.05 -10.74 -6.94
C LEU B 6 -1.27 -9.25 -6.90
N LEU B 7 -1.76 -8.71 -8.02
CA LEU B 7 -1.98 -7.27 -8.22
C LEU B 7 -0.75 -6.64 -8.86
N GLU B 8 -0.40 -7.23 -9.99
CA GLU B 8 0.69 -6.73 -10.82
C GLU B 8 0.11 -6.04 -12.04
N ASP B 9 -1.17 -6.27 -12.22
CA ASP B 9 -1.93 -5.69 -13.30
C ASP B 9 -3.13 -5.00 -12.69
N GLU B 10 -3.61 -3.93 -13.29
CA GLU B 10 -4.79 -3.27 -12.77
C GLU B 10 -5.97 -4.23 -12.83
N LYS B 11 -6.08 -4.88 -13.98
CA LYS B 11 -7.06 -5.93 -14.22
C LYS B 11 -7.12 -6.92 -13.07
N SER B 12 -5.96 -7.38 -12.65
CA SER B 12 -5.87 -8.43 -11.63
C SER B 12 -5.91 -7.81 -10.24
N LEU B 13 -5.64 -6.52 -10.19
CA LEU B 13 -5.54 -5.80 -8.94
C LEU B 13 -6.94 -5.52 -8.46
N VAL B 14 -7.75 -4.98 -9.35
CA VAL B 14 -9.11 -4.64 -9.02
C VAL B 14 -9.96 -5.88 -8.96
N SER B 15 -9.64 -6.87 -9.80
CA SER B 15 -10.33 -8.16 -9.76
C SER B 15 -10.14 -8.81 -8.40
N TYR B 16 -9.09 -8.37 -7.73
CA TYR B 16 -8.77 -8.86 -6.42
C TYR B 16 -9.36 -7.96 -5.36
N LEU B 17 -9.51 -6.68 -5.70
CA LEU B 17 -10.07 -5.69 -4.79
C LEU B 17 -11.59 -5.68 -4.78
N ASN B 18 -12.20 -5.81 -5.96
CA ASN B 18 -13.67 -5.73 -6.07
C ASN B 18 -14.33 -7.08 -5.69
N TYR B 19 -13.55 -7.94 -5.06
CA TYR B 19 -14.04 -9.23 -4.61
C TYR B 19 -15.14 -9.05 -3.56
N SER A 1 -16.43 -4.40 -11.64
CA SER A 1 -16.92 -3.30 -10.78
C SER A 1 -15.76 -2.64 -10.05
N SER A 2 -14.77 -2.19 -10.81
CA SER A 2 -13.55 -1.60 -10.25
C SER A 2 -13.86 -0.34 -9.45
N SER A 3 -14.97 0.30 -9.76
CA SER A 3 -15.30 1.58 -9.16
C SER A 3 -16.16 1.44 -7.90
N ASN A 4 -15.48 1.53 -6.78
CA ASN A 4 -16.12 1.69 -5.46
C ASN A 4 -15.04 2.00 -4.46
N SER A 5 -13.99 1.18 -4.48
CA SER A 5 -12.85 1.33 -3.58
C SER A 5 -13.35 1.28 -2.12
N GLU A 6 -13.04 2.32 -1.34
CA GLU A 6 -13.42 2.44 0.06
C GLU A 6 -12.98 1.23 0.87
N LYS A 7 -12.06 0.48 0.32
CA LYS A 7 -11.46 -0.63 0.97
C LYS A 7 -10.38 -0.16 1.92
N GLU A 8 -10.67 -0.15 3.21
CA GLU A 8 -9.71 0.28 4.20
C GLU A 8 -8.72 -0.84 4.49
N TRP A 9 -7.57 -0.77 3.83
CA TRP A 9 -6.51 -1.73 4.07
C TRP A 9 -5.62 -1.21 5.20
N HIS A 10 -5.61 -1.93 6.31
CA HIS A 10 -4.74 -1.58 7.43
C HIS A 10 -3.31 -2.03 7.15
N ILE A 11 -2.41 -1.08 6.96
CA ILE A 11 -1.04 -1.37 6.56
C ILE A 11 -0.24 -1.99 7.70
N VAL A 12 0.52 -3.03 7.36
CA VAL A 12 1.36 -3.74 8.32
C VAL A 12 2.83 -3.59 7.94
N PRO A 13 3.69 -3.26 8.90
CA PRO A 13 5.12 -3.23 8.68
C PRO A 13 5.77 -4.59 8.93
N VAL A 14 6.33 -5.18 7.88
CA VAL A 14 6.98 -6.49 7.99
C VAL A 14 8.42 -6.35 8.47
N SER A 15 9.16 -5.43 7.87
CA SER A 15 10.56 -5.25 8.18
C SER A 15 10.72 -4.24 9.31
N LYS A 16 11.80 -4.41 10.08
CA LYS A 16 12.03 -3.66 11.31
C LYS A 16 12.19 -2.18 11.07
N ASP A 17 12.78 -1.86 9.93
CA ASP A 17 12.96 -0.47 9.55
C ASP A 17 11.62 0.24 9.40
N TYR A 18 10.58 -0.56 9.21
CA TYR A 18 9.23 -0.03 9.08
C TYR A 18 8.44 -0.26 10.35
N PHE A 19 9.06 -0.84 11.37
CA PHE A 19 8.38 -1.10 12.63
C PHE A 19 7.95 0.20 13.30
N SER A 20 8.45 1.32 12.81
CA SER A 20 8.14 2.61 13.37
C SER A 20 6.88 3.21 12.74
N ILE A 21 6.32 2.53 11.73
CA ILE A 21 5.12 3.06 11.03
C ILE A 21 4.01 3.36 12.04
N PRO A 22 3.31 4.50 11.85
CA PRO A 22 2.32 5.07 12.77
C PRO A 22 1.27 4.13 13.34
N ASN A 23 0.44 4.69 14.21
CA ASN A 23 -0.61 3.96 14.91
C ASN A 23 -1.49 3.17 13.96
N ASP A 24 -2.03 3.84 12.95
CA ASP A 24 -3.03 3.24 12.07
C ASP A 24 -3.18 4.03 10.79
N LEU A 25 -2.59 3.51 9.72
CA LEU A 25 -2.74 4.10 8.40
C LEU A 25 -3.77 3.31 7.59
N LEU A 26 -4.61 4.02 6.88
CA LEU A 26 -5.58 3.38 6.01
C LEU A 26 -5.16 3.52 4.56
N TRP A 27 -4.91 2.40 3.94
CA TRP A 27 -4.60 2.38 2.53
C TRP A 27 -5.84 1.99 1.76
N SER A 28 -6.24 2.83 0.81
CA SER A 28 -7.32 2.49 -0.06
C SER A 28 -6.93 2.78 -1.49
N PHE A 29 -6.80 1.75 -2.30
CA PHE A 29 -6.58 1.97 -3.71
C PHE A 29 -7.87 2.50 -4.27
N ASN A 30 -7.86 3.70 -4.80
CA ASN A 30 -9.05 4.24 -5.40
C ASN A 30 -9.02 3.94 -6.88
N THR A 31 -9.63 2.84 -7.22
CA THR A 31 -9.63 2.33 -8.58
C THR A 31 -10.80 2.91 -9.35
N THR A 32 -11.54 3.77 -8.67
CA THR A 32 -12.68 4.44 -9.20
C THR A 32 -12.24 5.72 -9.91
N ASN A 33 -11.22 6.35 -9.35
CA ASN A 33 -10.60 7.53 -9.96
C ASN A 33 -9.20 7.17 -10.42
N LYS A 34 -8.91 5.89 -10.30
CA LYS A 34 -7.61 5.30 -10.62
C LYS A 34 -6.47 6.06 -9.94
N SER A 35 -6.48 6.06 -8.63
CA SER A 35 -5.47 6.74 -7.84
C SER A 35 -5.30 6.04 -6.48
N ILE A 36 -4.14 6.18 -5.89
CA ILE A 36 -3.89 5.58 -4.59
C ILE A 36 -4.19 6.59 -3.49
N ASN A 37 -5.10 6.24 -2.60
CA ASN A 37 -5.45 7.13 -1.51
C ASN A 37 -5.03 6.53 -0.18
N VAL A 38 -3.93 7.00 0.35
CA VAL A 38 -3.45 6.55 1.64
C VAL A 38 -3.69 7.63 2.66
N TYR A 39 -4.52 7.35 3.64
CA TYR A 39 -4.88 8.33 4.63
C TYR A 39 -5.09 7.71 6.01
N SER A 40 -4.92 8.54 7.01
CA SER A 40 -5.11 8.14 8.40
C SER A 40 -5.76 9.30 9.13
N LYS A 41 -5.82 9.22 10.44
CA LYS A 41 -6.41 10.27 11.26
C LYS A 41 -5.62 11.58 11.07
N CYS A 42 -4.44 11.49 10.47
CA CYS A 42 -3.53 12.65 10.36
C CYS A 42 -2.95 12.83 8.95
N ILE A 43 -2.68 11.73 8.24
CA ILE A 43 -2.11 11.82 6.89
C ILE A 43 -3.21 11.60 5.86
N SER A 44 -3.06 12.21 4.70
CA SER A 44 -4.05 12.13 3.64
C SER A 44 -3.42 12.50 2.31
N GLY A 45 -3.21 11.51 1.45
CA GLY A 45 -2.56 11.79 0.19
C GLY A 45 -3.08 10.95 -0.95
N LYS A 46 -3.00 11.52 -2.14
CA LYS A 46 -3.39 10.84 -3.35
C LYS A 46 -2.15 10.39 -4.10
N ALA A 47 -2.34 9.54 -5.09
CA ALA A 47 -1.25 9.06 -5.92
C ALA A 47 -1.81 8.47 -7.20
N VAL A 48 -1.07 8.56 -8.29
CA VAL A 48 -1.45 7.84 -9.48
C VAL A 48 -0.57 6.62 -9.62
N TYR A 49 -1.17 5.52 -9.99
CA TYR A 49 -0.45 4.25 -10.01
C TYR A 49 0.01 3.87 -11.40
N SER A 50 1.08 3.11 -11.45
CA SER A 50 1.63 2.61 -12.69
C SER A 50 2.27 1.25 -12.43
N PHE A 51 2.31 0.41 -13.44
CA PHE A 51 2.86 -0.94 -13.30
C PHE A 51 4.06 -1.14 -14.21
N ASN A 52 5.11 -1.72 -13.66
CA ASN A 52 6.28 -2.07 -14.44
C ASN A 52 6.77 -3.45 -14.05
N ALA A 53 6.62 -4.41 -14.95
CA ALA A 53 6.99 -5.80 -14.70
C ALA A 53 6.29 -6.33 -13.44
N GLY A 54 5.03 -5.97 -13.27
CA GLY A 54 4.26 -6.43 -12.13
C GLY A 54 4.46 -5.57 -10.89
N LYS A 55 5.38 -4.62 -10.96
CA LYS A 55 5.66 -3.74 -9.84
C LYS A 55 4.64 -2.61 -9.79
N PHE A 56 3.99 -2.47 -8.65
CA PHE A 56 2.95 -1.47 -8.44
C PHE A 56 3.53 -0.21 -7.83
N MET A 57 3.35 0.91 -8.54
CA MET A 57 3.96 2.17 -8.14
C MET A 57 2.92 3.26 -7.98
N GLY A 58 3.32 4.36 -7.36
CA GLY A 58 2.39 5.46 -7.13
C GLY A 58 3.08 6.79 -6.87
N ASN A 59 2.79 7.78 -7.69
CA ASN A 59 3.30 9.13 -7.47
C ASN A 59 2.37 9.88 -6.53
N PHE A 60 2.87 10.22 -5.34
CA PHE A 60 2.01 10.69 -4.25
C PHE A 60 1.96 12.20 -4.12
N ASN A 61 0.86 12.62 -3.52
CA ASN A 61 0.63 14.00 -3.15
C ASN A 61 -0.01 14.01 -1.76
N VAL A 62 0.80 13.79 -0.75
CA VAL A 62 0.29 13.57 0.60
C VAL A 62 0.31 14.84 1.44
N LYS A 63 -0.71 14.98 2.26
CA LYS A 63 -0.76 15.96 3.31
C LYS A 63 -0.62 15.23 4.64
N GLU A 64 0.34 15.62 5.45
CA GLU A 64 0.59 14.91 6.68
C GLU A 64 1.18 15.80 7.78
N VAL A 65 0.79 15.48 9.00
CA VAL A 65 1.21 16.20 10.20
C VAL A 65 2.49 15.60 10.75
N ASP A 66 3.16 16.33 11.60
CA ASP A 66 4.26 15.79 12.36
C ASP A 66 3.81 15.57 13.79
N GLY A 67 4.42 14.62 14.48
CA GLY A 67 3.99 14.32 15.83
C GLY A 67 3.04 13.15 15.87
N CYS A 68 2.11 13.12 14.92
CA CYS A 68 1.14 12.02 14.81
C CYS A 68 1.86 10.83 14.18
N PHE A 69 2.89 11.16 13.44
CA PHE A 69 3.80 10.18 12.88
C PHE A 69 5.16 10.39 13.53
N MET A 70 5.14 10.95 14.75
CA MET A 70 6.34 11.33 15.48
C MET A 70 7.42 11.84 14.55
N ASP A 71 8.54 11.13 14.49
CA ASP A 71 9.59 11.41 13.54
C ASP A 71 9.90 10.16 12.76
N ALA A 72 10.05 9.05 13.47
CA ALA A 72 10.50 7.82 12.87
C ALA A 72 9.35 7.16 12.14
N GLN A 73 8.14 7.48 12.59
CA GLN A 73 6.94 6.95 11.97
C GLN A 73 6.75 7.61 10.62
N LYS A 74 7.05 8.90 10.58
CA LYS A 74 7.03 9.65 9.33
C LYS A 74 8.08 9.10 8.39
N ILE A 75 9.29 8.90 8.89
CA ILE A 75 10.34 8.20 8.16
C ILE A 75 9.83 6.86 7.64
N ALA A 76 9.18 6.09 8.51
CA ALA A 76 8.58 4.82 8.13
C ALA A 76 7.65 4.99 6.94
N ILE A 77 6.92 6.09 6.96
CA ILE A 77 5.96 6.41 5.93
C ILE A 77 6.66 6.91 4.67
N ASP A 78 7.73 7.65 4.87
CA ASP A 78 8.58 8.10 3.77
C ASP A 78 9.17 6.89 3.07
N LYS A 79 9.61 5.93 3.89
CA LYS A 79 10.08 4.64 3.42
C LYS A 79 8.99 3.91 2.64
N LEU A 80 7.81 3.82 3.24
CA LEU A 80 6.69 3.12 2.65
C LEU A 80 6.28 3.74 1.31
N PHE A 81 6.18 5.06 1.28
CA PHE A 81 5.72 5.75 0.08
C PHE A 81 6.75 5.71 -1.05
N SER A 82 8.03 5.70 -0.73
CA SER A 82 9.06 5.57 -1.75
C SER A 82 9.12 4.14 -2.29
N MET A 83 8.72 3.19 -1.45
CA MET A 83 8.66 1.79 -1.84
C MET A 83 7.79 1.57 -3.06
N LEU A 84 6.56 2.09 -3.02
CA LEU A 84 5.64 1.89 -4.12
C LEU A 84 6.26 2.44 -5.38
N LYS A 85 6.87 3.61 -5.23
CA LYS A 85 7.43 4.34 -6.33
C LYS A 85 8.60 3.59 -6.96
N ASP A 86 9.30 2.81 -6.14
CA ASP A 86 10.44 2.04 -6.63
C ASP A 86 9.91 0.77 -7.25
N GLY A 87 8.68 0.47 -6.90
CA GLY A 87 7.98 -0.65 -7.45
C GLY A 87 7.72 -1.70 -6.40
N VAL A 88 6.61 -1.56 -5.70
CA VAL A 88 6.23 -2.54 -4.70
C VAL A 88 5.24 -3.50 -5.33
N VAL A 89 5.50 -4.78 -5.20
CA VAL A 89 4.60 -5.76 -5.77
C VAL A 89 3.79 -6.45 -4.68
N LEU A 90 2.49 -6.36 -4.85
CA LEU A 90 1.55 -6.99 -3.94
C LEU A 90 1.56 -8.49 -4.18
N LYS A 91 1.89 -9.25 -3.13
CA LYS A 91 2.13 -10.70 -3.21
C LYS A 91 2.96 -11.14 -2.01
N GLY A 92 3.06 -12.44 -1.81
CA GLY A 92 3.87 -12.97 -0.73
C GLY A 92 4.42 -14.34 -1.08
N ASN A 93 5.07 -14.99 -0.13
CA ASN A 93 5.59 -16.32 -0.36
C ASN A 93 4.57 -17.38 0.00
N LYS A 94 3.63 -17.03 0.87
CA LYS A 94 2.55 -17.93 1.25
C LYS A 94 1.41 -17.16 1.91
N ILE A 95 0.50 -16.67 1.09
CA ILE A 95 -0.68 -15.95 1.57
C ILE A 95 -1.86 -16.26 0.67
N ASN A 96 -3.07 -16.20 1.22
CA ASN A 96 -4.29 -16.39 0.44
C ASN A 96 -5.31 -15.34 0.81
N ASP A 97 -5.64 -14.49 -0.16
CA ASP A 97 -6.66 -13.45 -0.01
C ASP A 97 -6.26 -12.43 1.06
N THR A 98 -4.99 -12.05 1.04
CA THR A 98 -4.50 -10.93 1.83
C THR A 98 -3.36 -10.26 1.06
N ILE A 99 -3.35 -8.93 1.04
CA ILE A 99 -2.40 -8.21 0.21
C ILE A 99 -1.12 -7.93 0.97
N LEU A 100 0.02 -8.18 0.34
CA LEU A 100 1.30 -7.97 0.98
C LEU A 100 2.19 -7.09 0.10
N ILE A 101 2.95 -6.21 0.73
CA ILE A 101 3.74 -5.21 0.02
C ILE A 101 5.23 -5.54 0.05
N GLU A 102 5.81 -5.80 -1.12
CA GLU A 102 7.18 -6.24 -1.21
C GLU A 102 7.94 -5.45 -2.28
N LYS A 103 9.19 -5.11 -1.96
CA LYS A 103 10.10 -4.51 -2.92
C LYS A 103 11.53 -4.73 -2.42
N ASP A 104 12.48 -4.84 -3.34
CA ASP A 104 13.86 -5.25 -3.05
C ASP A 104 13.93 -6.76 -2.87
N GLY A 105 12.93 -7.46 -3.38
CA GLY A 105 12.89 -8.91 -3.30
C GLY A 105 12.42 -9.42 -1.95
N GLU A 106 11.88 -8.53 -1.13
CA GLU A 106 11.41 -8.90 0.20
C GLU A 106 10.19 -8.07 0.58
N VAL A 107 9.34 -8.66 1.38
CA VAL A 107 8.15 -7.98 1.87
C VAL A 107 8.50 -7.18 3.11
N LYS A 108 8.02 -5.94 3.15
CA LYS A 108 8.31 -5.07 4.27
C LYS A 108 7.05 -4.36 4.73
N LEU A 109 5.97 -4.58 4.01
CA LEU A 109 4.69 -3.99 4.34
C LEU A 109 3.59 -4.95 3.94
N LYS A 110 2.40 -4.80 4.50
CA LYS A 110 1.26 -5.61 4.11
C LYS A 110 -0.01 -4.78 4.17
N LEU A 111 -1.05 -5.27 3.50
CA LEU A 111 -2.38 -4.74 3.68
C LEU A 111 -3.17 -5.80 4.43
N ILE A 112 -3.60 -5.43 5.64
CA ILE A 112 -4.26 -6.32 6.57
C ILE A 112 -3.24 -7.14 7.36
N ARG A 113 -3.55 -7.40 8.62
CA ARG A 113 -2.67 -8.14 9.51
C ARG A 113 -3.02 -9.63 9.45
N GLY A 114 -2.99 -10.16 8.23
CA GLY A 114 -3.32 -11.56 7.99
C GLY A 114 -2.29 -12.53 8.53
N ILE A 115 -1.24 -12.75 7.75
CA ILE A 115 -0.16 -13.64 8.13
C ILE A 115 0.57 -13.15 9.38
C ACE B 1 -6.65 -13.94 -8.83
O ACE B 1 -7.31 -14.30 -9.78
CH3 ACE B 1 -7.24 -13.03 -7.77
H1 ACE B 1 -8.28 -12.84 -8.00
H2 ACE B 1 -6.69 -12.10 -7.75
H3 ACE B 1 -7.17 -13.51 -6.81
N SER B 2 -5.38 -14.28 -8.64
CA SER B 2 -4.67 -15.15 -9.58
C SER B 2 -3.47 -15.80 -8.90
N GLU B 3 -2.83 -15.02 -8.04
CA GLU B 3 -1.62 -15.44 -7.37
C GLU B 3 -1.86 -15.46 -5.86
N THR B 4 -0.81 -15.74 -5.09
CA THR B 4 -0.85 -15.70 -3.63
C THR B 4 -1.52 -14.41 -3.15
N THR B 5 -1.31 -13.36 -3.90
CA THR B 5 -2.01 -12.11 -3.72
C THR B 5 -2.27 -11.49 -5.08
N LEU B 6 -1.18 -11.38 -5.83
CA LEU B 6 -1.19 -10.82 -7.17
C LEU B 6 -1.40 -9.32 -7.11
N LEU B 7 -1.97 -8.78 -8.19
CA LEU B 7 -2.20 -7.34 -8.36
C LEU B 7 -1.01 -6.70 -9.06
N GLU B 8 -0.70 -7.29 -10.21
CA GLU B 8 0.37 -6.82 -11.07
C GLU B 8 -0.22 -6.12 -12.28
N ASP B 9 -1.52 -6.27 -12.40
CA ASP B 9 -2.28 -5.61 -13.44
C ASP B 9 -3.46 -4.95 -12.78
N GLU B 10 -3.94 -3.83 -13.31
CA GLU B 10 -5.09 -3.17 -12.72
C GLU B 10 -6.28 -4.13 -12.70
N LYS B 11 -6.51 -4.76 -13.85
CA LYS B 11 -7.58 -5.74 -14.02
C LYS B 11 -7.60 -6.76 -12.88
N SER B 12 -6.44 -7.29 -12.55
CA SER B 12 -6.33 -8.33 -11.54
C SER B 12 -6.23 -7.71 -10.15
N LEU B 13 -5.89 -6.44 -10.11
CA LEU B 13 -5.70 -5.70 -8.88
C LEU B 13 -7.07 -5.36 -8.34
N VAL B 14 -7.87 -4.79 -9.21
CA VAL B 14 -9.20 -4.36 -8.86
C VAL B 14 -10.13 -5.54 -8.71
N SER B 15 -9.94 -6.56 -9.53
CA SER B 15 -10.68 -7.81 -9.40
C SER B 15 -10.48 -8.39 -8.01
N TYR B 16 -9.39 -7.99 -7.40
CA TYR B 16 -9.01 -8.46 -6.09
C TYR B 16 -9.48 -7.47 -5.02
N LEU B 17 -9.55 -6.20 -5.40
CA LEU B 17 -9.97 -5.13 -4.52
C LEU B 17 -11.49 -4.95 -4.46
N ASN B 18 -12.16 -5.14 -5.58
CA ASN B 18 -13.60 -4.95 -5.61
C ASN B 18 -14.30 -6.27 -5.29
N TYR B 19 -13.60 -7.38 -5.57
CA TYR B 19 -14.09 -8.77 -5.41
C TYR B 19 -15.62 -8.87 -5.33
N SER A 1 -16.24 -4.69 -12.01
CA SER A 1 -16.73 -3.30 -11.87
C SER A 1 -15.56 -2.30 -11.90
N SER A 2 -14.43 -2.70 -11.31
CA SER A 2 -13.24 -1.84 -11.21
C SER A 2 -13.48 -0.69 -10.23
N SER A 3 -14.33 0.26 -10.60
CA SER A 3 -14.68 1.37 -9.73
C SER A 3 -15.42 0.87 -8.49
N ASN A 4 -14.76 0.99 -7.34
CA ASN A 4 -15.28 0.48 -6.08
C ASN A 4 -14.62 1.21 -4.91
N SER A 5 -13.36 0.86 -4.65
CA SER A 5 -12.58 1.44 -3.55
C SER A 5 -13.32 1.30 -2.22
N GLU A 6 -13.05 2.26 -1.31
CA GLU A 6 -13.55 2.26 0.06
C GLU A 6 -13.17 1.00 0.82
N LYS A 7 -12.29 0.24 0.20
CA LYS A 7 -11.71 -0.92 0.78
C LYS A 7 -10.68 -0.54 1.84
N GLU A 8 -10.99 -0.85 3.09
CA GLU A 8 -10.14 -0.47 4.21
C GLU A 8 -8.97 -1.45 4.37
N TRP A 9 -7.82 -1.09 3.84
CA TRP A 9 -6.64 -1.91 3.98
C TRP A 9 -5.77 -1.39 5.13
N HIS A 10 -5.46 -2.26 6.09
CA HIS A 10 -4.64 -1.87 7.24
C HIS A 10 -3.17 -2.14 6.97
N ILE A 11 -2.36 -1.11 6.85
CA ILE A 11 -0.97 -1.29 6.48
C ILE A 11 -0.15 -1.87 7.63
N VAL A 12 0.51 -2.98 7.33
CA VAL A 12 1.32 -3.71 8.31
C VAL A 12 2.80 -3.61 7.97
N PRO A 13 3.65 -3.30 8.95
CA PRO A 13 5.10 -3.33 8.76
C PRO A 13 5.70 -4.71 8.98
N VAL A 14 6.39 -5.22 7.97
CA VAL A 14 7.01 -6.54 8.07
C VAL A 14 8.47 -6.42 8.51
N SER A 15 9.22 -5.59 7.80
CA SER A 15 10.65 -5.44 8.05
C SER A 15 10.91 -4.50 9.22
N LYS A 16 12.11 -4.64 9.76
CA LYS A 16 12.51 -3.97 10.99
C LYS A 16 12.63 -2.47 10.79
N ASP A 17 12.89 -2.08 9.57
CA ASP A 17 13.05 -0.68 9.21
C ASP A 17 11.70 0.05 9.23
N TYR A 18 10.62 -0.73 9.19
CA TYR A 18 9.28 -0.15 9.11
C TYR A 18 8.49 -0.41 10.37
N PHE A 19 9.10 -1.02 11.37
CA PHE A 19 8.38 -1.31 12.62
C PHE A 19 7.93 -0.02 13.30
N SER A 20 8.45 1.11 12.83
CA SER A 20 8.11 2.38 13.42
C SER A 20 6.91 3.04 12.73
N ILE A 21 6.33 2.38 11.72
CA ILE A 21 5.19 2.95 10.99
C ILE A 21 4.05 3.31 11.97
N PRO A 22 3.41 4.48 11.76
CA PRO A 22 2.45 5.10 12.69
C PRO A 22 1.39 4.21 13.35
N ASN A 23 0.60 4.88 14.19
CA ASN A 23 -0.43 4.24 14.98
C ASN A 23 -1.39 3.44 14.09
N ASP A 24 -2.01 4.13 13.13
CA ASP A 24 -2.99 3.49 12.26
C ASP A 24 -3.14 4.25 10.93
N LEU A 25 -2.48 3.74 9.91
CA LEU A 25 -2.64 4.25 8.55
C LEU A 25 -3.71 3.46 7.82
N LEU A 26 -4.56 4.15 7.09
CA LEU A 26 -5.60 3.49 6.30
C LEU A 26 -5.31 3.60 4.81
N TRP A 27 -5.12 2.47 4.17
CA TRP A 27 -4.87 2.41 2.75
C TRP A 27 -6.16 2.04 2.02
N SER A 28 -6.51 2.81 1.01
CA SER A 28 -7.61 2.47 0.15
C SER A 28 -7.22 2.71 -1.29
N PHE A 29 -7.14 1.66 -2.09
CA PHE A 29 -6.88 1.83 -3.49
C PHE A 29 -8.14 2.38 -4.14
N ASN A 30 -8.04 3.55 -4.74
CA ASN A 30 -9.17 4.09 -5.45
C ASN A 30 -9.12 3.63 -6.89
N THR A 31 -9.85 2.57 -7.15
CA THR A 31 -9.87 1.96 -8.47
C THR A 31 -11.02 2.52 -9.29
N THR A 32 -11.59 3.61 -8.80
CA THR A 32 -12.70 4.26 -9.45
C THR A 32 -12.20 5.40 -10.35
N ASN A 33 -11.20 6.13 -9.86
CA ASN A 33 -10.57 7.18 -10.65
C ASN A 33 -9.09 6.88 -10.84
N LYS A 34 -8.71 5.71 -10.35
CA LYS A 34 -7.36 5.17 -10.51
C LYS A 34 -6.32 6.01 -9.76
N SER A 35 -6.45 6.01 -8.44
CA SER A 35 -5.49 6.67 -7.58
C SER A 35 -5.28 5.87 -6.31
N ILE A 36 -4.14 6.05 -5.68
CA ILE A 36 -3.89 5.46 -4.38
C ILE A 36 -4.32 6.44 -3.32
N ASN A 37 -5.17 6.00 -2.41
CA ASN A 37 -5.58 6.87 -1.32
C ASN A 37 -5.08 6.32 0.00
N VAL A 38 -3.97 6.84 0.47
CA VAL A 38 -3.42 6.42 1.75
C VAL A 38 -3.60 7.55 2.74
N TYR A 39 -4.41 7.32 3.76
CA TYR A 39 -4.75 8.38 4.68
C TYR A 39 -4.80 7.87 6.11
N SER A 40 -4.70 8.80 7.03
CA SER A 40 -4.82 8.54 8.44
C SER A 40 -5.49 9.73 9.10
N LYS A 41 -5.46 9.78 10.41
CA LYS A 41 -6.04 10.88 11.15
C LYS A 41 -5.38 12.20 10.75
N CYS A 42 -4.21 12.11 10.11
CA CYS A 42 -3.41 13.28 9.81
C CYS A 42 -2.93 13.31 8.35
N ILE A 43 -2.34 12.20 7.88
CA ILE A 43 -1.81 12.15 6.50
C ILE A 43 -2.94 11.87 5.51
N SER A 44 -2.79 12.38 4.30
CA SER A 44 -3.81 12.21 3.27
C SER A 44 -3.15 12.21 1.90
N GLY A 45 -3.02 11.03 1.31
CA GLY A 45 -2.28 10.92 0.08
C GLY A 45 -3.06 10.34 -1.07
N LYS A 46 -3.14 11.11 -2.13
CA LYS A 46 -3.61 10.61 -3.40
C LYS A 46 -2.39 10.31 -4.26
N ALA A 47 -2.50 9.32 -5.11
CA ALA A 47 -1.36 8.90 -5.93
C ALA A 47 -1.83 8.29 -7.24
N VAL A 48 -1.09 8.50 -8.30
CA VAL A 48 -1.40 7.84 -9.55
C VAL A 48 -0.57 6.58 -9.65
N TYR A 49 -1.23 5.45 -9.79
CA TYR A 49 -0.53 4.18 -9.75
C TYR A 49 -0.18 3.67 -11.14
N SER A 50 1.01 3.10 -11.22
CA SER A 50 1.51 2.55 -12.47
C SER A 50 2.04 1.15 -12.23
N PHE A 51 2.22 0.39 -13.30
CA PHE A 51 2.71 -0.99 -13.18
C PHE A 51 3.91 -1.22 -14.08
N ASN A 52 4.95 -1.80 -13.49
CA ASN A 52 6.16 -2.13 -14.24
C ASN A 52 6.70 -3.48 -13.81
N ALA A 53 6.59 -4.47 -14.70
CA ALA A 53 7.08 -5.82 -14.42
C ALA A 53 6.48 -6.38 -13.13
N GLY A 54 5.18 -6.17 -12.95
CA GLY A 54 4.51 -6.68 -11.77
C GLY A 54 4.69 -5.79 -10.56
N LYS A 55 5.43 -4.70 -10.71
CA LYS A 55 5.61 -3.76 -9.62
C LYS A 55 4.50 -2.71 -9.62
N PHE A 56 3.85 -2.57 -8.48
CA PHE A 56 2.79 -1.60 -8.31
C PHE A 56 3.34 -0.32 -7.70
N MET A 57 3.09 0.80 -8.37
CA MET A 57 3.62 2.08 -7.95
C MET A 57 2.52 3.09 -7.70
N GLY A 58 2.90 4.30 -7.39
CA GLY A 58 1.94 5.35 -7.17
C GLY A 58 2.57 6.69 -6.81
N ASN A 59 2.56 7.62 -7.75
CA ASN A 59 3.12 8.95 -7.51
C ASN A 59 2.20 9.72 -6.57
N PHE A 60 2.69 10.01 -5.38
CA PHE A 60 1.85 10.55 -4.32
C PHE A 60 1.80 12.07 -4.30
N ASN A 61 0.69 12.55 -3.77
CA ASN A 61 0.44 13.95 -3.49
C ASN A 61 -0.13 14.04 -2.09
N VAL A 62 0.72 13.87 -1.09
CA VAL A 62 0.25 13.66 0.27
C VAL A 62 0.19 14.94 1.08
N LYS A 63 -0.82 15.00 1.93
CA LYS A 63 -0.91 16.01 2.97
C LYS A 63 -0.35 15.41 4.24
N GLU A 64 0.59 16.09 4.85
CA GLU A 64 1.35 15.48 5.92
C GLU A 64 1.65 16.43 7.06
N VAL A 65 1.68 15.85 8.23
CA VAL A 65 1.90 16.54 9.50
C VAL A 65 3.13 15.95 10.20
N ASP A 66 3.67 16.65 11.15
CA ASP A 66 4.68 16.06 12.00
C ASP A 66 4.08 15.80 13.37
N GLY A 67 4.68 14.91 14.15
CA GLY A 67 4.16 14.62 15.46
C GLY A 67 3.15 13.48 15.45
N CYS A 68 2.33 13.43 14.40
CA CYS A 68 1.29 12.41 14.28
C CYS A 68 1.93 11.12 13.83
N PHE A 69 2.98 11.29 13.05
CA PHE A 69 3.83 10.18 12.67
C PHE A 69 5.11 10.28 13.48
N MET A 70 4.99 10.86 14.68
CA MET A 70 6.13 11.13 15.54
C MET A 70 7.31 11.65 14.72
N ASP A 71 8.38 10.88 14.68
CA ASP A 71 9.51 11.18 13.82
C ASP A 71 9.90 9.96 13.02
N ALA A 72 10.01 8.84 13.71
CA ALA A 72 10.47 7.62 13.08
C ALA A 72 9.34 6.95 12.30
N GLN A 73 8.12 7.25 12.73
CA GLN A 73 6.94 6.77 12.04
C GLN A 73 6.84 7.46 10.69
N LYS A 74 7.18 8.73 10.70
CA LYS A 74 7.23 9.55 9.51
C LYS A 74 8.28 9.00 8.54
N ILE A 75 9.47 8.77 9.08
CA ILE A 75 10.52 8.07 8.35
C ILE A 75 9.99 6.78 7.75
N ALA A 76 9.30 6.00 8.58
CA ALA A 76 8.67 4.75 8.16
C ALA A 76 7.77 4.97 6.94
N ILE A 77 7.10 6.11 6.94
CA ILE A 77 6.14 6.45 5.91
C ILE A 77 6.84 6.96 4.66
N ASP A 78 7.91 7.70 4.85
CA ASP A 78 8.75 8.13 3.73
C ASP A 78 9.27 6.89 3.02
N LYS A 79 9.74 5.96 3.84
CA LYS A 79 10.15 4.64 3.38
C LYS A 79 9.01 3.96 2.61
N LEU A 80 7.82 3.93 3.23
CA LEU A 80 6.67 3.25 2.67
C LEU A 80 6.25 3.87 1.33
N PHE A 81 6.15 5.18 1.29
CA PHE A 81 5.66 5.87 0.10
C PHE A 81 6.66 5.80 -1.05
N SER A 82 7.95 5.79 -0.74
CA SER A 82 8.95 5.65 -1.77
C SER A 82 8.95 4.22 -2.32
N MET A 83 8.53 3.28 -1.48
CA MET A 83 8.48 1.88 -1.87
C MET A 83 7.56 1.63 -3.05
N LEU A 84 6.32 2.11 -2.95
CA LEU A 84 5.36 1.91 -4.02
C LEU A 84 5.93 2.50 -5.28
N LYS A 85 6.44 3.70 -5.14
CA LYS A 85 6.92 4.49 -6.25
C LYS A 85 8.16 3.87 -6.87
N ASP A 86 8.88 3.06 -6.11
CA ASP A 86 10.04 2.36 -6.63
C ASP A 86 9.56 1.06 -7.26
N GLY A 87 8.37 0.69 -6.88
CA GLY A 87 7.71 -0.47 -7.41
C GLY A 87 7.54 -1.56 -6.37
N VAL A 88 6.42 -1.53 -5.67
CA VAL A 88 6.12 -2.53 -4.68
C VAL A 88 5.17 -3.56 -5.28
N VAL A 89 5.48 -4.82 -5.12
CA VAL A 89 4.64 -5.86 -5.67
C VAL A 89 3.78 -6.49 -4.60
N LEU A 90 2.48 -6.47 -4.86
CA LEU A 90 1.49 -7.06 -3.98
C LEU A 90 1.52 -8.58 -4.18
N LYS A 91 1.85 -9.31 -3.11
CA LYS A 91 2.09 -10.76 -3.15
C LYS A 91 2.91 -11.14 -1.92
N GLY A 92 2.87 -12.42 -1.55
CA GLY A 92 3.64 -12.88 -0.43
C GLY A 92 3.95 -14.36 -0.52
N ASN A 93 4.61 -14.90 0.49
CA ASN A 93 5.01 -16.30 0.49
C ASN A 93 3.80 -17.22 0.46
N LYS A 94 2.98 -17.17 1.50
CA LYS A 94 1.78 -18.00 1.57
C LYS A 94 0.59 -17.20 2.08
N ILE A 95 -0.12 -16.55 1.17
CA ILE A 95 -1.29 -15.77 1.52
C ILE A 95 -2.37 -15.98 0.46
N ASN A 96 -3.60 -15.57 0.75
CA ASN A 96 -4.69 -15.72 -0.21
C ASN A 96 -5.71 -14.59 -0.09
N ASP A 97 -6.15 -14.34 1.14
CA ASP A 97 -7.20 -13.35 1.38
C ASP A 97 -6.61 -12.08 1.97
N THR A 98 -5.37 -11.77 1.61
CA THR A 98 -4.70 -10.61 2.17
C THR A 98 -3.61 -10.11 1.22
N ILE A 99 -3.44 -8.80 1.16
CA ILE A 99 -2.47 -8.18 0.27
C ILE A 99 -1.16 -7.92 1.00
N LEU A 100 -0.04 -8.15 0.33
CA LEU A 100 1.26 -7.98 0.97
C LEU A 100 2.15 -7.09 0.11
N ILE A 101 2.94 -6.25 0.76
CA ILE A 101 3.74 -5.24 0.07
C ILE A 101 5.24 -5.57 0.13
N GLU A 102 5.84 -5.81 -1.03
CA GLU A 102 7.22 -6.21 -1.11
C GLU A 102 7.96 -5.38 -2.18
N LYS A 103 9.19 -4.99 -1.90
CA LYS A 103 10.06 -4.40 -2.91
C LYS A 103 11.51 -4.55 -2.49
N ASP A 104 12.39 -4.68 -3.48
CA ASP A 104 13.82 -4.96 -3.27
C ASP A 104 14.03 -6.41 -2.84
N GLY A 105 13.04 -7.25 -3.12
CA GLY A 105 13.16 -8.67 -2.81
C GLY A 105 12.62 -9.02 -1.44
N GLU A 106 12.37 -8.02 -0.63
CA GLU A 106 11.86 -8.24 0.72
C GLU A 106 10.46 -7.66 0.87
N VAL A 107 9.69 -8.28 1.72
CA VAL A 107 8.41 -7.76 2.11
C VAL A 107 8.58 -6.99 3.40
N LYS A 108 8.10 -5.77 3.41
CA LYS A 108 8.29 -4.92 4.56
C LYS A 108 6.99 -4.24 4.93
N LEU A 109 5.96 -4.50 4.15
CA LEU A 109 4.65 -3.93 4.39
C LEU A 109 3.58 -4.92 3.96
N LYS A 110 2.38 -4.77 4.51
CA LYS A 110 1.24 -5.58 4.10
C LYS A 110 -0.03 -4.75 4.16
N LEU A 111 -1.06 -5.22 3.48
CA LEU A 111 -2.40 -4.71 3.68
C LEU A 111 -3.19 -5.77 4.42
N ILE A 112 -3.47 -5.47 5.68
CA ILE A 112 -4.06 -6.41 6.65
C ILE A 112 -2.99 -7.38 7.17
N ARG A 113 -3.07 -7.73 8.43
CA ARG A 113 -2.18 -8.74 8.99
C ARG A 113 -2.72 -10.14 8.68
N GLY A 114 -2.59 -10.56 7.43
CA GLY A 114 -2.92 -11.92 7.05
C GLY A 114 -1.93 -12.91 7.61
N ILE A 115 -0.80 -12.99 6.96
CA ILE A 115 0.29 -13.85 7.38
C ILE A 115 0.81 -13.44 8.75
C ACE B 1 -6.35 -13.40 -9.49
O ACE B 1 -6.78 -13.53 -10.63
CH3 ACE B 1 -6.98 -12.41 -8.54
H1 ACE B 1 -6.94 -11.42 -8.97
H2 ACE B 1 -6.44 -12.43 -7.60
H3 ACE B 1 -8.00 -12.69 -8.37
N SER B 2 -5.30 -14.09 -9.03
CA SER B 2 -4.60 -15.06 -9.84
C SER B 2 -3.48 -15.75 -9.03
N GLU B 3 -2.91 -14.99 -8.10
CA GLU B 3 -1.71 -15.42 -7.38
C GLU B 3 -1.96 -15.41 -5.87
N THR B 4 -0.91 -15.66 -5.09
CA THR B 4 -0.96 -15.60 -3.62
C THR B 4 -1.64 -14.29 -3.18
N THR B 5 -1.38 -13.24 -3.93
CA THR B 5 -2.08 -11.99 -3.79
C THR B 5 -2.30 -11.40 -5.16
N LEU B 6 -1.18 -11.30 -5.89
CA LEU B 6 -1.15 -10.75 -7.21
C LEU B 6 -1.37 -9.24 -7.18
N LEU B 7 -1.94 -8.72 -8.27
CA LEU B 7 -2.19 -7.28 -8.44
C LEU B 7 -0.97 -6.64 -9.08
N GLU B 8 -0.55 -7.26 -10.17
CA GLU B 8 0.58 -6.81 -10.95
C GLU B 8 0.09 -6.05 -12.17
N ASP B 9 -1.21 -6.11 -12.38
CA ASP B 9 -1.89 -5.38 -13.43
C ASP B 9 -3.05 -4.66 -12.79
N GLU B 10 -3.49 -3.55 -13.35
CA GLU B 10 -4.65 -2.86 -12.81
C GLU B 10 -5.85 -3.79 -12.86
N LYS B 11 -6.03 -4.43 -14.01
CA LYS B 11 -7.11 -5.38 -14.23
C LYS B 11 -7.16 -6.43 -13.13
N SER B 12 -6.02 -7.00 -12.81
CA SER B 12 -5.94 -8.08 -11.83
C SER B 12 -5.95 -7.52 -10.41
N LEU B 13 -5.67 -6.24 -10.31
CA LEU B 13 -5.55 -5.57 -9.04
C LEU B 13 -6.95 -5.24 -8.57
N VAL B 14 -7.71 -4.62 -9.46
CA VAL B 14 -9.06 -4.24 -9.14
C VAL B 14 -9.95 -5.45 -9.09
N SER B 15 -9.68 -6.46 -9.92
CA SER B 15 -10.41 -7.73 -9.87
C SER B 15 -10.27 -8.35 -8.49
N TYR B 16 -9.24 -7.93 -7.79
CA TYR B 16 -8.95 -8.41 -6.46
C TYR B 16 -9.54 -7.48 -5.42
N LEU B 17 -9.64 -6.21 -5.79
CA LEU B 17 -10.15 -5.18 -4.89
C LEU B 17 -11.67 -5.04 -4.95
N ASN B 18 -12.22 -5.14 -6.14
CA ASN B 18 -13.66 -4.92 -6.33
C ASN B 18 -14.45 -6.19 -6.05
N TYR B 19 -13.79 -7.12 -5.38
CA TYR B 19 -14.38 -8.39 -5.02
C TYR B 19 -15.60 -8.17 -4.12
N SER A 1 -14.58 -4.85 -14.59
CA SER A 1 -15.27 -4.21 -13.44
C SER A 1 -14.26 -3.65 -12.45
N SER A 2 -13.96 -2.36 -12.58
CA SER A 2 -13.02 -1.70 -11.68
C SER A 2 -13.79 -0.89 -10.63
N SER A 3 -14.22 -1.56 -9.58
CA SER A 3 -14.97 -0.91 -8.52
C SER A 3 -14.27 -1.07 -7.18
N ASN A 4 -14.87 -0.48 -6.15
CA ASN A 4 -14.30 -0.41 -4.81
C ASN A 4 -13.21 0.66 -4.75
N SER A 5 -13.11 1.32 -3.61
CA SER A 5 -12.16 2.40 -3.46
C SER A 5 -12.02 2.81 -2.01
N GLU A 6 -13.15 3.15 -1.40
CA GLU A 6 -13.17 3.70 -0.06
C GLU A 6 -13.04 2.60 0.98
N LYS A 7 -12.81 1.40 0.49
CA LYS A 7 -12.48 0.27 1.29
C LYS A 7 -11.24 0.57 2.13
N GLU A 8 -11.24 0.07 3.35
CA GLU A 8 -10.18 0.37 4.30
C GLU A 8 -9.12 -0.73 4.34
N TRP A 9 -7.94 -0.43 3.81
CA TRP A 9 -6.81 -1.33 3.92
C TRP A 9 -5.88 -0.86 5.05
N HIS A 10 -5.83 -1.62 6.14
CA HIS A 10 -4.94 -1.29 7.25
C HIS A 10 -3.51 -1.71 6.92
N ILE A 11 -2.62 -0.75 6.80
CA ILE A 11 -1.25 -1.04 6.40
C ILE A 11 -0.46 -1.62 7.57
N VAL A 12 0.37 -2.60 7.24
CA VAL A 12 1.13 -3.34 8.23
C VAL A 12 2.62 -3.27 7.92
N PRO A 13 3.47 -3.05 8.92
CA PRO A 13 4.91 -3.13 8.76
C PRO A 13 5.42 -4.56 8.97
N VAL A 14 6.21 -5.05 8.03
CA VAL A 14 6.72 -6.41 8.10
C VAL A 14 8.20 -6.41 8.53
N SER A 15 8.99 -5.59 7.85
CA SER A 15 10.42 -5.55 8.09
C SER A 15 10.75 -4.52 9.17
N LYS A 16 11.85 -4.80 9.86
CA LYS A 16 12.30 -4.04 11.02
C LYS A 16 12.41 -2.54 10.75
N ASP A 17 12.75 -2.18 9.52
CA ASP A 17 12.96 -0.78 9.17
C ASP A 17 11.63 -0.02 9.12
N TYR A 18 10.54 -0.77 9.00
CA TYR A 18 9.21 -0.18 8.91
C TYR A 18 8.42 -0.46 10.17
N PHE A 19 9.01 -1.15 11.13
CA PHE A 19 8.31 -1.46 12.38
C PHE A 19 7.88 -0.18 13.11
N SER A 20 8.40 0.95 12.68
CA SER A 20 8.09 2.21 13.31
C SER A 20 6.92 2.92 12.64
N ILE A 21 6.32 2.30 11.60
CA ILE A 21 5.18 2.91 10.90
C ILE A 21 4.10 3.32 11.91
N PRO A 22 3.48 4.51 11.70
CA PRO A 22 2.56 5.19 12.64
C PRO A 22 1.47 4.36 13.29
N ASN A 23 0.63 5.08 14.03
CA ASN A 23 -0.50 4.52 14.76
C ASN A 23 -1.23 3.47 13.93
N ASP A 24 -1.60 3.86 12.71
CA ASP A 24 -2.34 3.01 11.79
C ASP A 24 -2.76 3.82 10.57
N LEU A 25 -2.14 3.52 9.45
CA LEU A 25 -2.45 4.23 8.21
C LEU A 25 -3.54 3.50 7.45
N LEU A 26 -4.43 4.26 6.87
CA LEU A 26 -5.50 3.68 6.07
C LEU A 26 -5.20 3.85 4.59
N TRP A 27 -5.03 2.73 3.92
CA TRP A 27 -4.84 2.70 2.49
C TRP A 27 -6.17 2.44 1.81
N SER A 28 -6.42 3.14 0.72
CA SER A 28 -7.60 2.89 -0.07
C SER A 28 -7.22 2.88 -1.53
N PHE A 29 -7.35 1.73 -2.17
CA PHE A 29 -7.16 1.64 -3.60
C PHE A 29 -8.38 2.23 -4.27
N ASN A 30 -8.20 3.29 -5.03
CA ASN A 30 -9.30 3.87 -5.78
C ASN A 30 -9.24 3.35 -7.19
N THR A 31 -10.02 2.35 -7.52
CA THR A 31 -9.94 1.73 -8.83
C THR A 31 -11.10 2.14 -9.73
N THR A 32 -12.07 2.85 -9.16
CA THR A 32 -13.20 3.33 -9.92
C THR A 32 -12.90 4.71 -10.50
N ASN A 33 -12.22 5.55 -9.71
CA ASN A 33 -11.74 6.83 -10.22
C ASN A 33 -10.26 6.72 -10.58
N LYS A 34 -9.72 5.53 -10.28
CA LYS A 34 -8.33 5.16 -10.56
C LYS A 34 -7.31 6.10 -9.92
N SER A 35 -7.04 5.85 -8.65
CA SER A 35 -6.15 6.67 -7.86
C SER A 35 -5.74 5.89 -6.60
N ILE A 36 -4.86 6.47 -5.82
CA ILE A 36 -4.47 5.90 -4.53
C ILE A 36 -4.79 6.91 -3.45
N ASN A 37 -5.30 6.46 -2.32
CA ASN A 37 -5.53 7.37 -1.19
C ASN A 37 -5.05 6.73 0.09
N VAL A 38 -3.97 7.27 0.62
CA VAL A 38 -3.42 6.80 1.88
C VAL A 38 -3.59 7.87 2.93
N TYR A 39 -4.38 7.58 3.95
CA TYR A 39 -4.72 8.60 4.93
C TYR A 39 -4.88 8.00 6.33
N SER A 40 -4.77 8.88 7.31
CA SER A 40 -4.99 8.54 8.70
C SER A 40 -5.36 9.81 9.45
N LYS A 41 -5.42 9.73 10.76
CA LYS A 41 -5.73 10.89 11.61
C LYS A 41 -4.94 12.15 11.19
N CYS A 42 -3.71 11.95 10.73
CA CYS A 42 -2.79 13.06 10.55
C CYS A 42 -2.15 13.10 9.16
N ILE A 43 -2.51 12.19 8.28
CA ILE A 43 -1.94 12.16 6.93
C ILE A 43 -3.04 11.89 5.92
N SER A 44 -2.87 12.40 4.72
CA SER A 44 -3.86 12.24 3.67
C SER A 44 -3.21 12.48 2.31
N GLY A 45 -3.00 11.42 1.56
CA GLY A 45 -2.33 11.55 0.28
C GLY A 45 -3.03 10.82 -0.83
N LYS A 46 -2.99 11.42 -2.00
CA LYS A 46 -3.56 10.85 -3.20
C LYS A 46 -2.44 10.49 -4.16
N ALA A 47 -2.66 9.49 -4.97
CA ALA A 47 -1.66 9.06 -5.95
C ALA A 47 -2.32 8.51 -7.20
N VAL A 48 -1.56 8.43 -8.28
CA VAL A 48 -2.00 7.68 -9.43
C VAL A 48 -1.04 6.54 -9.65
N TYR A 49 -1.57 5.35 -9.84
CA TYR A 49 -0.74 4.15 -9.86
C TYR A 49 -0.29 3.80 -11.27
N SER A 50 0.83 3.08 -11.34
CA SER A 50 1.38 2.60 -12.58
C SER A 50 2.02 1.23 -12.35
N PHE A 51 2.27 0.49 -13.41
CA PHE A 51 2.80 -0.86 -13.27
C PHE A 51 4.02 -1.08 -14.15
N ASN A 52 5.04 -1.71 -13.58
CA ASN A 52 6.25 -2.04 -14.32
C ASN A 52 6.73 -3.43 -13.91
N ALA A 53 6.63 -4.39 -14.84
CA ALA A 53 7.09 -5.76 -14.62
C ALA A 53 6.47 -6.38 -13.36
N GLY A 54 5.19 -6.10 -13.14
CA GLY A 54 4.49 -6.64 -11.99
C GLY A 54 4.58 -5.76 -10.76
N LYS A 55 5.43 -4.73 -10.84
CA LYS A 55 5.57 -3.81 -9.72
C LYS A 55 4.46 -2.77 -9.74
N PHE A 56 3.84 -2.57 -8.60
CA PHE A 56 2.76 -1.61 -8.43
C PHE A 56 3.31 -0.32 -7.83
N MET A 57 3.00 0.79 -8.48
CA MET A 57 3.55 2.08 -8.09
C MET A 57 2.48 3.14 -7.93
N GLY A 58 2.93 4.33 -7.59
CA GLY A 58 2.05 5.48 -7.47
C GLY A 58 2.85 6.75 -7.51
N ASN A 59 2.19 7.90 -7.51
CA ASN A 59 2.87 9.16 -7.28
C ASN A 59 2.01 10.01 -6.37
N PHE A 60 2.52 10.31 -5.19
CA PHE A 60 1.69 10.76 -4.10
C PHE A 60 1.66 12.26 -3.92
N ASN A 61 0.50 12.69 -3.46
CA ASN A 61 0.27 14.05 -3.01
C ASN A 61 -0.22 13.99 -1.57
N VAL A 62 0.70 13.83 -0.64
CA VAL A 62 0.34 13.61 0.76
C VAL A 62 0.41 14.89 1.56
N LYS A 63 -0.59 15.09 2.37
CA LYS A 63 -0.60 16.15 3.37
C LYS A 63 -0.38 15.49 4.73
N GLU A 64 0.76 15.73 5.33
CA GLU A 64 1.10 15.05 6.56
C GLU A 64 1.76 15.96 7.58
N VAL A 65 1.44 15.68 8.84
CA VAL A 65 1.94 16.45 9.99
C VAL A 65 3.26 15.86 10.48
N ASP A 66 3.99 16.62 11.25
CA ASP A 66 5.17 16.11 11.91
C ASP A 66 4.92 16.00 13.40
N GLY A 67 5.26 14.86 13.97
CA GLY A 67 4.97 14.62 15.37
C GLY A 67 3.93 13.53 15.57
N CYS A 68 2.93 13.47 14.70
CA CYS A 68 1.85 12.48 14.81
C CYS A 68 2.36 11.15 14.28
N PHE A 69 3.31 11.26 13.37
CA PHE A 69 4.07 10.11 12.91
C PHE A 69 5.40 10.13 13.64
N MET A 70 5.38 10.68 14.87
CA MET A 70 6.58 10.92 15.65
C MET A 70 7.71 11.41 14.76
N ASP A 71 8.84 10.74 14.81
CA ASP A 71 9.93 10.99 13.87
C ASP A 71 10.19 9.75 13.04
N ALA A 72 10.21 8.61 13.71
CA ALA A 72 10.62 7.38 13.07
C ALA A 72 9.47 6.79 12.27
N GLN A 73 8.27 7.13 12.69
CA GLN A 73 7.06 6.67 12.02
C GLN A 73 6.92 7.41 10.70
N LYS A 74 7.27 8.68 10.75
CA LYS A 74 7.34 9.51 9.57
C LYS A 74 8.35 8.95 8.58
N ILE A 75 9.55 8.70 9.07
CA ILE A 75 10.57 7.99 8.31
C ILE A 75 10.01 6.69 7.71
N ALA A 76 9.32 5.93 8.54
CA ALA A 76 8.64 4.70 8.11
C ALA A 76 7.74 4.96 6.91
N ILE A 77 7.10 6.11 6.94
CA ILE A 77 6.14 6.51 5.93
C ILE A 77 6.84 6.98 4.67
N ASP A 78 7.95 7.69 4.86
CA ASP A 78 8.80 8.08 3.74
C ASP A 78 9.28 6.83 3.02
N LYS A 79 9.70 5.88 3.84
CA LYS A 79 10.11 4.57 3.37
C LYS A 79 8.98 3.88 2.60
N LEU A 80 7.79 3.85 3.21
CA LEU A 80 6.65 3.17 2.63
C LEU A 80 6.24 3.79 1.30
N PHE A 81 6.16 5.12 1.26
CA PHE A 81 5.70 5.82 0.07
C PHE A 81 6.70 5.73 -1.08
N SER A 82 7.99 5.75 -0.76
CA SER A 82 9.02 5.59 -1.77
C SER A 82 9.01 4.16 -2.31
N MET A 83 8.57 3.22 -1.49
CA MET A 83 8.48 1.82 -1.89
C MET A 83 7.57 1.63 -3.09
N LEU A 84 6.34 2.14 -2.99
CA LEU A 84 5.38 1.95 -4.08
C LEU A 84 5.95 2.54 -5.34
N LYS A 85 6.52 3.72 -5.18
CA LYS A 85 7.01 4.51 -6.28
C LYS A 85 8.27 3.89 -6.87
N ASP A 86 8.95 3.07 -6.10
CA ASP A 86 10.13 2.36 -6.57
C ASP A 86 9.67 1.06 -7.19
N GLY A 87 8.46 0.69 -6.83
CA GLY A 87 7.81 -0.47 -7.40
C GLY A 87 7.60 -1.56 -6.37
N VAL A 88 6.49 -1.48 -5.65
CA VAL A 88 6.14 -2.48 -4.68
C VAL A 88 5.20 -3.49 -5.32
N VAL A 89 5.46 -4.75 -5.13
CA VAL A 89 4.62 -5.77 -5.69
C VAL A 89 3.76 -6.41 -4.62
N LEU A 90 2.47 -6.36 -4.84
CA LEU A 90 1.50 -6.98 -3.96
C LEU A 90 1.56 -8.49 -4.15
N LYS A 91 1.91 -9.19 -3.06
CA LYS A 91 2.22 -10.62 -3.08
C LYS A 91 3.08 -10.93 -1.87
N GLY A 92 3.25 -12.20 -1.56
CA GLY A 92 4.10 -12.57 -0.46
C GLY A 92 4.33 -14.06 -0.42
N ASN A 93 4.46 -14.59 0.79
CA ASN A 93 4.67 -16.01 0.96
C ASN A 93 3.52 -16.62 1.77
N LYS A 94 3.02 -17.75 1.27
CA LYS A 94 1.92 -18.50 1.91
C LYS A 94 0.79 -17.59 2.39
N ILE A 95 0.35 -16.70 1.52
CA ILE A 95 -0.78 -15.83 1.80
C ILE A 95 -1.85 -16.07 0.74
N ASN A 96 -3.08 -15.64 1.00
CA ASN A 96 -4.15 -15.80 0.02
C ASN A 96 -5.20 -14.70 0.17
N ASP A 97 -5.81 -14.62 1.34
CA ASP A 97 -6.91 -13.68 1.56
C ASP A 97 -6.40 -12.36 2.12
N THR A 98 -5.22 -11.96 1.69
CA THR A 98 -4.60 -10.73 2.20
C THR A 98 -3.57 -10.20 1.20
N ILE A 99 -3.43 -8.88 1.16
CA ILE A 99 -2.50 -8.24 0.24
C ILE A 99 -1.21 -7.89 0.97
N LEU A 100 -0.08 -8.16 0.33
CA LEU A 100 1.21 -7.91 0.97
C LEU A 100 2.06 -6.99 0.10
N ILE A 101 2.80 -6.11 0.75
CA ILE A 101 3.61 -5.10 0.05
C ILE A 101 5.10 -5.45 0.10
N GLU A 102 5.67 -5.78 -1.05
CA GLU A 102 7.02 -6.26 -1.13
C GLU A 102 7.83 -5.47 -2.17
N LYS A 103 9.07 -5.15 -1.83
CA LYS A 103 10.01 -4.57 -2.78
C LYS A 103 11.41 -4.67 -2.19
N ASP A 104 12.42 -4.75 -3.06
CA ASP A 104 13.82 -5.02 -2.67
C ASP A 104 14.02 -6.51 -2.47
N GLY A 105 12.99 -7.28 -2.77
CA GLY A 105 13.05 -8.71 -2.58
C GLY A 105 12.49 -9.12 -1.24
N GLU A 106 12.09 -8.14 -0.43
CA GLU A 106 11.54 -8.39 0.88
C GLU A 106 10.18 -7.73 1.02
N VAL A 107 9.35 -8.31 1.85
CA VAL A 107 8.08 -7.70 2.21
C VAL A 107 8.30 -6.91 3.49
N LYS A 108 7.96 -5.64 3.47
CA LYS A 108 8.12 -4.82 4.65
C LYS A 108 6.84 -4.06 4.96
N LEU A 109 5.81 -4.31 4.17
CA LEU A 109 4.52 -3.71 4.38
C LEU A 109 3.43 -4.68 3.96
N LYS A 110 2.22 -4.52 4.48
CA LYS A 110 1.09 -5.34 4.06
C LYS A 110 -0.18 -4.53 4.05
N LEU A 111 -1.18 -5.02 3.34
CA LEU A 111 -2.54 -4.54 3.47
C LEU A 111 -3.30 -5.56 4.28
N ILE A 112 -3.74 -5.14 5.46
CA ILE A 112 -4.38 -6.00 6.45
C ILE A 112 -3.33 -6.82 7.22
N ARG A 113 -3.57 -7.00 8.50
CA ARG A 113 -2.66 -7.75 9.35
C ARG A 113 -2.92 -9.25 9.27
N GLY A 114 -2.79 -9.79 8.06
CA GLY A 114 -2.96 -11.21 7.83
C GLY A 114 -1.87 -12.05 8.48
N ILE A 115 -0.84 -12.32 7.71
CA ILE A 115 0.31 -13.09 8.18
C ILE A 115 1.04 -12.38 9.31
C ACE B 1 -5.41 -14.40 -8.05
O ACE B 1 -4.52 -13.55 -8.01
CH3 ACE B 1 -6.63 -14.30 -7.16
H1 ACE B 1 -7.01 -13.28 -7.21
H2 ACE B 1 -6.35 -14.52 -6.14
H3 ACE B 1 -7.38 -14.98 -7.50
N SER B 2 -5.35 -15.48 -8.83
CA SER B 2 -4.24 -15.76 -9.75
C SER B 2 -2.95 -16.16 -9.01
N GLU B 3 -2.62 -15.45 -7.95
CA GLU B 3 -1.40 -15.70 -7.20
C GLU B 3 -1.68 -15.65 -5.69
N THR B 4 -0.64 -15.85 -4.88
CA THR B 4 -0.72 -15.80 -3.43
C THR B 4 -1.44 -14.53 -2.98
N THR B 5 -1.18 -13.45 -3.68
CA THR B 5 -1.92 -12.22 -3.52
C THR B 5 -2.14 -11.62 -4.90
N LEU B 6 -1.02 -11.49 -5.61
CA LEU B 6 -0.99 -10.96 -6.95
C LEU B 6 -1.27 -9.47 -6.94
N LEU B 7 -1.75 -8.97 -8.08
CA LEU B 7 -1.98 -7.55 -8.33
C LEU B 7 -0.74 -6.93 -8.94
N GLU B 8 -0.38 -7.45 -10.09
CA GLU B 8 0.78 -6.98 -10.84
C GLU B 8 0.33 -6.09 -11.98
N ASP B 9 -0.95 -6.17 -12.28
CA ASP B 9 -1.57 -5.33 -13.30
C ASP B 9 -2.90 -4.88 -12.76
N GLU B 10 -3.45 -3.79 -13.27
CA GLU B 10 -4.73 -3.29 -12.77
C GLU B 10 -5.80 -4.36 -12.99
N LYS B 11 -5.71 -4.98 -14.16
CA LYS B 11 -6.62 -6.05 -14.56
C LYS B 11 -6.81 -7.09 -13.47
N SER B 12 -5.70 -7.52 -12.87
CA SER B 12 -5.75 -8.56 -11.84
C SER B 12 -5.85 -7.92 -10.46
N LEU B 13 -5.50 -6.66 -10.39
CA LEU B 13 -5.48 -5.92 -9.15
C LEU B 13 -6.92 -5.66 -8.72
N VAL B 14 -7.70 -5.16 -9.66
CA VAL B 14 -9.09 -4.83 -9.40
C VAL B 14 -9.93 -6.09 -9.33
N SER B 15 -9.53 -7.10 -10.11
CA SER B 15 -10.20 -8.40 -10.05
C SER B 15 -10.07 -9.00 -8.66
N TYR B 16 -9.12 -8.48 -7.91
CA TYR B 16 -8.87 -8.92 -6.56
C TYR B 16 -9.40 -7.89 -5.57
N LEU B 17 -9.40 -6.62 -5.98
CA LEU B 17 -9.94 -5.53 -5.18
C LEU B 17 -11.46 -5.47 -5.17
N ASN B 18 -12.08 -5.93 -6.25
CA ASN B 18 -13.53 -5.93 -6.33
C ASN B 18 -14.10 -7.23 -5.76
N TYR B 19 -13.33 -8.31 -5.95
CA TYR B 19 -13.69 -9.67 -5.50
C TYR B 19 -15.20 -9.92 -5.46
N SER A 1 -16.46 -3.25 -13.43
CA SER A 1 -16.45 -1.83 -12.97
C SER A 1 -15.28 -1.58 -12.03
N SER A 2 -15.33 -2.19 -10.84
CA SER A 2 -14.36 -1.94 -9.79
C SER A 2 -14.35 -0.45 -9.43
N SER A 3 -15.54 0.14 -9.42
CA SER A 3 -15.68 1.56 -9.17
C SER A 3 -16.43 1.83 -7.88
N ASN A 4 -15.66 2.19 -6.87
CA ASN A 4 -16.15 2.52 -5.53
C ASN A 4 -14.95 2.75 -4.63
N SER A 5 -13.95 1.89 -4.79
CA SER A 5 -12.74 1.92 -3.96
C SER A 5 -13.11 1.84 -2.47
N GLU A 6 -12.80 2.93 -1.74
CA GLU A 6 -13.05 3.06 -0.31
C GLU A 6 -12.83 1.75 0.44
N LYS A 7 -11.79 1.05 0.03
CA LYS A 7 -11.51 -0.26 0.52
C LYS A 7 -10.52 -0.16 1.70
N GLU A 8 -10.96 -0.59 2.87
CA GLU A 8 -10.16 -0.44 4.09
C GLU A 8 -9.02 -1.46 4.13
N TRP A 9 -7.83 -1.01 3.76
CA TRP A 9 -6.64 -1.81 3.93
C TRP A 9 -5.78 -1.21 5.04
N HIS A 10 -5.56 -1.95 6.12
CA HIS A 10 -4.70 -1.47 7.21
C HIS A 10 -3.26 -1.81 6.92
N ILE A 11 -2.41 -0.81 6.79
CA ILE A 11 -1.02 -1.05 6.43
C ILE A 11 -0.23 -1.63 7.60
N VAL A 12 0.42 -2.75 7.33
CA VAL A 12 1.23 -3.45 8.32
C VAL A 12 2.70 -3.39 7.94
N PRO A 13 3.57 -3.11 8.90
CA PRO A 13 5.02 -3.18 8.67
C PRO A 13 5.54 -4.61 8.85
N VAL A 14 6.29 -5.10 7.86
CA VAL A 14 6.87 -6.43 7.94
C VAL A 14 8.31 -6.37 8.45
N SER A 15 9.11 -5.49 7.85
CA SER A 15 10.52 -5.44 8.14
C SER A 15 10.82 -4.56 9.34
N LYS A 16 12.02 -4.73 9.88
CA LYS A 16 12.49 -3.99 11.05
C LYS A 16 12.55 -2.49 10.78
N ASP A 17 12.77 -2.13 9.51
CA ASP A 17 12.94 -0.75 9.12
C ASP A 17 11.60 -0.01 9.13
N TYR A 18 10.51 -0.77 9.06
CA TYR A 18 9.18 -0.19 8.97
C TYR A 18 8.38 -0.41 10.25
N PHE A 19 8.98 -1.08 11.23
CA PHE A 19 8.29 -1.34 12.49
C PHE A 19 7.87 -0.04 13.19
N SER A 20 8.43 1.07 12.73
CA SER A 20 8.16 2.36 13.31
C SER A 20 6.94 3.04 12.70
N ILE A 21 6.30 2.41 11.70
CA ILE A 21 5.14 3.00 11.03
C ILE A 21 4.04 3.32 12.06
N PRO A 22 3.37 4.48 11.90
CA PRO A 22 2.42 5.08 12.86
C PRO A 22 1.32 4.19 13.43
N ASN A 23 0.44 4.86 14.18
CA ASN A 23 -0.74 4.27 14.81
C ASN A 23 -1.41 3.26 13.90
N ASP A 24 -1.78 3.72 12.70
CA ASP A 24 -2.52 2.90 11.75
C ASP A 24 -2.89 3.74 10.54
N LEU A 25 -2.32 3.40 9.40
CA LEU A 25 -2.61 4.09 8.16
C LEU A 25 -3.61 3.29 7.35
N LEU A 26 -4.61 3.97 6.83
CA LEU A 26 -5.61 3.32 6.02
C LEU A 26 -5.30 3.49 4.54
N TRP A 27 -5.07 2.38 3.88
CA TRP A 27 -4.79 2.37 2.47
C TRP A 27 -6.07 2.05 1.71
N SER A 28 -6.37 2.83 0.70
CA SER A 28 -7.44 2.51 -0.21
C SER A 28 -7.00 2.80 -1.64
N PHE A 29 -6.89 1.77 -2.45
CA PHE A 29 -6.55 1.98 -3.84
C PHE A 29 -7.78 2.54 -4.54
N ASN A 30 -7.68 3.74 -5.07
CA ASN A 30 -8.78 4.30 -5.82
C ASN A 30 -8.64 3.91 -7.27
N THR A 31 -9.31 2.85 -7.63
CA THR A 31 -9.24 2.30 -8.97
C THR A 31 -10.36 2.87 -9.84
N THR A 32 -11.14 3.75 -9.22
CA THR A 32 -12.28 4.34 -9.85
C THR A 32 -11.93 5.67 -10.51
N ASN A 33 -11.07 6.45 -9.85
CA ASN A 33 -10.55 7.68 -10.45
C ASN A 33 -9.05 7.53 -10.68
N LYS A 34 -8.61 6.30 -10.48
CA LYS A 34 -7.22 5.88 -10.64
C LYS A 34 -6.23 6.73 -9.83
N SER A 35 -6.11 6.39 -8.56
CA SER A 35 -5.18 7.05 -7.65
C SER A 35 -5.00 6.20 -6.39
N ILE A 36 -3.87 6.37 -5.73
CA ILE A 36 -3.59 5.68 -4.50
C ILE A 36 -3.91 6.57 -3.33
N ASN A 37 -4.96 6.28 -2.62
CA ASN A 37 -5.37 7.11 -1.51
C ASN A 37 -5.01 6.49 -0.18
N VAL A 38 -3.91 6.94 0.38
CA VAL A 38 -3.46 6.47 1.68
C VAL A 38 -3.78 7.54 2.73
N TYR A 39 -4.65 7.21 3.67
CA TYR A 39 -5.11 8.20 4.62
C TYR A 39 -5.27 7.62 6.01
N SER A 40 -5.18 8.49 6.99
CA SER A 40 -5.38 8.15 8.37
C SER A 40 -5.93 9.36 9.09
N LYS A 41 -5.97 9.30 10.42
CA LYS A 41 -6.35 10.44 11.23
C LYS A 41 -5.62 11.70 10.80
N CYS A 42 -4.36 11.54 10.45
CA CYS A 42 -3.48 12.68 10.18
C CYS A 42 -3.06 12.78 8.69
N ILE A 43 -2.39 11.77 8.17
CA ILE A 43 -1.87 11.83 6.79
C ILE A 43 -2.96 11.43 5.81
N SER A 44 -2.91 12.00 4.61
CA SER A 44 -3.89 11.71 3.58
C SER A 44 -3.31 12.05 2.22
N GLY A 45 -3.04 11.04 1.42
CA GLY A 45 -2.41 11.28 0.15
C GLY A 45 -3.07 10.58 -0.99
N LYS A 46 -3.06 11.26 -2.12
CA LYS A 46 -3.50 10.69 -3.37
C LYS A 46 -2.27 10.45 -4.23
N ALA A 47 -2.34 9.52 -5.16
CA ALA A 47 -1.17 9.17 -5.96
C ALA A 47 -1.59 8.51 -7.27
N VAL A 48 -1.10 9.00 -8.38
CA VAL A 48 -1.42 8.35 -9.63
C VAL A 48 -0.51 7.15 -9.82
N TYR A 49 -1.11 6.01 -10.06
CA TYR A 49 -0.38 4.75 -10.04
C TYR A 49 0.08 4.32 -11.42
N SER A 50 1.16 3.56 -11.44
CA SER A 50 1.72 3.03 -12.67
C SER A 50 2.19 1.60 -12.45
N PHE A 51 2.14 0.78 -13.48
CA PHE A 51 2.59 -0.59 -13.39
C PHE A 51 3.77 -0.84 -14.31
N ASN A 52 4.76 -1.56 -13.80
CA ASN A 52 5.90 -1.95 -14.61
C ASN A 52 6.47 -3.27 -14.13
N ALA A 53 6.30 -4.32 -14.94
CA ALA A 53 6.81 -5.66 -14.63
C ALA A 53 6.25 -6.17 -13.30
N GLY A 54 4.93 -6.05 -13.12
CA GLY A 54 4.30 -6.52 -11.90
C GLY A 54 4.40 -5.53 -10.76
N LYS A 55 5.23 -4.51 -10.93
CA LYS A 55 5.43 -3.52 -9.87
C LYS A 55 4.31 -2.49 -9.87
N PHE A 56 3.73 -2.29 -8.70
CA PHE A 56 2.67 -1.33 -8.51
C PHE A 56 3.22 -0.05 -7.88
N MET A 57 3.09 1.05 -8.60
CA MET A 57 3.67 2.31 -8.17
C MET A 57 2.62 3.37 -7.99
N GLY A 58 3.04 4.51 -7.46
CA GLY A 58 2.13 5.64 -7.30
C GLY A 58 2.83 6.86 -6.76
N ASN A 59 2.90 7.92 -7.56
CA ASN A 59 3.56 9.15 -7.12
C ASN A 59 2.59 9.95 -6.25
N PHE A 60 2.98 10.22 -5.02
CA PHE A 60 2.05 10.74 -4.03
C PHE A 60 2.02 12.26 -3.94
N ASN A 61 0.85 12.74 -3.61
CA ASN A 61 0.64 14.12 -3.21
C ASN A 61 -0.12 14.10 -1.91
N VAL A 62 0.64 14.03 -0.83
CA VAL A 62 0.07 13.77 0.48
C VAL A 62 0.00 15.03 1.31
N LYS A 63 -1.01 15.08 2.18
CA LYS A 63 -1.08 16.07 3.21
C LYS A 63 -0.61 15.42 4.50
N GLU A 64 0.14 16.13 5.31
CA GLU A 64 0.89 15.50 6.36
C GLU A 64 1.10 16.42 7.55
N VAL A 65 1.13 15.80 8.70
CA VAL A 65 1.33 16.49 9.97
C VAL A 65 2.63 16.01 10.59
N ASP A 66 3.16 16.77 11.52
CA ASP A 66 4.35 16.34 12.25
C ASP A 66 3.99 16.12 13.70
N GLY A 67 4.54 15.07 14.28
CA GLY A 67 4.17 14.70 15.64
C GLY A 67 3.26 13.48 15.66
N CYS A 68 2.37 13.38 14.67
CA CYS A 68 1.41 12.27 14.61
C CYS A 68 2.14 11.04 14.13
N PHE A 69 3.11 11.28 13.27
CA PHE A 69 3.99 10.23 12.80
C PHE A 69 5.30 10.35 13.55
N MET A 70 5.23 10.90 14.77
CA MET A 70 6.42 11.18 15.56
C MET A 70 7.53 11.75 14.70
N ASP A 71 8.65 11.06 14.68
CA ASP A 71 9.70 11.34 13.72
C ASP A 71 10.03 10.08 12.95
N ALA A 72 10.12 8.97 13.66
CA ALA A 72 10.56 7.72 13.07
C ALA A 72 9.43 7.06 12.30
N GLN A 73 8.21 7.37 12.72
CA GLN A 73 7.02 6.85 12.07
C GLN A 73 6.88 7.52 10.71
N LYS A 74 7.23 8.80 10.69
CA LYS A 74 7.27 9.56 9.45
C LYS A 74 8.33 9.00 8.52
N ILE A 75 9.51 8.72 9.06
CA ILE A 75 10.54 8.00 8.33
C ILE A 75 9.99 6.70 7.75
N ALA A 76 9.29 5.95 8.59
CA ALA A 76 8.63 4.71 8.18
C ALA A 76 7.71 4.93 6.99
N ILE A 77 7.04 6.07 7.01
CA ILE A 77 6.06 6.42 6.00
C ILE A 77 6.75 6.89 4.73
N ASP A 78 7.85 7.61 4.90
CA ASP A 78 8.68 8.02 3.77
C ASP A 78 9.21 6.77 3.09
N LYS A 79 9.62 5.83 3.92
CA LYS A 79 10.03 4.50 3.48
C LYS A 79 8.90 3.81 2.72
N LEU A 80 7.71 3.83 3.31
CA LEU A 80 6.55 3.18 2.71
C LEU A 80 6.18 3.81 1.38
N PHE A 81 6.12 5.14 1.33
CA PHE A 81 5.69 5.83 0.11
C PHE A 81 6.71 5.73 -1.02
N SER A 82 7.99 5.72 -0.68
CA SER A 82 9.02 5.54 -1.69
C SER A 82 8.99 4.13 -2.25
N MET A 83 8.52 3.18 -1.45
CA MET A 83 8.39 1.79 -1.87
C MET A 83 7.49 1.63 -3.07
N LEU A 84 6.27 2.18 -2.99
CA LEU A 84 5.31 2.02 -4.07
C LEU A 84 5.91 2.61 -5.33
N LYS A 85 6.49 3.78 -5.16
CA LYS A 85 7.04 4.54 -6.25
C LYS A 85 8.27 3.86 -6.84
N ASP A 86 8.92 3.01 -6.06
CA ASP A 86 10.04 2.23 -6.55
C ASP A 86 9.50 1.00 -7.25
N GLY A 87 8.28 0.71 -6.91
CA GLY A 87 7.56 -0.39 -7.49
C GLY A 87 7.32 -1.48 -6.47
N VAL A 88 6.23 -1.37 -5.75
CA VAL A 88 5.87 -2.36 -4.77
C VAL A 88 4.90 -3.35 -5.38
N VAL A 89 5.19 -4.61 -5.25
CA VAL A 89 4.33 -5.64 -5.77
C VAL A 89 3.64 -6.38 -4.65
N LEU A 90 2.33 -6.41 -4.72
CA LEU A 90 1.53 -7.10 -3.73
C LEU A 90 1.68 -8.61 -3.91
N LYS A 91 1.98 -9.32 -2.81
CA LYS A 91 2.31 -10.75 -2.80
C LYS A 91 3.14 -11.06 -1.57
N GLY A 92 3.10 -12.30 -1.11
CA GLY A 92 3.91 -12.70 0.03
C GLY A 92 4.32 -14.15 -0.04
N ASN A 93 5.12 -14.58 0.93
CA ASN A 93 5.64 -15.95 0.99
C ASN A 93 4.50 -16.95 1.03
N LYS A 94 3.52 -16.67 1.88
CA LYS A 94 2.33 -17.50 2.01
C LYS A 94 1.17 -16.67 2.53
N ILE A 95 0.19 -16.44 1.66
CA ILE A 95 -1.01 -15.69 2.03
C ILE A 95 -2.12 -16.00 1.03
N ASN A 96 -3.35 -15.59 1.33
CA ASN A 96 -4.47 -15.87 0.45
C ASN A 96 -5.33 -14.62 0.22
N ASP A 97 -6.32 -14.40 1.08
CA ASP A 97 -7.23 -13.27 0.93
C ASP A 97 -6.73 -12.08 1.72
N THR A 98 -5.48 -11.73 1.52
CA THR A 98 -4.88 -10.58 2.17
C THR A 98 -3.72 -10.05 1.32
N ILE A 99 -3.56 -8.74 1.28
CA ILE A 99 -2.55 -8.13 0.42
C ILE A 99 -1.26 -7.89 1.20
N LEU A 100 -0.14 -8.12 0.56
CA LEU A 100 1.16 -7.88 1.19
C LEU A 100 2.02 -7.02 0.28
N ILE A 101 2.77 -6.12 0.87
CA ILE A 101 3.53 -5.13 0.11
C ILE A 101 5.02 -5.50 0.05
N GLU A 102 5.52 -5.73 -1.15
CA GLU A 102 6.87 -6.21 -1.35
C GLU A 102 7.58 -5.40 -2.43
N LYS A 103 8.87 -5.14 -2.22
CA LYS A 103 9.72 -4.55 -3.27
C LYS A 103 11.17 -4.89 -2.97
N ASP A 104 11.95 -5.04 -4.05
CA ASP A 104 13.35 -5.48 -3.98
C ASP A 104 13.44 -6.96 -3.67
N GLY A 105 12.34 -7.68 -3.88
CA GLY A 105 12.36 -9.11 -3.75
C GLY A 105 11.93 -9.61 -2.39
N GLU A 106 11.40 -8.71 -1.57
CA GLU A 106 10.93 -9.09 -0.24
C GLU A 106 9.81 -8.18 0.23
N VAL A 107 8.95 -8.74 1.05
CA VAL A 107 7.86 -8.00 1.65
C VAL A 107 8.33 -7.28 2.91
N LYS A 108 7.94 -6.03 3.05
CA LYS A 108 8.29 -5.27 4.23
C LYS A 108 7.11 -4.42 4.68
N LEU A 109 5.97 -4.61 4.01
CA LEU A 109 4.72 -3.97 4.37
C LEU A 109 3.57 -4.90 4.00
N LYS A 110 2.38 -4.67 4.56
CA LYS A 110 1.22 -5.48 4.20
C LYS A 110 -0.04 -4.63 4.23
N LEU A 111 -1.08 -5.13 3.57
CA LEU A 111 -2.42 -4.60 3.77
C LEU A 111 -3.20 -5.64 4.56
N ILE A 112 -3.47 -5.31 5.82
CA ILE A 112 -4.07 -6.22 6.79
C ILE A 112 -3.05 -7.27 7.27
N ARG A 113 -3.21 -7.71 8.50
CA ARG A 113 -2.41 -8.82 9.00
C ARG A 113 -3.10 -10.15 8.70
N GLY A 114 -3.03 -10.56 7.45
CA GLY A 114 -3.48 -11.90 7.10
C GLY A 114 -2.53 -12.92 7.66
N ILE A 115 -1.26 -12.55 7.63
CA ILE A 115 -0.20 -13.34 8.22
C ILE A 115 0.29 -12.66 9.49
C ACE B 1 -6.71 -14.40 -7.57
O ACE B 1 -7.43 -14.61 -8.54
CH3 ACE B 1 -7.26 -13.75 -6.33
H1 ACE B 1 -7.07 -12.69 -6.36
H2 ACE B 1 -6.80 -14.18 -5.45
H3 ACE B 1 -8.33 -13.91 -6.27
N SER B 2 -5.42 -14.70 -7.53
CA SER B 2 -4.73 -15.34 -8.65
C SER B 2 -3.41 -15.95 -8.17
N GLU B 3 -2.69 -15.18 -7.37
CA GLU B 3 -1.45 -15.63 -6.77
C GLU B 3 -1.63 -15.76 -5.26
N THR B 4 -0.53 -15.78 -4.52
CA THR B 4 -0.57 -15.71 -3.07
C THR B 4 -1.33 -14.45 -2.66
N THR B 5 -1.08 -13.38 -3.40
CA THR B 5 -1.87 -12.16 -3.31
C THR B 5 -2.13 -11.64 -4.72
N LEU B 6 -1.03 -11.56 -5.47
CA LEU B 6 -1.03 -11.06 -6.82
C LEU B 6 -1.20 -9.55 -6.83
N LEU B 7 -1.76 -9.03 -7.93
CA LEU B 7 -1.96 -7.60 -8.15
C LEU B 7 -0.73 -7.01 -8.81
N GLU B 8 -0.41 -7.58 -9.97
CA GLU B 8 0.72 -7.16 -10.78
C GLU B 8 0.20 -6.43 -12.01
N ASP B 9 -1.07 -6.60 -12.25
CA ASP B 9 -1.77 -5.87 -13.28
C ASP B 9 -2.95 -5.20 -12.64
N GLU B 10 -3.44 -4.13 -13.23
CA GLU B 10 -4.60 -3.46 -12.70
C GLU B 10 -5.79 -4.39 -12.78
N LYS B 11 -5.87 -5.07 -13.92
CA LYS B 11 -6.91 -6.05 -14.20
C LYS B 11 -7.10 -7.04 -13.05
N SER B 12 -6.00 -7.56 -12.53
CA SER B 12 -6.03 -8.54 -11.47
C SER B 12 -6.00 -7.87 -10.10
N LEU B 13 -5.58 -6.62 -10.08
CA LEU B 13 -5.42 -5.88 -8.85
C LEU B 13 -6.79 -5.46 -8.37
N VAL B 14 -7.54 -4.87 -9.28
CA VAL B 14 -8.85 -4.37 -8.97
C VAL B 14 -9.83 -5.51 -8.84
N SER B 15 -9.61 -6.55 -9.63
CA SER B 15 -10.39 -7.79 -9.53
C SER B 15 -10.27 -8.35 -8.12
N TYR B 16 -9.16 -8.03 -7.50
CA TYR B 16 -8.85 -8.49 -6.18
C TYR B 16 -9.36 -7.50 -5.15
N LEU B 17 -9.44 -6.24 -5.54
CA LEU B 17 -9.88 -5.16 -4.66
C LEU B 17 -11.40 -5.00 -4.62
N ASN B 18 -12.03 -5.07 -5.79
CA ASN B 18 -13.48 -4.79 -5.88
C ASN B 18 -14.31 -6.01 -5.46
N TYR B 19 -13.63 -7.02 -4.92
CA TYR B 19 -14.27 -8.23 -4.44
C TYR B 19 -15.30 -7.90 -3.35
N SER A 1 -15.49 0.19 -14.63
CA SER A 1 -14.43 -0.75 -14.24
C SER A 1 -14.04 -0.56 -12.78
N SER A 2 -14.46 -1.51 -11.94
CA SER A 2 -14.04 -1.61 -10.54
C SER A 2 -14.21 -0.31 -9.76
N SER A 3 -15.28 0.43 -10.04
CA SER A 3 -15.53 1.68 -9.35
C SER A 3 -16.26 1.44 -8.03
N ASN A 4 -15.58 0.79 -7.10
CA ASN A 4 -16.12 0.54 -5.77
C ASN A 4 -14.99 0.39 -4.76
N SER A 5 -14.23 1.47 -4.57
CA SER A 5 -13.11 1.45 -3.64
C SER A 5 -13.60 1.64 -2.20
N GLU A 6 -12.94 2.54 -1.47
CA GLU A 6 -13.17 2.77 -0.06
C GLU A 6 -12.93 1.50 0.76
N LYS A 7 -12.18 0.60 0.17
CA LYS A 7 -11.68 -0.58 0.82
C LYS A 7 -10.53 -0.20 1.74
N GLU A 8 -10.74 -0.21 3.04
CA GLU A 8 -9.72 0.24 3.97
C GLU A 8 -8.74 -0.89 4.30
N TRP A 9 -7.56 -0.81 3.73
CA TRP A 9 -6.50 -1.75 4.00
C TRP A 9 -5.62 -1.20 5.12
N HIS A 10 -5.30 -2.05 6.09
CA HIS A 10 -4.50 -1.62 7.23
C HIS A 10 -3.04 -1.98 6.99
N ILE A 11 -2.20 -0.98 6.82
CA ILE A 11 -0.81 -1.22 6.44
C ILE A 11 0.00 -1.84 7.57
N VAL A 12 0.64 -2.96 7.26
CA VAL A 12 1.46 -3.71 8.19
C VAL A 12 2.93 -3.56 7.86
N PRO A 13 3.77 -3.28 8.85
CA PRO A 13 5.21 -3.22 8.67
C PRO A 13 5.86 -4.59 8.91
N VAL A 14 6.51 -5.12 7.88
CA VAL A 14 7.18 -6.41 7.98
C VAL A 14 8.65 -6.22 8.33
N SER A 15 9.32 -5.33 7.62
CA SER A 15 10.75 -5.10 7.79
C SER A 15 11.02 -4.25 9.02
N LYS A 16 12.23 -4.43 9.56
CA LYS A 16 12.67 -3.78 10.78
C LYS A 16 12.69 -2.28 10.63
N ASP A 17 12.91 -1.83 9.40
CA ASP A 17 13.01 -0.42 9.11
C ASP A 17 11.64 0.26 9.19
N TYR A 18 10.59 -0.55 9.16
CA TYR A 18 9.21 -0.04 9.12
C TYR A 18 8.48 -0.33 10.43
N PHE A 19 9.15 -0.93 11.39
CA PHE A 19 8.49 -1.33 12.64
C PHE A 19 7.86 -0.14 13.38
N SER A 20 8.22 1.07 12.98
CA SER A 20 7.71 2.24 13.65
C SER A 20 6.64 2.96 12.82
N ILE A 21 6.03 2.26 11.87
CA ILE A 21 4.95 2.86 11.06
C ILE A 21 3.80 3.32 11.98
N PRO A 22 3.19 4.49 11.67
CA PRO A 22 2.17 5.19 12.47
C PRO A 22 1.19 4.36 13.30
N ASN A 23 0.54 5.09 14.20
CA ASN A 23 -0.49 4.57 15.09
C ASN A 23 -1.60 3.88 14.29
N ASP A 24 -1.83 4.39 13.08
CA ASP A 24 -2.77 3.82 12.15
C ASP A 24 -2.68 4.54 10.82
N LEU A 25 -2.32 3.81 9.79
CA LEU A 25 -2.40 4.29 8.43
C LEU A 25 -3.47 3.54 7.67
N LEU A 26 -4.36 4.26 7.02
CA LEU A 26 -5.38 3.63 6.21
C LEU A 26 -5.04 3.74 4.73
N TRP A 27 -4.84 2.61 4.12
CA TRP A 27 -4.52 2.53 2.71
C TRP A 27 -5.77 2.10 1.94
N SER A 28 -6.04 2.76 0.84
CA SER A 28 -7.13 2.35 -0.01
C SER A 28 -6.79 2.65 -1.44
N PHE A 29 -6.66 1.61 -2.26
CA PHE A 29 -6.49 1.82 -3.68
C PHE A 29 -7.80 2.28 -4.24
N ASN A 30 -7.83 3.45 -4.82
CA ASN A 30 -9.04 3.95 -5.43
C ASN A 30 -9.08 3.46 -6.87
N THR A 31 -9.74 2.35 -7.09
CA THR A 31 -9.76 1.70 -8.39
C THR A 31 -10.84 2.31 -9.28
N THR A 32 -11.52 3.31 -8.74
CA THR A 32 -12.55 4.02 -9.44
C THR A 32 -11.91 5.11 -10.31
N ASN A 33 -10.86 5.72 -9.78
CA ASN A 33 -10.06 6.70 -10.52
C ASN A 33 -8.70 6.12 -10.84
N LYS A 34 -8.51 4.87 -10.40
CA LYS A 34 -7.22 4.20 -10.42
C LYS A 34 -6.16 5.06 -9.74
N SER A 35 -6.49 5.46 -8.52
CA SER A 35 -5.67 6.33 -7.70
C SER A 35 -5.26 5.60 -6.44
N ILE A 36 -4.27 6.11 -5.73
CA ILE A 36 -3.93 5.58 -4.42
C ILE A 36 -4.36 6.59 -3.36
N ASN A 37 -5.23 6.17 -2.46
CA ASN A 37 -5.68 7.06 -1.40
C ASN A 37 -5.20 6.55 -0.05
N VAL A 38 -4.14 7.15 0.46
CA VAL A 38 -3.60 6.76 1.75
C VAL A 38 -3.86 7.87 2.76
N TYR A 39 -4.57 7.54 3.83
CA TYR A 39 -4.97 8.53 4.79
C TYR A 39 -5.02 7.98 6.20
N SER A 40 -4.89 8.87 7.15
CA SER A 40 -5.07 8.57 8.56
C SER A 40 -5.67 9.80 9.22
N LYS A 41 -5.70 9.82 10.54
CA LYS A 41 -6.25 10.95 11.26
C LYS A 41 -5.37 12.20 11.07
N CYS A 42 -4.24 12.04 10.37
CA CYS A 42 -3.30 13.15 10.16
C CYS A 42 -2.81 13.23 8.72
N ILE A 43 -2.43 12.10 8.14
CA ILE A 43 -1.96 12.07 6.75
C ILE A 43 -3.14 11.85 5.82
N SER A 44 -3.03 12.35 4.60
CA SER A 44 -4.11 12.26 3.65
C SER A 44 -3.61 12.63 2.26
N GLY A 45 -3.43 11.65 1.39
CA GLY A 45 -2.87 11.93 0.09
C GLY A 45 -3.48 11.12 -1.03
N LYS A 46 -3.21 11.58 -2.23
CA LYS A 46 -3.68 10.93 -3.43
C LYS A 46 -2.48 10.50 -4.26
N ALA A 47 -2.66 9.54 -5.12
CA ALA A 47 -1.60 9.09 -6.02
C ALA A 47 -2.22 8.44 -7.24
N VAL A 48 -1.48 8.29 -8.30
CA VAL A 48 -1.95 7.50 -9.44
C VAL A 48 -0.99 6.35 -9.63
N TYR A 49 -1.52 5.16 -9.77
CA TYR A 49 -0.67 3.98 -9.81
C TYR A 49 -0.41 3.49 -11.22
N SER A 50 0.81 3.08 -11.44
CA SER A 50 1.25 2.51 -12.69
C SER A 50 2.00 1.22 -12.40
N PHE A 51 2.24 0.41 -13.41
CA PHE A 51 2.88 -0.88 -13.22
C PHE A 51 4.11 -1.04 -14.09
N ASN A 52 5.10 -1.75 -13.54
CA ASN A 52 6.24 -2.16 -14.33
C ASN A 52 6.64 -3.57 -13.94
N ALA A 53 6.38 -4.52 -14.83
CA ALA A 53 6.74 -5.92 -14.61
C ALA A 53 6.25 -6.44 -13.25
N GLY A 54 5.00 -6.12 -12.91
CA GLY A 54 4.43 -6.60 -11.67
C GLY A 54 4.61 -5.61 -10.52
N LYS A 55 5.44 -4.61 -10.72
CA LYS A 55 5.74 -3.65 -9.69
C LYS A 55 4.73 -2.50 -9.70
N PHE A 56 4.01 -2.37 -8.60
CA PHE A 56 2.96 -1.37 -8.45
C PHE A 56 3.53 -0.09 -7.86
N MET A 57 3.38 1.00 -8.61
CA MET A 57 3.96 2.29 -8.22
C MET A 57 2.90 3.37 -8.20
N GLY A 58 3.05 4.34 -7.30
CA GLY A 58 2.09 5.42 -7.20
C GLY A 58 2.72 6.71 -6.70
N ASN A 59 2.92 7.66 -7.60
CA ASN A 59 3.51 8.94 -7.19
C ASN A 59 2.50 9.72 -6.37
N PHE A 60 2.90 10.13 -5.17
CA PHE A 60 1.96 10.62 -4.18
C PHE A 60 1.80 12.13 -4.14
N ASN A 61 0.62 12.50 -3.67
CA ASN A 61 0.24 13.88 -3.39
C ASN A 61 -0.30 13.94 -1.96
N VAL A 62 0.54 13.62 -0.99
CA VAL A 62 0.06 13.43 0.38
C VAL A 62 0.17 14.71 1.21
N LYS A 63 -0.84 14.92 2.05
CA LYS A 63 -0.83 15.97 3.05
C LYS A 63 -0.42 15.34 4.37
N GLU A 64 0.69 15.78 4.94
CA GLU A 64 1.29 15.11 6.07
C GLU A 64 1.66 16.09 7.17
N VAL A 65 1.54 15.62 8.40
CA VAL A 65 1.85 16.42 9.58
C VAL A 65 3.10 15.88 10.25
N ASP A 66 3.76 16.70 11.04
CA ASP A 66 4.86 16.25 11.85
C ASP A 66 4.44 16.24 13.31
N GLY A 67 4.82 15.20 14.03
CA GLY A 67 4.37 15.07 15.40
C GLY A 67 3.34 13.96 15.57
N CYS A 68 2.56 13.73 14.52
CA CYS A 68 1.51 12.70 14.57
C CYS A 68 2.09 11.37 14.14
N PHE A 69 3.00 11.43 13.18
CA PHE A 69 3.75 10.27 12.78
C PHE A 69 5.07 10.30 13.55
N MET A 70 5.00 10.83 14.77
CA MET A 70 6.18 11.01 15.62
C MET A 70 7.37 11.49 14.80
N ASP A 71 8.44 10.71 14.81
CA ASP A 71 9.56 10.96 13.92
C ASP A 71 9.82 9.73 13.08
N ALA A 72 9.87 8.59 13.73
CA ALA A 72 10.27 7.37 13.08
C ALA A 72 9.11 6.80 12.28
N GLN A 73 7.91 7.14 12.71
CA GLN A 73 6.70 6.74 12.00
C GLN A 73 6.64 7.48 10.68
N LYS A 74 7.01 8.75 10.73
CA LYS A 74 7.10 9.60 9.57
C LYS A 74 8.14 9.04 8.61
N ILE A 75 9.32 8.79 9.14
CA ILE A 75 10.38 8.08 8.42
C ILE A 75 9.85 6.78 7.82
N ALA A 76 9.15 5.99 8.64
CA ALA A 76 8.50 4.76 8.19
C ALA A 76 7.65 5.02 6.96
N ILE A 77 6.95 6.13 6.99
CA ILE A 77 6.03 6.51 5.93
C ILE A 77 6.77 6.98 4.69
N ASP A 78 7.83 7.72 4.91
CA ASP A 78 8.71 8.15 3.83
C ASP A 78 9.26 6.92 3.12
N LYS A 79 9.71 5.98 3.94
CA LYS A 79 10.20 4.69 3.46
C LYS A 79 9.11 3.95 2.69
N LEU A 80 7.93 3.84 3.31
CA LEU A 80 6.80 3.11 2.74
C LEU A 80 6.36 3.73 1.41
N PHE A 81 6.21 5.04 1.39
CA PHE A 81 5.72 5.72 0.20
C PHE A 81 6.71 5.65 -0.96
N SER A 82 8.00 5.63 -0.65
CA SER A 82 9.01 5.48 -1.67
C SER A 82 9.01 4.06 -2.23
N MET A 83 8.60 3.11 -1.40
CA MET A 83 8.54 1.70 -1.78
C MET A 83 7.64 1.48 -2.99
N LEU A 84 6.39 1.96 -2.91
CA LEU A 84 5.44 1.74 -3.99
C LEU A 84 6.00 2.36 -5.25
N LYS A 85 6.49 3.57 -5.10
CA LYS A 85 6.97 4.35 -6.20
C LYS A 85 8.24 3.75 -6.79
N ASP A 86 8.95 2.97 -5.98
CA ASP A 86 10.15 2.30 -6.45
C ASP A 86 9.74 0.99 -7.09
N GLY A 87 8.53 0.59 -6.75
CA GLY A 87 7.90 -0.55 -7.35
C GLY A 87 7.65 -1.66 -6.36
N VAL A 88 6.50 -1.61 -5.70
CA VAL A 88 6.14 -2.62 -4.74
C VAL A 88 5.14 -3.58 -5.37
N VAL A 89 5.37 -4.86 -5.21
CA VAL A 89 4.45 -5.85 -5.73
C VAL A 89 3.63 -6.46 -4.62
N LEU A 90 2.33 -6.50 -4.85
CA LEU A 90 1.40 -7.11 -3.92
C LEU A 90 1.42 -8.61 -4.14
N LYS A 91 1.87 -9.37 -3.13
CA LYS A 91 2.16 -10.81 -3.28
C LYS A 91 3.03 -11.29 -2.14
N GLY A 92 2.95 -12.59 -1.88
CA GLY A 92 3.80 -13.23 -0.90
C GLY A 92 4.03 -14.68 -1.27
N ASN A 93 4.01 -15.56 -0.29
CA ASN A 93 4.13 -16.99 -0.54
C ASN A 93 3.35 -17.79 0.50
N LYS A 94 2.54 -17.09 1.27
CA LYS A 94 1.91 -17.69 2.44
C LYS A 94 0.47 -17.16 2.60
N ILE A 95 0.02 -16.36 1.66
CA ILE A 95 -1.26 -15.68 1.81
C ILE A 95 -2.20 -16.01 0.64
N ASN A 96 -3.48 -15.66 0.79
CA ASN A 96 -4.47 -15.86 -0.28
C ASN A 96 -5.59 -14.83 -0.16
N ASP A 97 -6.00 -14.52 1.07
CA ASP A 97 -7.09 -13.58 1.31
C ASP A 97 -6.60 -12.27 1.89
N THR A 98 -5.35 -11.94 1.62
CA THR A 98 -4.74 -10.73 2.17
C THR A 98 -3.65 -10.21 1.23
N ILE A 99 -3.44 -8.90 1.23
CA ILE A 99 -2.49 -8.27 0.32
C ILE A 99 -1.16 -8.01 1.02
N LEU A 100 -0.06 -8.29 0.33
CA LEU A 100 1.26 -8.10 0.91
C LEU A 100 2.09 -7.16 0.05
N ILE A 101 2.89 -6.33 0.69
CA ILE A 101 3.68 -5.31 -0.01
C ILE A 101 5.17 -5.68 -0.02
N GLU A 102 5.71 -5.95 -1.21
CA GLU A 102 7.08 -6.40 -1.34
C GLU A 102 7.83 -5.57 -2.40
N LYS A 103 9.06 -5.22 -2.08
CA LYS A 103 9.98 -4.61 -3.04
C LYS A 103 11.40 -4.86 -2.58
N ASP A 104 12.32 -4.96 -3.54
CA ASP A 104 13.70 -5.42 -3.31
C ASP A 104 13.72 -6.93 -3.08
N GLY A 105 12.69 -7.60 -3.58
CA GLY A 105 12.61 -9.05 -3.44
C GLY A 105 12.29 -9.50 -2.03
N GLU A 106 11.60 -8.65 -1.27
CA GLU A 106 11.18 -9.00 0.08
C GLU A 106 9.94 -8.21 0.46
N VAL A 107 9.12 -8.79 1.31
CA VAL A 107 7.97 -8.11 1.86
C VAL A 107 8.41 -7.27 3.05
N LYS A 108 8.06 -6.01 3.02
CA LYS A 108 8.41 -5.09 4.10
C LYS A 108 7.17 -4.41 4.63
N LEU A 109 6.06 -4.64 3.94
CA LEU A 109 4.79 -4.04 4.28
C LEU A 109 3.68 -4.98 3.87
N LYS A 110 2.49 -4.83 4.42
CA LYS A 110 1.34 -5.61 4.00
C LYS A 110 0.08 -4.79 4.13
N LEU A 111 -0.98 -5.22 3.46
CA LEU A 111 -2.30 -4.65 3.68
C LEU A 111 -3.12 -5.67 4.46
N ILE A 112 -3.52 -5.26 5.66
CA ILE A 112 -4.22 -6.10 6.62
C ILE A 112 -3.23 -6.87 7.49
N ARG A 113 -3.54 -6.96 8.78
CA ARG A 113 -2.71 -7.69 9.74
C ARG A 113 -2.95 -9.19 9.63
N GLY A 114 -2.53 -9.75 8.51
CA GLY A 114 -2.66 -11.19 8.31
C GLY A 114 -1.35 -11.92 8.60
N ILE A 115 -0.95 -12.75 7.64
CA ILE A 115 0.19 -13.66 7.77
C ILE A 115 1.38 -13.05 8.51
C ACE B 1 -6.67 -14.46 -9.41
O ACE B 1 -7.11 -14.79 -10.51
CH3 ACE B 1 -7.53 -13.68 -8.44
H1 ACE B 1 -8.52 -14.11 -8.41
H2 ACE B 1 -7.59 -12.65 -8.75
H3 ACE B 1 -7.10 -13.72 -7.45
N SER B 2 -5.44 -14.75 -8.99
CA SER B 2 -4.50 -15.50 -9.82
C SER B 2 -3.37 -16.07 -8.97
N GLU B 3 -2.84 -15.26 -8.07
CA GLU B 3 -1.65 -15.60 -7.31
C GLU B 3 -1.93 -15.52 -5.81
N THR B 4 -0.91 -15.77 -4.98
CA THR B 4 -1.00 -15.68 -3.53
C THR B 4 -1.72 -14.40 -3.11
N THR B 5 -1.45 -13.34 -3.85
CA THR B 5 -2.15 -12.10 -3.72
C THR B 5 -2.39 -11.54 -5.11
N LEU B 6 -1.31 -11.50 -5.88
CA LEU B 6 -1.30 -10.95 -7.21
C LEU B 6 -1.50 -9.45 -7.15
N LEU B 7 -2.00 -8.88 -8.25
CA LEU B 7 -2.18 -7.43 -8.40
C LEU B 7 -0.91 -6.83 -8.98
N GLU B 8 -0.48 -7.43 -10.07
CA GLU B 8 0.68 -6.97 -10.79
C GLU B 8 0.25 -6.25 -12.05
N ASP B 9 -1.04 -6.29 -12.28
CA ASP B 9 -1.65 -5.58 -13.39
C ASP B 9 -2.93 -4.95 -12.88
N GLU B 10 -3.32 -3.84 -13.47
CA GLU B 10 -4.44 -3.06 -12.97
C GLU B 10 -5.70 -3.92 -12.86
N LYS B 11 -6.05 -4.56 -13.96
CA LYS B 11 -7.26 -5.37 -14.03
C LYS B 11 -7.30 -6.42 -12.92
N SER B 12 -6.19 -7.11 -12.71
CA SER B 12 -6.13 -8.17 -11.71
C SER B 12 -6.01 -7.59 -10.32
N LEU B 13 -5.59 -6.34 -10.26
CA LEU B 13 -5.43 -5.64 -9.01
C LEU B 13 -6.81 -5.28 -8.51
N VAL B 14 -7.56 -4.68 -9.41
CA VAL B 14 -8.88 -4.20 -9.09
C VAL B 14 -9.85 -5.36 -8.97
N SER B 15 -9.67 -6.38 -9.79
CA SER B 15 -10.48 -7.59 -9.71
C SER B 15 -10.33 -8.25 -8.34
N TYR B 16 -9.29 -7.86 -7.65
CA TYR B 16 -8.99 -8.35 -6.33
C TYR B 16 -9.53 -7.40 -5.28
N LEU B 17 -9.59 -6.11 -5.65
CA LEU B 17 -10.07 -5.06 -4.76
C LEU B 17 -11.57 -4.84 -4.84
N ASN B 18 -12.12 -4.96 -6.03
CA ASN B 18 -13.55 -4.69 -6.26
C ASN B 18 -14.38 -5.95 -6.03
N TYR B 19 -13.79 -6.90 -5.33
CA TYR B 19 -14.41 -8.17 -5.02
C TYR B 19 -15.76 -7.97 -4.31
N SER A 1 -17.54 -5.08 -10.45
CA SER A 1 -17.14 -3.88 -11.22
C SER A 1 -16.16 -3.05 -10.41
N SER A 2 -15.13 -2.53 -11.07
CA SER A 2 -14.13 -1.74 -10.39
C SER A 2 -14.62 -0.31 -10.16
N SER A 3 -15.61 -0.18 -9.28
CA SER A 3 -16.13 1.14 -8.94
C SER A 3 -16.85 1.10 -7.59
N ASN A 4 -16.11 1.51 -6.57
CA ASN A 4 -16.59 1.57 -5.20
C ASN A 4 -15.40 1.86 -4.30
N SER A 5 -14.37 1.01 -4.44
CA SER A 5 -13.18 1.07 -3.60
C SER A 5 -13.58 1.02 -2.11
N GLU A 6 -13.46 2.18 -1.43
CA GLU A 6 -13.79 2.35 -0.02
C GLU A 6 -13.37 1.16 0.83
N LYS A 7 -12.26 0.56 0.46
CA LYS A 7 -11.68 -0.50 1.21
C LYS A 7 -10.48 0.01 2.00
N GLU A 8 -10.66 0.20 3.30
CA GLU A 8 -9.59 0.74 4.13
C GLU A 8 -8.63 -0.37 4.53
N TRP A 9 -7.56 -0.48 3.77
CA TRP A 9 -6.53 -1.46 4.03
C TRP A 9 -5.60 -0.98 5.14
N HIS A 10 -5.44 -1.81 6.17
CA HIS A 10 -4.51 -1.51 7.26
C HIS A 10 -3.07 -1.80 6.85
N ILE A 11 -2.27 -0.77 6.67
CA ILE A 11 -0.89 -0.97 6.26
C ILE A 11 -0.07 -1.55 7.40
N VAL A 12 0.60 -2.66 7.11
CA VAL A 12 1.39 -3.38 8.09
C VAL A 12 2.86 -3.33 7.73
N PRO A 13 3.75 -3.15 8.71
CA PRO A 13 5.17 -3.22 8.49
C PRO A 13 5.69 -4.64 8.70
N VAL A 14 6.34 -5.19 7.69
CA VAL A 14 6.88 -6.55 7.76
C VAL A 14 8.33 -6.52 8.22
N SER A 15 9.14 -5.70 7.55
CA SER A 15 10.56 -5.65 7.83
C SER A 15 10.84 -4.78 9.06
N LYS A 16 12.06 -4.83 9.54
CA LYS A 16 12.41 -4.16 10.78
C LYS A 16 12.47 -2.65 10.60
N ASP A 17 12.90 -2.23 9.42
CA ASP A 17 13.09 -0.81 9.13
C ASP A 17 11.75 -0.06 9.15
N TYR A 18 10.66 -0.81 9.05
CA TYR A 18 9.33 -0.21 8.99
C TYR A 18 8.56 -0.44 10.28
N PHE A 19 9.17 -1.06 11.28
CA PHE A 19 8.45 -1.33 12.53
C PHE A 19 7.99 -0.05 13.22
N SER A 20 8.49 1.10 12.76
CA SER A 20 8.12 2.36 13.33
C SER A 20 6.83 2.91 12.71
N ILE A 21 6.31 2.26 11.65
CA ILE A 21 5.11 2.75 10.94
C ILE A 21 3.99 3.08 11.95
N PRO A 22 3.37 4.27 11.77
CA PRO A 22 2.50 4.93 12.76
C PRO A 22 1.33 4.16 13.34
N ASN A 23 0.58 4.90 14.16
CA ASN A 23 -0.60 4.44 14.86
C ASN A 23 -1.51 3.61 13.96
N ASP A 24 -1.89 4.18 12.82
CA ASP A 24 -2.90 3.56 11.96
C ASP A 24 -3.01 4.31 10.65
N LEU A 25 -2.47 3.71 9.60
CA LEU A 25 -2.59 4.26 8.27
C LEU A 25 -3.59 3.46 7.47
N LEU A 26 -4.52 4.16 6.84
CA LEU A 26 -5.52 3.50 6.01
C LEU A 26 -5.21 3.70 4.53
N TRP A 27 -4.95 2.61 3.85
CA TRP A 27 -4.69 2.62 2.43
C TRP A 27 -5.94 2.19 1.69
N SER A 28 -6.34 2.96 0.70
CA SER A 28 -7.42 2.55 -0.15
C SER A 28 -7.09 2.87 -1.59
N PHE A 29 -6.95 1.83 -2.41
CA PHE A 29 -6.79 2.06 -3.83
C PHE A 29 -8.13 2.51 -4.36
N ASN A 30 -8.22 3.70 -4.90
CA ASN A 30 -9.47 4.11 -5.51
C ASN A 30 -9.41 3.79 -6.98
N THR A 31 -9.94 2.63 -7.31
CA THR A 31 -9.91 2.11 -8.66
C THR A 31 -11.17 2.53 -9.41
N THR A 32 -11.88 3.46 -8.81
CA THR A 32 -13.14 3.94 -9.34
C THR A 32 -12.92 5.22 -10.14
N ASN A 33 -12.03 6.08 -9.66
CA ASN A 33 -11.55 7.20 -10.47
C ASN A 33 -10.05 7.06 -10.71
N LYS A 34 -9.55 5.92 -10.26
CA LYS A 34 -8.18 5.47 -10.54
C LYS A 34 -7.11 6.36 -9.91
N SER A 35 -7.08 6.36 -8.59
CA SER A 35 -6.07 7.09 -7.82
C SER A 35 -5.85 6.37 -6.49
N ILE A 36 -4.63 6.46 -5.98
CA ILE A 36 -4.33 5.88 -4.67
C ILE A 36 -4.75 6.85 -3.59
N ASN A 37 -5.39 6.37 -2.54
CA ASN A 37 -5.75 7.22 -1.42
C ASN A 37 -5.26 6.61 -0.12
N VAL A 38 -4.21 7.20 0.42
CA VAL A 38 -3.66 6.74 1.69
C VAL A 38 -3.88 7.82 2.74
N TYR A 39 -4.64 7.50 3.76
CA TYR A 39 -5.00 8.48 4.77
C TYR A 39 -5.07 7.88 6.16
N SER A 40 -4.93 8.75 7.14
CA SER A 40 -5.05 8.39 8.53
C SER A 40 -5.62 9.59 9.28
N LYS A 41 -5.59 9.52 10.60
CA LYS A 41 -6.03 10.63 11.44
C LYS A 41 -5.39 11.95 10.99
N CYS A 42 -4.13 11.87 10.58
CA CYS A 42 -3.34 13.06 10.30
C CYS A 42 -2.80 13.14 8.87
N ILE A 43 -2.60 12.00 8.21
CA ILE A 43 -2.04 11.99 6.85
C ILE A 43 -3.16 11.76 5.84
N SER A 44 -2.97 12.23 4.63
CA SER A 44 -3.96 12.07 3.57
C SER A 44 -3.31 12.39 2.23
N GLY A 45 -3.09 11.37 1.42
CA GLY A 45 -2.42 11.59 0.17
C GLY A 45 -2.98 10.76 -0.95
N LYS A 46 -3.02 11.36 -2.12
CA LYS A 46 -3.45 10.70 -3.33
C LYS A 46 -2.24 10.27 -4.13
N ALA A 47 -2.46 9.41 -5.11
CA ALA A 47 -1.38 8.97 -5.99
C ALA A 47 -1.91 8.47 -7.30
N VAL A 48 -1.12 8.58 -8.35
CA VAL A 48 -1.43 7.94 -9.60
C VAL A 48 -0.58 6.70 -9.74
N TYR A 49 -1.20 5.58 -9.99
CA TYR A 49 -0.49 4.31 -9.94
C TYR A 49 -0.08 3.83 -11.32
N SER A 50 1.01 3.09 -11.36
CA SER A 50 1.53 2.53 -12.59
C SER A 50 2.09 1.14 -12.32
N PHE A 51 2.25 0.35 -13.36
CA PHE A 51 2.75 -1.01 -13.20
C PHE A 51 3.97 -1.27 -14.07
N ASN A 52 4.99 -1.87 -13.48
CA ASN A 52 6.18 -2.27 -14.21
C ASN A 52 6.41 -3.76 -14.03
N ALA A 53 6.18 -4.53 -15.09
CA ALA A 53 6.24 -6.00 -15.05
C ALA A 53 5.16 -6.57 -14.13
N GLY A 54 5.43 -6.50 -12.83
CA GLY A 54 4.46 -6.86 -11.83
C GLY A 54 4.56 -5.94 -10.64
N LYS A 55 5.34 -4.88 -10.79
CA LYS A 55 5.57 -3.94 -9.72
C LYS A 55 4.54 -2.82 -9.75
N PHE A 56 3.90 -2.61 -8.62
CA PHE A 56 2.87 -1.59 -8.49
C PHE A 56 3.46 -0.31 -7.91
N MET A 57 3.18 0.80 -8.57
CA MET A 57 3.72 2.08 -8.15
C MET A 57 2.62 3.10 -7.92
N GLY A 58 3.00 4.25 -7.40
CA GLY A 58 2.05 5.31 -7.18
C GLY A 58 2.73 6.58 -6.71
N ASN A 59 2.79 7.58 -7.57
CA ASN A 59 3.42 8.85 -7.20
C ASN A 59 2.46 9.66 -6.33
N PHE A 60 2.87 9.93 -5.10
CA PHE A 60 1.95 10.45 -4.09
C PHE A 60 1.96 11.96 -3.98
N ASN A 61 0.81 12.45 -3.54
CA ASN A 61 0.61 13.82 -3.15
C ASN A 61 -0.03 13.82 -1.76
N VAL A 62 0.79 13.67 -0.74
CA VAL A 62 0.30 13.45 0.61
C VAL A 62 0.38 14.72 1.45
N LYS A 63 -0.64 14.93 2.26
CA LYS A 63 -0.66 15.98 3.25
C LYS A 63 -0.35 15.37 4.60
N GLU A 64 0.74 15.79 5.23
CA GLU A 64 1.29 15.08 6.37
C GLU A 64 1.66 16.03 7.49
N VAL A 65 1.52 15.54 8.71
CA VAL A 65 1.80 16.29 9.92
C VAL A 65 3.00 15.68 10.63
N ASP A 66 3.62 16.42 11.52
CA ASP A 66 4.66 15.85 12.35
C ASP A 66 4.14 15.74 13.78
N GLY A 67 4.66 14.81 14.55
CA GLY A 67 4.19 14.64 15.91
C GLY A 67 3.06 13.62 16.00
N CYS A 68 2.36 13.42 14.89
CA CYS A 68 1.26 12.46 14.87
C CYS A 68 1.81 11.11 14.43
N PHE A 69 2.74 11.16 13.49
CA PHE A 69 3.51 9.98 13.09
C PHE A 69 4.86 10.08 13.79
N MET A 70 4.81 10.58 15.04
CA MET A 70 6.01 10.93 15.80
C MET A 70 7.04 11.59 14.90
N ASP A 71 8.18 10.93 14.75
CA ASP A 71 9.20 11.36 13.80
C ASP A 71 9.71 10.17 13.02
N ALA A 72 9.88 9.06 13.70
CA ALA A 72 10.45 7.88 13.09
C ALA A 72 9.37 7.11 12.35
N GLN A 73 8.13 7.28 12.79
CA GLN A 73 7.00 6.70 12.11
C GLN A 73 6.82 7.39 10.78
N LYS A 74 7.02 8.71 10.81
CA LYS A 74 7.07 9.51 9.60
C LYS A 74 8.15 8.98 8.65
N ILE A 75 9.33 8.72 9.19
CA ILE A 75 10.39 8.05 8.45
C ILE A 75 9.89 6.76 7.84
N ALA A 76 9.21 5.94 8.65
CA ALA A 76 8.60 4.71 8.19
C ALA A 76 7.68 4.95 6.99
N ILE A 77 6.97 6.06 7.05
CA ILE A 77 6.00 6.42 6.05
C ILE A 77 6.69 6.87 4.77
N ASP A 78 7.77 7.61 4.95
CA ASP A 78 8.60 8.01 3.83
C ASP A 78 9.15 6.78 3.15
N LYS A 79 9.62 5.87 3.98
CA LYS A 79 10.09 4.57 3.53
C LYS A 79 9.02 3.84 2.73
N LEU A 80 7.81 3.77 3.29
CA LEU A 80 6.70 3.09 2.67
C LEU A 80 6.29 3.75 1.35
N PHE A 81 6.16 5.07 1.36
CA PHE A 81 5.68 5.79 0.19
C PHE A 81 6.69 5.77 -0.96
N SER A 82 7.97 5.77 -0.64
CA SER A 82 9.01 5.68 -1.66
C SER A 82 9.01 4.28 -2.28
N MET A 83 8.59 3.29 -1.49
CA MET A 83 8.57 1.89 -1.94
C MET A 83 7.69 1.69 -3.16
N LEU A 84 6.44 2.12 -3.06
CA LEU A 84 5.48 1.90 -4.13
C LEU A 84 6.03 2.52 -5.40
N LYS A 85 6.57 3.71 -5.22
CA LYS A 85 7.07 4.51 -6.31
C LYS A 85 8.29 3.88 -6.96
N ASP A 86 8.99 3.03 -6.22
CA ASP A 86 10.12 2.29 -6.78
C ASP A 86 9.61 1.03 -7.44
N GLY A 87 8.42 0.67 -7.04
CA GLY A 87 7.75 -0.49 -7.59
C GLY A 87 7.56 -1.57 -6.55
N VAL A 88 6.44 -1.54 -5.87
CA VAL A 88 6.14 -2.52 -4.85
C VAL A 88 5.16 -3.54 -5.41
N VAL A 89 5.46 -4.80 -5.23
CA VAL A 89 4.60 -5.83 -5.75
C VAL A 89 3.78 -6.46 -4.64
N LEU A 90 2.48 -6.49 -4.85
CA LEU A 90 1.55 -7.11 -3.93
C LEU A 90 1.61 -8.62 -4.14
N LYS A 91 1.89 -9.37 -3.06
CA LYS A 91 2.23 -10.80 -3.10
C LYS A 91 3.10 -11.13 -1.91
N GLY A 92 2.90 -12.30 -1.33
CA GLY A 92 3.72 -12.71 -0.21
C GLY A 92 4.13 -14.16 -0.32
N ASN A 93 4.23 -14.83 0.82
CA ASN A 93 4.61 -16.24 0.84
C ASN A 93 3.37 -17.12 0.74
N LYS A 94 2.79 -17.47 1.87
CA LYS A 94 1.58 -18.28 1.87
C LYS A 94 0.40 -17.44 2.34
N ILE A 95 -0.24 -16.78 1.39
CA ILE A 95 -1.42 -15.96 1.66
C ILE A 95 -2.39 -16.10 0.49
N ASN A 96 -3.62 -15.63 0.66
CA ASN A 96 -4.59 -15.58 -0.44
C ASN A 96 -5.79 -14.74 -0.03
N ASP A 97 -5.55 -13.84 0.91
CA ASP A 97 -6.61 -13.02 1.47
C ASP A 97 -6.07 -11.63 1.73
N THR A 98 -4.95 -11.60 2.44
CA THR A 98 -4.27 -10.37 2.77
C THR A 98 -3.34 -9.92 1.64
N ILE A 99 -3.26 -8.62 1.41
CA ILE A 99 -2.40 -8.06 0.39
C ILE A 99 -1.03 -7.76 1.01
N LEU A 100 0.04 -8.18 0.36
CA LEU A 100 1.36 -8.00 0.96
C LEU A 100 2.25 -7.16 0.05
N ILE A 101 3.01 -6.26 0.66
CA ILE A 101 3.77 -5.24 -0.06
C ILE A 101 5.27 -5.55 -0.04
N GLU A 102 5.86 -5.76 -1.21
CA GLU A 102 7.25 -6.16 -1.31
C GLU A 102 7.99 -5.36 -2.38
N LYS A 103 9.20 -4.93 -2.04
CA LYS A 103 10.11 -4.27 -2.99
C LYS A 103 11.52 -4.38 -2.44
N ASP A 104 12.51 -4.37 -3.33
CA ASP A 104 13.92 -4.65 -3.00
C ASP A 104 14.17 -6.14 -2.97
N GLY A 105 13.12 -6.91 -3.21
CA GLY A 105 13.24 -8.35 -3.21
C GLY A 105 12.73 -8.99 -1.93
N GLU A 106 12.11 -8.18 -1.07
CA GLU A 106 11.54 -8.67 0.17
C GLU A 106 10.31 -7.87 0.53
N VAL A 107 9.41 -8.51 1.24
CA VAL A 107 8.21 -7.86 1.73
C VAL A 107 8.54 -7.09 3.00
N LYS A 108 8.09 -5.86 3.06
CA LYS A 108 8.35 -5.01 4.21
C LYS A 108 7.09 -4.28 4.64
N LEU A 109 6.01 -4.48 3.91
CA LEU A 109 4.75 -3.84 4.21
C LEU A 109 3.60 -4.78 3.81
N LYS A 110 2.40 -4.51 4.31
CA LYS A 110 1.22 -5.26 3.90
C LYS A 110 0.00 -4.36 3.90
N LEU A 111 -1.03 -4.79 3.19
CA LEU A 111 -2.37 -4.24 3.36
C LEU A 111 -3.18 -5.27 4.11
N ILE A 112 -3.76 -4.86 5.22
CA ILE A 112 -4.39 -5.75 6.20
C ILE A 112 -3.32 -6.48 7.01
N ARG A 113 -3.69 -6.91 8.21
CA ARG A 113 -2.76 -7.61 9.06
C ARG A 113 -3.10 -9.09 9.15
N GLY A 114 -2.11 -9.88 9.50
CA GLY A 114 -2.25 -11.33 9.54
C GLY A 114 -1.96 -12.00 8.22
N ILE A 115 -1.06 -12.94 8.27
CA ILE A 115 -0.75 -13.82 7.16
C ILE A 115 -1.02 -15.26 7.57
C ACE B 1 -6.40 -14.02 -8.61
O ACE B 1 -7.01 -14.17 -9.68
CH3 ACE B 1 -7.02 -13.26 -7.47
H1 ACE B 1 -7.53 -13.95 -6.81
H2 ACE B 1 -7.75 -12.56 -7.86
H3 ACE B 1 -6.26 -12.73 -6.93
N SER B 2 -5.19 -14.53 -8.37
CA SER B 2 -4.46 -15.29 -9.37
C SER B 2 -3.20 -15.88 -8.74
N GLU B 3 -2.64 -15.14 -7.80
CA GLU B 3 -1.43 -15.53 -7.09
C GLU B 3 -1.70 -15.53 -5.59
N THR B 4 -0.65 -15.75 -4.79
CA THR B 4 -0.73 -15.69 -3.34
C THR B 4 -1.45 -14.40 -2.90
N THR B 5 -1.19 -13.34 -3.62
CA THR B 5 -1.96 -12.12 -3.47
C THR B 5 -2.21 -11.55 -4.86
N LEU B 6 -1.11 -11.43 -5.59
CA LEU B 6 -1.10 -10.90 -6.94
C LEU B 6 -1.31 -9.40 -6.90
N LEU B 7 -1.85 -8.87 -8.01
CA LEU B 7 -2.05 -7.43 -8.21
C LEU B 7 -0.82 -6.83 -8.85
N GLU B 8 -0.48 -7.41 -9.98
CA GLU B 8 0.66 -6.96 -10.79
C GLU B 8 0.15 -6.20 -12.01
N ASP B 9 -1.15 -6.24 -12.16
CA ASP B 9 -1.85 -5.50 -13.20
C ASP B 9 -3.04 -4.84 -12.56
N GLU B 10 -3.56 -3.79 -13.15
CA GLU B 10 -4.74 -3.16 -12.59
C GLU B 10 -5.92 -4.13 -12.67
N LYS B 11 -6.06 -4.77 -13.82
CA LYS B 11 -7.11 -5.75 -14.06
C LYS B 11 -7.20 -6.77 -12.93
N SER B 12 -6.06 -7.29 -12.53
CA SER B 12 -6.00 -8.32 -11.51
C SER B 12 -6.00 -7.70 -10.11
N LEU B 13 -5.67 -6.43 -10.05
CA LEU B 13 -5.54 -5.71 -8.81
C LEU B 13 -6.94 -5.37 -8.34
N VAL B 14 -7.71 -4.81 -9.25
CA VAL B 14 -9.06 -4.40 -8.94
C VAL B 14 -9.97 -5.60 -8.84
N SER B 15 -9.71 -6.63 -9.65
CA SER B 15 -10.44 -7.89 -9.56
C SER B 15 -10.28 -8.51 -8.18
N TYR B 16 -9.26 -8.04 -7.49
CA TYR B 16 -8.94 -8.48 -6.15
C TYR B 16 -9.50 -7.50 -5.13
N LEU B 17 -9.58 -6.24 -5.54
CA LEU B 17 -10.10 -5.17 -4.69
C LEU B 17 -11.62 -5.03 -4.73
N ASN B 18 -12.21 -5.17 -5.91
CA ASN B 18 -13.65 -4.95 -6.06
C ASN B 18 -14.43 -6.20 -5.69
N TYR B 19 -13.74 -7.15 -5.07
CA TYR B 19 -14.37 -8.37 -4.58
C TYR B 19 -15.52 -8.04 -3.64
N SER A 1 -16.00 -3.13 -13.63
CA SER A 1 -15.27 -2.11 -14.40
C SER A 1 -14.40 -1.26 -13.48
N SER A 2 -13.48 -1.94 -12.77
CA SER A 2 -12.50 -1.35 -11.85
C SER A 2 -13.14 -0.59 -10.66
N SER A 3 -14.02 0.34 -10.97
CA SER A 3 -14.65 1.20 -9.96
C SER A 3 -15.41 0.41 -8.90
N ASN A 4 -14.72 0.18 -7.78
CA ASN A 4 -15.32 -0.38 -6.57
C ASN A 4 -14.26 -0.44 -5.48
N SER A 5 -13.89 0.73 -4.99
CA SER A 5 -12.88 0.83 -3.95
C SER A 5 -13.54 0.92 -2.58
N GLU A 6 -13.14 1.93 -1.80
CA GLU A 6 -13.55 2.10 -0.44
C GLU A 6 -13.21 0.87 0.39
N LYS A 7 -12.20 0.16 -0.08
CA LYS A 7 -11.62 -0.94 0.64
C LYS A 7 -10.57 -0.41 1.62
N GLU A 8 -10.92 -0.34 2.89
CA GLU A 8 -10.02 0.20 3.89
C GLU A 8 -9.02 -0.86 4.33
N TRP A 9 -7.83 -0.80 3.77
CA TRP A 9 -6.77 -1.71 4.17
C TRP A 9 -5.94 -1.10 5.31
N HIS A 10 -5.57 -1.91 6.27
CA HIS A 10 -4.70 -1.45 7.37
C HIS A 10 -3.26 -1.84 7.09
N ILE A 11 -2.40 -0.86 6.85
CA ILE A 11 -1.02 -1.14 6.45
C ILE A 11 -0.21 -1.74 7.60
N VAL A 12 0.49 -2.81 7.30
CA VAL A 12 1.29 -3.54 8.26
C VAL A 12 2.78 -3.43 7.92
N PRO A 13 3.63 -3.13 8.90
CA PRO A 13 5.07 -3.15 8.72
C PRO A 13 5.65 -4.54 8.98
N VAL A 14 6.11 -5.19 7.91
CA VAL A 14 6.70 -6.52 8.02
C VAL A 14 8.12 -6.45 8.56
N SER A 15 8.89 -5.52 8.01
CA SER A 15 10.31 -5.44 8.28
C SER A 15 10.61 -4.63 9.54
N LYS A 16 11.88 -4.62 9.93
CA LYS A 16 12.32 -3.94 11.13
C LYS A 16 12.34 -2.43 10.93
N ASP A 17 12.74 -2.02 9.73
CA ASP A 17 12.92 -0.61 9.41
C ASP A 17 11.57 0.11 9.36
N TYR A 18 10.50 -0.66 9.23
CA TYR A 18 9.16 -0.08 9.13
C TYR A 18 8.37 -0.29 10.42
N PHE A 19 8.96 -0.92 11.41
CA PHE A 19 8.25 -1.13 12.69
C PHE A 19 7.85 0.19 13.33
N SER A 20 8.42 1.28 12.83
CA SER A 20 8.15 2.59 13.37
C SER A 20 6.91 3.23 12.74
N ILE A 21 6.31 2.57 11.74
CA ILE A 21 5.14 3.14 11.06
C ILE A 21 4.04 3.50 12.08
N PRO A 22 3.40 4.67 11.88
CA PRO A 22 2.46 5.31 12.83
C PRO A 22 1.36 4.44 13.43
N ASN A 23 0.55 5.10 14.26
CA ASN A 23 -0.61 4.53 14.92
C ASN A 23 -1.36 3.54 14.04
N ASP A 24 -1.76 3.98 12.86
CA ASP A 24 -2.62 3.19 11.97
C ASP A 24 -2.93 3.95 10.70
N LEU A 25 -2.35 3.51 9.60
CA LEU A 25 -2.58 4.13 8.30
C LEU A 25 -3.58 3.31 7.50
N LEU A 26 -4.50 4.00 6.85
CA LEU A 26 -5.51 3.35 6.02
C LEU A 26 -5.15 3.52 4.55
N TRP A 27 -4.95 2.40 3.90
CA TRP A 27 -4.66 2.38 2.48
C TRP A 27 -5.90 1.93 1.72
N SER A 28 -6.29 2.68 0.72
CA SER A 28 -7.34 2.24 -0.17
C SER A 28 -6.94 2.53 -1.61
N PHE A 29 -6.77 1.48 -2.41
CA PHE A 29 -6.55 1.70 -3.82
C PHE A 29 -7.88 2.13 -4.40
N ASN A 30 -7.95 3.32 -4.94
CA ASN A 30 -9.19 3.78 -5.52
C ASN A 30 -9.18 3.43 -6.98
N THR A 31 -9.76 2.31 -7.31
CA THR A 31 -9.75 1.80 -8.67
C THR A 31 -10.89 2.39 -9.48
N THR A 32 -11.67 3.24 -8.82
CA THR A 32 -12.78 3.91 -9.45
C THR A 32 -12.29 5.08 -10.29
N ASN A 33 -11.28 5.78 -9.78
CA ASN A 33 -10.64 6.87 -10.51
C ASN A 33 -9.17 6.56 -10.71
N LYS A 34 -8.81 5.34 -10.32
CA LYS A 34 -7.45 4.83 -10.30
C LYS A 34 -6.48 5.79 -9.60
N SER A 35 -6.69 5.94 -8.31
CA SER A 35 -5.85 6.76 -7.45
C SER A 35 -5.47 5.96 -6.21
N ILE A 36 -4.44 6.38 -5.51
CA ILE A 36 -4.03 5.70 -4.29
C ILE A 36 -4.20 6.64 -3.10
N ASN A 37 -5.24 6.43 -2.33
CA ASN A 37 -5.48 7.24 -1.16
C ASN A 37 -5.01 6.52 0.09
N VAL A 38 -3.90 7.00 0.63
CA VAL A 38 -3.38 6.49 1.88
C VAL A 38 -3.59 7.53 2.96
N TYR A 39 -4.47 7.26 3.89
CA TYR A 39 -4.87 8.26 4.85
C TYR A 39 -4.98 7.69 6.25
N SER A 40 -4.98 8.57 7.22
CA SER A 40 -5.16 8.20 8.62
C SER A 40 -5.78 9.37 9.35
N LYS A 41 -5.83 9.27 10.67
CA LYS A 41 -6.28 10.38 11.51
C LYS A 41 -5.59 11.68 11.10
N CYS A 42 -4.32 11.56 10.71
CA CYS A 42 -3.50 12.73 10.41
C CYS A 42 -3.18 12.85 8.92
N ILE A 43 -2.52 11.86 8.34
CA ILE A 43 -2.06 11.94 6.95
C ILE A 43 -3.22 11.65 5.99
N SER A 44 -3.13 12.20 4.80
CA SER A 44 -4.15 12.00 3.78
C SER A 44 -3.50 12.07 2.42
N GLY A 45 -3.29 10.92 1.80
CA GLY A 45 -2.55 10.87 0.57
C GLY A 45 -3.38 10.59 -0.64
N LYS A 46 -3.00 11.22 -1.73
CA LYS A 46 -3.55 10.93 -3.03
C LYS A 46 -2.39 10.53 -3.93
N ALA A 47 -2.66 9.72 -4.92
CA ALA A 47 -1.62 9.24 -5.82
C ALA A 47 -2.24 8.61 -7.05
N VAL A 48 -1.47 8.46 -8.10
CA VAL A 48 -1.91 7.70 -9.25
C VAL A 48 -0.96 6.54 -9.45
N TYR A 49 -1.50 5.37 -9.73
CA TYR A 49 -0.68 4.18 -9.79
C TYR A 49 -0.40 3.74 -11.20
N SER A 50 0.77 3.15 -11.37
CA SER A 50 1.20 2.60 -12.64
C SER A 50 1.98 1.32 -12.37
N PHE A 51 2.21 0.53 -13.40
CA PHE A 51 2.82 -0.77 -13.22
C PHE A 51 4.04 -0.94 -14.11
N ASN A 52 5.05 -1.62 -13.59
CA ASN A 52 6.24 -1.94 -14.37
C ASN A 52 6.81 -3.27 -13.92
N ALA A 53 6.71 -4.28 -14.79
CA ALA A 53 7.25 -5.61 -14.51
C ALA A 53 6.59 -6.24 -13.28
N GLY A 54 5.29 -6.02 -13.13
CA GLY A 54 4.56 -6.57 -12.00
C GLY A 54 4.70 -5.73 -10.75
N LYS A 55 5.47 -4.65 -10.84
CA LYS A 55 5.65 -3.76 -9.73
C LYS A 55 4.57 -2.68 -9.72
N PHE A 56 3.91 -2.55 -8.59
CA PHE A 56 2.85 -1.56 -8.42
C PHE A 56 3.42 -0.29 -7.82
N MET A 57 3.18 0.83 -8.49
CA MET A 57 3.79 2.09 -8.10
C MET A 57 2.74 3.17 -7.82
N GLY A 58 3.20 4.29 -7.31
CA GLY A 58 2.31 5.38 -6.98
C GLY A 58 3.06 6.65 -6.69
N ASN A 59 2.83 7.68 -7.51
CA ASN A 59 3.40 8.99 -7.24
C ASN A 59 2.41 9.78 -6.40
N PHE A 60 2.83 10.21 -5.22
CA PHE A 60 1.90 10.70 -4.22
C PHE A 60 1.84 12.22 -4.13
N ASN A 61 0.72 12.67 -3.59
CA ASN A 61 0.53 14.03 -3.15
C ASN A 61 -0.19 13.98 -1.82
N VAL A 62 0.59 14.01 -0.75
CA VAL A 62 0.06 13.70 0.57
C VAL A 62 -0.10 14.94 1.44
N LYS A 63 -1.17 14.93 2.20
CA LYS A 63 -1.43 15.94 3.21
C LYS A 63 -0.96 15.40 4.55
N GLU A 64 -0.04 16.08 5.20
CA GLU A 64 0.64 15.49 6.34
C GLU A 64 0.88 16.48 7.47
N VAL A 65 0.83 15.92 8.66
CA VAL A 65 1.13 16.62 9.90
C VAL A 65 2.47 16.10 10.42
N ASP A 66 3.09 16.83 11.31
CA ASP A 66 4.29 16.34 11.96
C ASP A 66 4.03 16.18 13.45
N GLY A 67 4.71 15.23 14.07
CA GLY A 67 4.43 14.90 15.45
C GLY A 67 3.53 13.70 15.57
N CYS A 68 2.60 13.58 14.62
CA CYS A 68 1.65 12.48 14.61
C CYS A 68 2.36 11.23 14.13
N PHE A 69 3.25 11.45 13.20
CA PHE A 69 4.11 10.39 12.69
C PHE A 69 5.47 10.52 13.37
N MET A 70 5.47 11.10 14.57
CA MET A 70 6.68 11.36 15.33
C MET A 70 7.81 11.83 14.41
N ASP A 71 8.92 11.10 14.41
CA ASP A 71 9.96 11.32 13.44
C ASP A 71 10.18 10.05 12.65
N ALA A 72 10.28 8.94 13.38
CA ALA A 72 10.65 7.69 12.77
C ALA A 72 9.46 7.07 12.05
N GLN A 73 8.28 7.43 12.51
CA GLN A 73 7.05 6.97 11.89
C GLN A 73 6.91 7.64 10.54
N LYS A 74 7.28 8.91 10.52
CA LYS A 74 7.33 9.69 9.30
C LYS A 74 8.33 9.06 8.32
N ILE A 75 9.54 8.86 8.81
CA ILE A 75 10.55 8.10 8.09
C ILE A 75 9.99 6.77 7.58
N ALA A 76 9.31 6.05 8.47
CA ALA A 76 8.64 4.79 8.12
C ALA A 76 7.71 4.99 6.93
N ILE A 77 7.05 6.13 6.91
CA ILE A 77 6.08 6.47 5.90
C ILE A 77 6.76 6.90 4.61
N ASP A 78 7.87 7.62 4.75
CA ASP A 78 8.69 7.97 3.61
C ASP A 78 9.21 6.71 2.95
N LYS A 79 9.69 5.82 3.81
CA LYS A 79 10.10 4.48 3.41
C LYS A 79 8.96 3.78 2.67
N LEU A 80 7.78 3.80 3.27
CA LEU A 80 6.60 3.15 2.71
C LEU A 80 6.23 3.76 1.36
N PHE A 81 6.19 5.08 1.30
CA PHE A 81 5.77 5.77 0.10
C PHE A 81 6.80 5.68 -1.03
N SER A 82 8.07 5.74 -0.71
CA SER A 82 9.11 5.58 -1.72
C SER A 82 9.13 4.16 -2.27
N MET A 83 8.71 3.21 -1.44
CA MET A 83 8.60 1.81 -1.84
C MET A 83 7.70 1.64 -3.05
N LEU A 84 6.49 2.20 -2.98
CA LEU A 84 5.53 2.05 -4.07
C LEU A 84 6.15 2.62 -5.32
N LYS A 85 6.79 3.76 -5.16
CA LYS A 85 7.38 4.49 -6.27
C LYS A 85 8.52 3.71 -6.91
N ASP A 86 9.21 2.90 -6.12
CA ASP A 86 10.30 2.08 -6.62
C ASP A 86 9.72 0.84 -7.26
N GLY A 87 8.50 0.57 -6.88
CA GLY A 87 7.76 -0.54 -7.41
C GLY A 87 7.56 -1.61 -6.37
N VAL A 88 6.45 -1.50 -5.64
CA VAL A 88 6.12 -2.49 -4.64
C VAL A 88 5.16 -3.49 -5.26
N VAL A 89 5.43 -4.77 -5.08
CA VAL A 89 4.56 -5.78 -5.65
C VAL A 89 3.72 -6.44 -4.56
N LEU A 90 2.42 -6.43 -4.80
CA LEU A 90 1.46 -7.06 -3.91
C LEU A 90 1.50 -8.57 -4.14
N LYS A 91 1.78 -9.33 -3.07
CA LYS A 91 2.03 -10.78 -3.15
C LYS A 91 2.84 -11.22 -1.94
N GLY A 92 2.88 -12.53 -1.71
CA GLY A 92 3.70 -13.07 -0.65
C GLY A 92 3.85 -14.57 -0.81
N ASN A 93 4.18 -15.26 0.27
CA ASN A 93 4.27 -16.72 0.24
C ASN A 93 2.87 -17.32 0.25
N LYS A 94 1.98 -16.70 1.01
CA LYS A 94 0.59 -17.12 1.08
C LYS A 94 -0.21 -16.03 1.77
N ILE A 95 -1.51 -15.96 1.50
CA ILE A 95 -2.38 -14.99 2.13
C ILE A 95 -3.75 -15.59 2.39
N ASN A 96 -4.47 -15.00 3.33
CA ASN A 96 -5.88 -15.33 3.53
C ASN A 96 -6.71 -14.12 3.17
N ASP A 97 -7.08 -14.01 1.89
CA ASP A 97 -7.69 -12.81 1.30
C ASP A 97 -7.02 -11.54 1.84
N THR A 98 -5.69 -11.52 1.75
CA THR A 98 -4.91 -10.41 2.25
C THR A 98 -3.89 -9.94 1.20
N ILE A 99 -3.51 -8.68 1.27
CA ILE A 99 -2.56 -8.10 0.32
C ILE A 99 -1.24 -7.83 1.02
N LEU A 100 -0.13 -8.14 0.36
CA LEU A 100 1.18 -7.96 0.98
C LEU A 100 2.06 -7.07 0.13
N ILE A 101 2.86 -6.25 0.78
CA ILE A 101 3.68 -5.23 0.09
C ILE A 101 5.17 -5.57 0.15
N GLU A 102 5.78 -5.79 -1.01
CA GLU A 102 7.15 -6.22 -1.10
C GLU A 102 7.90 -5.44 -2.19
N LYS A 103 9.16 -5.13 -1.90
CA LYS A 103 10.08 -4.55 -2.89
C LYS A 103 11.51 -4.71 -2.36
N ASP A 104 12.47 -4.81 -3.28
CA ASP A 104 13.86 -5.17 -2.97
C ASP A 104 14.00 -6.69 -2.85
N GLY A 105 12.99 -7.40 -3.33
CA GLY A 105 13.00 -8.84 -3.21
C GLY A 105 12.65 -9.32 -1.82
N GLU A 106 11.85 -8.54 -1.10
CA GLU A 106 11.36 -8.94 0.21
C GLU A 106 10.15 -8.12 0.61
N VAL A 107 9.29 -8.72 1.39
CA VAL A 107 8.10 -8.05 1.90
C VAL A 107 8.45 -7.30 3.16
N LYS A 108 7.97 -6.08 3.26
CA LYS A 108 8.26 -5.24 4.40
C LYS A 108 7.03 -4.44 4.81
N LEU A 109 5.95 -4.64 4.08
CA LEU A 109 4.69 -3.99 4.39
C LEU A 109 3.55 -4.93 3.98
N LYS A 110 2.36 -4.70 4.51
CA LYS A 110 1.19 -5.47 4.11
C LYS A 110 -0.06 -4.61 4.13
N LEU A 111 -1.10 -5.05 3.45
CA LEU A 111 -2.42 -4.52 3.62
C LEU A 111 -3.24 -5.52 4.42
N ILE A 112 -3.68 -5.08 5.60
CA ILE A 112 -4.41 -5.90 6.58
C ILE A 112 -3.44 -6.68 7.47
N ARG A 113 -3.79 -6.76 8.74
CA ARG A 113 -2.95 -7.42 9.74
C ARG A 113 -3.17 -8.93 9.74
N GLY A 114 -2.65 -9.58 8.73
CA GLY A 114 -2.67 -11.03 8.70
C GLY A 114 -2.05 -11.61 7.46
N ILE A 115 -1.50 -12.80 7.59
CA ILE A 115 -1.04 -13.58 6.47
C ILE A 115 -1.75 -14.92 6.47
C ACE B 1 -6.74 -15.46 -9.38
O ACE B 1 -7.17 -15.74 -10.50
CH3 ACE B 1 -7.69 -15.20 -8.23
H1 ACE B 1 -7.15 -14.79 -7.40
H2 ACE B 1 -8.17 -16.13 -7.94
H3 ACE B 1 -8.45 -14.50 -8.55
N SER B 2 -5.46 -15.36 -9.10
CA SER B 2 -4.42 -15.59 -10.10
C SER B 2 -3.10 -15.95 -9.42
N GLU B 3 -2.85 -15.33 -8.29
CA GLU B 3 -1.67 -15.59 -7.49
C GLU B 3 -2.07 -15.52 -6.01
N THR B 4 -1.12 -15.71 -5.08
CA THR B 4 -1.38 -15.59 -3.65
C THR B 4 -2.17 -14.33 -3.39
N THR B 5 -1.59 -13.21 -3.72
CA THR B 5 -2.25 -11.93 -3.65
C THR B 5 -2.41 -11.38 -5.04
N LEU B 6 -1.28 -11.38 -5.74
CA LEU B 6 -1.19 -10.85 -7.09
C LEU B 6 -1.37 -9.35 -7.06
N LEU B 7 -1.85 -8.81 -8.19
CA LEU B 7 -2.04 -7.37 -8.40
C LEU B 7 -0.79 -6.75 -9.00
N GLU B 8 -0.45 -7.26 -10.18
CA GLU B 8 0.72 -6.79 -10.93
C GLU B 8 0.27 -5.94 -12.10
N ASP B 9 -1.01 -5.99 -12.36
CA ASP B 9 -1.65 -5.16 -13.37
C ASP B 9 -3.01 -4.74 -12.84
N GLU B 10 -3.53 -3.63 -13.33
CA GLU B 10 -4.81 -3.12 -12.84
C GLU B 10 -5.89 -4.18 -12.99
N LYS B 11 -5.92 -4.78 -14.17
CA LYS B 11 -6.87 -5.84 -14.52
C LYS B 11 -7.03 -6.86 -13.41
N SER B 12 -5.91 -7.33 -12.88
CA SER B 12 -5.92 -8.37 -11.86
C SER B 12 -5.97 -7.76 -10.47
N LEU B 13 -5.63 -6.50 -10.39
CA LEU B 13 -5.54 -5.78 -9.13
C LEU B 13 -6.93 -5.46 -8.67
N VAL B 14 -7.70 -4.92 -9.60
CA VAL B 14 -9.06 -4.53 -9.31
C VAL B 14 -9.95 -5.73 -9.27
N SER B 15 -9.65 -6.74 -10.08
CA SER B 15 -10.38 -8.01 -10.01
C SER B 15 -10.27 -8.62 -8.62
N TYR B 16 -9.25 -8.20 -7.91
CA TYR B 16 -8.99 -8.67 -6.58
C TYR B 16 -9.57 -7.71 -5.55
N LEU B 17 -9.64 -6.43 -5.92
CA LEU B 17 -10.17 -5.38 -5.07
C LEU B 17 -11.69 -5.23 -5.18
N ASN B 18 -12.22 -5.35 -6.38
CA ASN B 18 -13.65 -5.12 -6.61
C ASN B 18 -14.47 -6.36 -6.28
N TYR B 19 -13.83 -7.30 -5.60
CA TYR B 19 -14.42 -8.57 -5.24
C TYR B 19 -15.75 -8.39 -4.49
#